data_7SPL
# 
_entry.id   7SPL 
# 
_audit_conform.dict_name       mmcif_pdbx.dic 
_audit_conform.dict_version    5.380 
_audit_conform.dict_location   http://mmcif.pdb.org/dictionaries/ascii/mmcif_pdbx.dic 
# 
loop_
_database_2.database_id 
_database_2.database_code 
_database_2.pdbx_database_accession 
_database_2.pdbx_DOI 
PDB   7SPL         pdb_00007spl 10.2210/pdb7spl/pdb 
WWPDB D_1000260851 ?            ?                   
# 
_pdbx_database_related.db_name        PDB 
_pdbx_database_related.details        'Similar ASU, opposite chirality of tertiary structure' 
_pdbx_database_related.db_id          3GBI 
_pdbx_database_related.content_type   unspecified 
# 
_pdbx_database_status.status_code                     REL 
_pdbx_database_status.status_code_sf                  REL 
_pdbx_database_status.status_code_mr                  ? 
_pdbx_database_status.entry_id                        7SPL 
_pdbx_database_status.recvd_initial_deposition_date   2021-11-02 
_pdbx_database_status.SG_entry                        N 
_pdbx_database_status.deposit_site                    RCSB 
_pdbx_database_status.process_site                    RCSB 
_pdbx_database_status.status_code_cs                  ? 
_pdbx_database_status.status_code_nmr_data            ? 
_pdbx_database_status.methods_development_category    ? 
_pdbx_database_status.pdb_format_compatible           Y 
# 
loop_
_audit_author.name 
_audit_author.pdbx_ordinal 
_audit_author.identifier_ORCID 
'Vecchioni, S.' 1 0000-0001-8243-650X 
'Lu, B.'        2 0000-0001-6424-2197 
'Sha, R.'       3 0000-0002-0807-734X 
'Ohayon, Y.P.'  4 0000-0001-7500-4282 
'Seeman, N.C.'  5 0000-0002-9680-4649 
# 
loop_
_citation.abstract 
_citation.abstract_id_CAS 
_citation.book_id_ISBN 
_citation.book_publisher 
_citation.book_publisher_city 
_citation.book_title 
_citation.coordinate_linkage 
_citation.country 
_citation.database_id_Medline 
_citation.details 
_citation.id 
_citation.journal_abbrev 
_citation.journal_id_ASTM 
_citation.journal_id_CSD 
_citation.journal_id_ISSN 
_citation.journal_full 
_citation.journal_issue 
_citation.journal_volume 
_citation.language 
_citation.page_first 
_citation.page_last 
_citation.title 
_citation.year 
_citation.database_id_CSD 
_citation.pdbx_database_id_DOI 
_citation.pdbx_database_id_PubMed 
_citation.pdbx_database_id_patent 
_citation.unpublished_flag 
? ? ? ? ? ? ? DE ? ? primary Small             ? ?    1613-6829 ? ? 19 ? e2206511 e2206511 
'The Rule of Thirds: Controlling Junction Chirality and Polarity in 3D DNA Tiles.'  2023 ? 10.1002/smll.202206511 36585389 ? ? 
? ? ? ? ? ? ? ?  ? ? 1       'To Be Published' ? 0353 ?         ? ? ?  ? ?        ?        
'Mirror Nanomaterials: Self-Assembly of Left-Handed, Anti-Tensegrity DNA Triangles' ?    ? ?                      ?        ? ? 
# 
loop_
_citation_author.citation_id 
_citation_author.name 
_citation_author.ordinal 
_citation_author.identifier_ORCID 
primary 'Vecchioni, S.' 1  ?                   
primary 'Lu, B.'        2  ?                   
primary 'Janowski, J.'  3  ?                   
primary 'Woloszyn, K.'  4  ?                   
primary 'Jonoska, N.'   5  ?                   
primary 'Seeman, N.C.'  6  ?                   
primary 'Mao, C.'       7  ?                   
primary 'Ohayon, Y.P.'  8  ?                   
primary 'Sha, R.'       9  0000-0002-0807-734X 
1       'Vecchioni, S.' 10 0000-0001-8243-650X 
1       'Janowski, J.'  11 0000-0002-6990-5719 
1       'Lu, B.'        12 0000-0001-6424-2197 
1       'Ohayon, Y.P.'  13 0000-0002-0807-734X 
1       'Sha, R.'       14 0000-0002-0807-734X 
1       'Woloszyn, K.'  15 0000-0003-1200-583X 
1       'Mao, C.'       16 0000-0001-7516-8666 
1       'Seeman, N.C.'  17 0000-0002-9680-4649 
# 
_cell.angle_alpha                  90.000 
_cell.angle_alpha_esd              ? 
_cell.angle_beta                   90.000 
_cell.angle_beta_esd               ? 
_cell.angle_gamma                  120.000 
_cell.angle_gamma_esd              ? 
_cell.entry_id                     7SPL 
_cell.details                      ? 
_cell.formula_units_Z              ? 
_cell.length_a                     87.841 
_cell.length_a_esd                 ? 
_cell.length_b                     87.841 
_cell.length_b_esd                 ? 
_cell.length_c                     140.534 
_cell.length_c_esd                 ? 
_cell.volume                       939088.629 
_cell.volume_esd                   ? 
_cell.Z_PDB                        9 
_cell.reciprocal_angle_alpha       ? 
_cell.reciprocal_angle_beta        ? 
_cell.reciprocal_angle_gamma       ? 
_cell.reciprocal_angle_alpha_esd   ? 
_cell.reciprocal_angle_beta_esd    ? 
_cell.reciprocal_angle_gamma_esd   ? 
_cell.reciprocal_length_a          ? 
_cell.reciprocal_length_b          ? 
_cell.reciprocal_length_c          ? 
_cell.reciprocal_length_a_esd      ? 
_cell.reciprocal_length_b_esd      ? 
_cell.reciprocal_length_c_esd      ? 
_cell.pdbx_unique_axis             ? 
_cell.pdbx_esd_method              ? 
# 
_symmetry.entry_id                         7SPL 
_symmetry.cell_setting                     ? 
_symmetry.Int_Tables_number                146 
_symmetry.space_group_name_Hall            'R 3' 
_symmetry.space_group_name_H-M             'H 3' 
_symmetry.pdbx_full_space_group_name_H-M   ? 
# 
loop_
_entity.id 
_entity.type 
_entity.src_method 
_entity.pdbx_description 
_entity.formula_weight 
_entity.pdbx_number_of_molecules 
_entity.pdbx_ec 
_entity.pdbx_mutation 
_entity.pdbx_fragment 
_entity.details 
1 polymer     syn 
;DNA (5'-D(P*GP*AP*GP*CP*AP*GP*CP*CP*TP*GP*TP*GP*AP*CP*AP*TP*CP*A)-3')
;
5506.577 1 ? ? ? ? 
2 polymer     syn 
;DNA (5'-D(*TP*CP*TP*GP*AP*TP*GP*TP*CP*C)-3')
;
3324.184 1 ? ? ? ? 
3 polymer     syn 
;DNA (5'-D(P*GP*TP*AP*CP*AP*GP*GP*CP*TP*GP*C)-3')
;
3118.067 1 ? ? ? ? 
4 polymer     syn 
;DNA (5'-D(*GP*AP*C)-3')
;
846.613  1 ? ? ? ? 
5 non-polymer syn "2'-DEOXYCYTIDINE-5'-MONOPHOSPHATE"                                     307.197  1 ? ? ? ? 
# 
loop_
_entity_poly.entity_id 
_entity_poly.type 
_entity_poly.nstd_linkage 
_entity_poly.nstd_monomer 
_entity_poly.pdbx_seq_one_letter_code 
_entity_poly.pdbx_seq_one_letter_code_can 
_entity_poly.pdbx_strand_id 
_entity_poly.pdbx_target_identifier 
1 polydeoxyribonucleotide no no '(DT)(DC)(DT)(DC)(DT)(DA)(DC)(DT)(DG)(DT)(DG)(DG)(DA)(DT)(DG)(DA)(DA)(DC)' TCTCTACTGTGGATGAAC A ? 
2 polydeoxyribonucleotide no no '(DG)(DA)(DG)(DT)(DT)(DC)(DA)(DT)(DC)(DC)(DT)'                             GAGTTCATCCT        B ? 
3 polydeoxyribonucleotide no no '(DG)(DG)(DA)(DC)(DA)(DG)(DT)(DA)(DG)(DA)'                                 GGACAGTAGA         C ? 
4 polydeoxyribonucleotide no no '(DA)(DC)(DC)'                                                             ACC                D ? 
# 
loop_
_entity_poly_seq.entity_id 
_entity_poly_seq.num 
_entity_poly_seq.mon_id 
_entity_poly_seq.hetero 
1 1  DT n 
1 2  DC n 
1 3  DT n 
1 4  DC n 
1 5  DT n 
1 6  DA n 
1 7  DC n 
1 8  DT n 
1 9  DG n 
1 10 DT n 
1 11 DG n 
1 12 DG n 
1 13 DA n 
1 14 DT n 
1 15 DG n 
1 16 DA n 
1 17 DA n 
1 18 DC n 
2 1  DG n 
2 2  DA n 
2 3  DG n 
2 4  DT n 
2 5  DT n 
2 6  DC n 
2 7  DA n 
2 8  DT n 
2 9  DC n 
2 10 DC n 
2 11 DT n 
3 1  DG n 
3 2  DG n 
3 3  DA n 
3 4  DC n 
3 5  DA n 
3 6  DG n 
3 7  DT n 
3 8  DA n 
3 9  DG n 
3 10 DA n 
4 1  DA n 
4 2  DC n 
4 3  DC n 
# 
loop_
_pdbx_entity_src_syn.entity_id 
_pdbx_entity_src_syn.pdbx_src_id 
_pdbx_entity_src_syn.pdbx_alt_source_flag 
_pdbx_entity_src_syn.pdbx_beg_seq_num 
_pdbx_entity_src_syn.pdbx_end_seq_num 
_pdbx_entity_src_syn.organism_scientific 
_pdbx_entity_src_syn.organism_common_name 
_pdbx_entity_src_syn.ncbi_taxonomy_id 
_pdbx_entity_src_syn.details 
1 1 sample 1 18 'synthetic construct' ? 32630 ? 
2 1 sample 1 11 'synthetic construct' ? 32630 ? 
3 1 sample 1 10 'synthetic construct' ? 32630 ? 
4 1 sample 1 3  'synthetic construct' ? 32630 ? 
# 
loop_
_struct_ref.id 
_struct_ref.db_name 
_struct_ref.db_code 
_struct_ref.pdbx_db_accession 
_struct_ref.pdbx_db_isoform 
_struct_ref.entity_id 
_struct_ref.pdbx_seq_one_letter_code 
_struct_ref.pdbx_align_begin 
1 PDB 7SPL 7SPL ? 1 ? 1 
2 PDB 7SPL 7SPL ? 2 ? 1 
3 PDB 7SPL 7SPL ? 3 ? 1 
4 PDB 7SPL 7SPL ? 4 ? 1 
# 
loop_
_struct_ref_seq.align_id 
_struct_ref_seq.ref_id 
_struct_ref_seq.pdbx_PDB_id_code 
_struct_ref_seq.pdbx_strand_id 
_struct_ref_seq.seq_align_beg 
_struct_ref_seq.pdbx_seq_align_beg_ins_code 
_struct_ref_seq.seq_align_end 
_struct_ref_seq.pdbx_seq_align_end_ins_code 
_struct_ref_seq.pdbx_db_accession 
_struct_ref_seq.db_align_beg 
_struct_ref_seq.pdbx_db_align_beg_ins_code 
_struct_ref_seq.db_align_end 
_struct_ref_seq.pdbx_db_align_end_ins_code 
_struct_ref_seq.pdbx_auth_seq_align_beg 
_struct_ref_seq.pdbx_auth_seq_align_end 
1 1 7SPL A 1 ? 18 ? 7SPL 1 ? 18 ? 1 18 
2 2 7SPL B 1 ? 11 ? 7SPL 1 ? 11 ? 1 11 
3 3 7SPL C 1 ? 10 ? 7SPL 1 ? 10 ? 1 10 
4 4 7SPL D 1 ? 3  ? 7SPL 1 ? 3  ? 1 3  
# 
loop_
_chem_comp.id 
_chem_comp.type 
_chem_comp.mon_nstd_flag 
_chem_comp.name 
_chem_comp.pdbx_synonyms 
_chem_comp.formula 
_chem_comp.formula_weight 
DA 'DNA linking' y "2'-DEOXYADENOSINE-5'-MONOPHOSPHATE" ? 'C10 H14 N5 O6 P' 331.222 
DC 'DNA linking' y "2'-DEOXYCYTIDINE-5'-MONOPHOSPHATE"  ? 'C9 H14 N3 O7 P'  307.197 
DG 'DNA linking' y "2'-DEOXYGUANOSINE-5'-MONOPHOSPHATE" ? 'C10 H14 N5 O7 P' 347.221 
DT 'DNA linking' y "THYMIDINE-5'-MONOPHOSPHATE"         ? 'C10 H15 N2 O8 P' 322.208 
# 
_exptl.absorpt_coefficient_mu     ? 
_exptl.absorpt_correction_T_max   ? 
_exptl.absorpt_correction_T_min   ? 
_exptl.absorpt_correction_type    ? 
_exptl.absorpt_process_details    ? 
_exptl.entry_id                   7SPL 
_exptl.crystals_number            1 
_exptl.details                    ? 
_exptl.method                     'X-RAY DIFFRACTION' 
_exptl.method_details             ? 
# 
_exptl_crystal.colour                       ? 
_exptl_crystal.density_diffrn               ? 
_exptl_crystal.density_Matthews             8.41 
_exptl_crystal.density_method               ? 
_exptl_crystal.density_percent_sol          84.92 
_exptl_crystal.description                  Rhombohedral 
_exptl_crystal.F_000                        ? 
_exptl_crystal.id                           1 
_exptl_crystal.preparation                  ? 
_exptl_crystal.size_max                     ? 
_exptl_crystal.size_mid                     ? 
_exptl_crystal.size_min                     ? 
_exptl_crystal.size_rad                     ? 
_exptl_crystal.colour_lustre                ? 
_exptl_crystal.colour_modifier              ? 
_exptl_crystal.colour_primary               ? 
_exptl_crystal.density_meas                 ? 
_exptl_crystal.density_meas_esd             ? 
_exptl_crystal.density_meas_gt              ? 
_exptl_crystal.density_meas_lt              ? 
_exptl_crystal.density_meas_temp            ? 
_exptl_crystal.density_meas_temp_esd        ? 
_exptl_crystal.density_meas_temp_gt         ? 
_exptl_crystal.density_meas_temp_lt         ? 
_exptl_crystal.pdbx_crystal_image_url       ? 
_exptl_crystal.pdbx_crystal_image_format    ? 
_exptl_crystal.pdbx_mosaicity               ? 
_exptl_crystal.pdbx_mosaicity_esd           ? 
_exptl_crystal.pdbx_mosaic_method           ? 
_exptl_crystal.pdbx_mosaic_block_size       ? 
_exptl_crystal.pdbx_mosaic_block_size_esd   ? 
# 
_exptl_crystal_grow.apparatus       ? 
_exptl_crystal_grow.atmosphere      ? 
_exptl_crystal_grow.crystal_id      1 
_exptl_crystal_grow.details         ? 
_exptl_crystal_grow.method          'VAPOR DIFFUSION, HANGING DROP' 
_exptl_crystal_grow.method_ref      ? 
_exptl_crystal_grow.pH              7.8 
_exptl_crystal_grow.pressure        ? 
_exptl_crystal_grow.pressure_esd    ? 
_exptl_crystal_grow.seeding         ? 
_exptl_crystal_grow.seeding_ref     ? 
_exptl_crystal_grow.temp            277 
_exptl_crystal_grow.temp_details    'from 338K to 293K at 0.4K/hr; from 293K to 277K at 0.1K/hr' 
_exptl_crystal_grow.temp_esd        ? 
_exptl_crystal_grow.time            ? 
_exptl_crystal_grow.pdbx_details    '100 mM MOPS, 1.25 M magnesium sulfate' 
_exptl_crystal_grow.pdbx_pH_range   7.8 
# 
_diffrn.ambient_environment              ? 
_diffrn.ambient_temp                     100 
_diffrn.ambient_temp_details             ? 
_diffrn.ambient_temp_esd                 ? 
_diffrn.crystal_id                       1 
_diffrn.crystal_support                  ? 
_diffrn.crystal_treatment                ? 
_diffrn.details                          ? 
_diffrn.id                               1 
_diffrn.ambient_pressure                 ? 
_diffrn.ambient_pressure_esd             ? 
_diffrn.ambient_pressure_gt              ? 
_diffrn.ambient_pressure_lt              ? 
_diffrn.ambient_temp_gt                  ? 
_diffrn.ambient_temp_lt                  ? 
_diffrn.pdbx_serial_crystal_experiment   N 
# 
_diffrn_detector.details                      ? 
_diffrn_detector.detector                     PIXEL 
_diffrn_detector.diffrn_id                    1 
_diffrn_detector.type                         'DECTRIS EIGER2 X 9M' 
_diffrn_detector.area_resol_mean              ? 
_diffrn_detector.dtime                        ? 
_diffrn_detector.pdbx_frames_total            ? 
_diffrn_detector.pdbx_collection_time_total   ? 
_diffrn_detector.pdbx_collection_date         2021-02-21 
_diffrn_detector.pdbx_frequency               ? 
# 
_diffrn_radiation.collimation                      ? 
_diffrn_radiation.diffrn_id                        1 
_diffrn_radiation.filter_edge                      ? 
_diffrn_radiation.inhomogeneity                    ? 
_diffrn_radiation.monochromator                    ? 
_diffrn_radiation.polarisn_norm                    ? 
_diffrn_radiation.polarisn_ratio                   ? 
_diffrn_radiation.probe                            ? 
_diffrn_radiation.type                             ? 
_diffrn_radiation.xray_symbol                      ? 
_diffrn_radiation.wavelength_id                    1 
_diffrn_radiation.pdbx_monochromatic_or_laue_m_l   M 
_diffrn_radiation.pdbx_wavelength_list             ? 
_diffrn_radiation.pdbx_wavelength                  ? 
_diffrn_radiation.pdbx_diffrn_protocol             'SINGLE WAVELENGTH' 
_diffrn_radiation.pdbx_analyzer                    ? 
_diffrn_radiation.pdbx_scattering_type             x-ray 
# 
_diffrn_radiation_wavelength.id           1 
_diffrn_radiation_wavelength.wavelength   1.00743 
_diffrn_radiation_wavelength.wt           1.0 
# 
_diffrn_source.current                     ? 
_diffrn_source.details                     ? 
_diffrn_source.diffrn_id                   1 
_diffrn_source.power                       ? 
_diffrn_source.size                        ? 
_diffrn_source.source                      SYNCHROTRON 
_diffrn_source.target                      ? 
_diffrn_source.type                        'APS BEAMLINE 17-ID' 
_diffrn_source.voltage                     ? 
_diffrn_source.take-off_angle              ? 
_diffrn_source.pdbx_wavelength_list        1.00743 
_diffrn_source.pdbx_wavelength             ? 
_diffrn_source.pdbx_synchrotron_beamline   17-ID 
_diffrn_source.pdbx_synchrotron_site       APS 
# 
_reflns.B_iso_Wilson_estimate                          624.37 
_reflns.entry_id                                       7SPL 
_reflns.data_reduction_details                         ? 
_reflns.data_reduction_method                          ? 
_reflns.d_resolution_high                              6.033 
_reflns.d_resolution_low                               66.900 
_reflns.details                                        ? 
_reflns.limit_h_max                                    ? 
_reflns.limit_h_min                                    ? 
_reflns.limit_k_max                                    ? 
_reflns.limit_k_min                                    ? 
_reflns.limit_l_max                                    ? 
_reflns.limit_l_min                                    ? 
_reflns.number_all                                     ? 
_reflns.number_obs                                     765 
_reflns.observed_criterion                             ? 
_reflns.observed_criterion_F_max                       ? 
_reflns.observed_criterion_F_min                       ? 
_reflns.observed_criterion_I_max                       ? 
_reflns.observed_criterion_I_min                       ? 
_reflns.observed_criterion_sigma_F                     ? 
_reflns.observed_criterion_sigma_I                     ? 
_reflns.percent_possible_obs                           83.2 
_reflns.R_free_details                                 ? 
_reflns.Rmerge_F_all                                   ? 
_reflns.Rmerge_F_obs                                   ? 
_reflns.Friedel_coverage                               ? 
_reflns.number_gt                                      ? 
_reflns.threshold_expression                           ? 
_reflns.pdbx_redundancy                                9.9 
_reflns.pdbx_Rmerge_I_obs                              ? 
_reflns.pdbx_Rmerge_I_all                              ? 
_reflns.pdbx_Rsym_value                                ? 
_reflns.pdbx_netI_over_av_sigmaI                       ? 
_reflns.pdbx_netI_over_sigmaI                          4.4 
_reflns.pdbx_res_netI_over_av_sigmaI_2                 ? 
_reflns.pdbx_res_netI_over_sigmaI_2                    ? 
_reflns.pdbx_chi_squared                               ? 
_reflns.pdbx_scaling_rejects                           ? 
_reflns.pdbx_d_res_high_opt                            ? 
_reflns.pdbx_d_res_low_opt                             ? 
_reflns.pdbx_d_res_opt_method                          ? 
_reflns.phase_calculation_details                      ? 
_reflns.pdbx_Rrim_I_all                                ? 
_reflns.pdbx_Rpim_I_all                                ? 
_reflns.pdbx_d_opt                                     ? 
_reflns.pdbx_number_measured_all                       ? 
_reflns.pdbx_diffrn_id                                 1 
_reflns.pdbx_ordinal                                   1 
_reflns.pdbx_CC_half                                   0.995 
_reflns.pdbx_CC_star                                   ? 
_reflns.pdbx_R_split                                   ? 
_reflns.pdbx_aniso_diffraction_limit_axis_1_ortho[1]   ? 
_reflns.pdbx_aniso_diffraction_limit_axis_1_ortho[2]   ? 
_reflns.pdbx_aniso_diffraction_limit_axis_1_ortho[3]   ? 
_reflns.pdbx_aniso_diffraction_limit_axis_2_ortho[1]   ? 
_reflns.pdbx_aniso_diffraction_limit_axis_2_ortho[2]   ? 
_reflns.pdbx_aniso_diffraction_limit_axis_2_ortho[3]   ? 
_reflns.pdbx_aniso_diffraction_limit_axis_3_ortho[1]   ? 
_reflns.pdbx_aniso_diffraction_limit_axis_3_ortho[2]   ? 
_reflns.pdbx_aniso_diffraction_limit_axis_3_ortho[3]   ? 
_reflns.pdbx_aniso_diffraction_limit_1                 ? 
_reflns.pdbx_aniso_diffraction_limit_2                 ? 
_reflns.pdbx_aniso_diffraction_limit_3                 ? 
_reflns.pdbx_aniso_B_tensor_eigenvector_1_ortho[1]     ? 
_reflns.pdbx_aniso_B_tensor_eigenvector_1_ortho[2]     ? 
_reflns.pdbx_aniso_B_tensor_eigenvector_1_ortho[3]     ? 
_reflns.pdbx_aniso_B_tensor_eigenvector_2_ortho[1]     ? 
_reflns.pdbx_aniso_B_tensor_eigenvector_2_ortho[2]     ? 
_reflns.pdbx_aniso_B_tensor_eigenvector_2_ortho[3]     ? 
_reflns.pdbx_aniso_B_tensor_eigenvector_3_ortho[1]     ? 
_reflns.pdbx_aniso_B_tensor_eigenvector_3_ortho[2]     ? 
_reflns.pdbx_aniso_B_tensor_eigenvector_3_ortho[3]     ? 
_reflns.pdbx_aniso_B_tensor_eigenvalue_1               ? 
_reflns.pdbx_aniso_B_tensor_eigenvalue_2               ? 
_reflns.pdbx_aniso_B_tensor_eigenvalue_3               ? 
_reflns.pdbx_orthogonalization_convention              ? 
_reflns.pdbx_percent_possible_ellipsoidal              ? 
_reflns.pdbx_percent_possible_spherical                ? 
_reflns.pdbx_percent_possible_ellipsoidal_anomalous    ? 
_reflns.pdbx_percent_possible_spherical_anomalous      ? 
_reflns.pdbx_redundancy_anomalous                      ? 
_reflns.pdbx_CC_half_anomalous                         ? 
_reflns.pdbx_absDiff_over_sigma_anomalous              ? 
_reflns.pdbx_percent_possible_anomalous                ? 
_reflns.pdbx_observed_signal_threshold                 ? 
_reflns.pdbx_signal_type                               ? 
_reflns.pdbx_signal_details                            ? 
_reflns.pdbx_signal_software_id                        ? 
_reflns.pdbx_CC_split_method                           ? 
# 
loop_
_reflns_shell.d_res_high 
_reflns_shell.d_res_low 
_reflns_shell.meanI_over_sigI_all 
_reflns_shell.meanI_over_sigI_obs 
_reflns_shell.number_measured_all 
_reflns_shell.number_measured_obs 
_reflns_shell.number_possible 
_reflns_shell.number_unique_all 
_reflns_shell.number_unique_obs 
_reflns_shell.percent_possible_all 
_reflns_shell.percent_possible_obs 
_reflns_shell.Rmerge_F_all 
_reflns_shell.Rmerge_F_obs 
_reflns_shell.Rmerge_I_all 
_reflns_shell.Rmerge_I_obs 
_reflns_shell.meanI_over_sigI_gt 
_reflns_shell.meanI_over_uI_all 
_reflns_shell.meanI_over_uI_gt 
_reflns_shell.number_measured_gt 
_reflns_shell.number_unique_gt 
_reflns_shell.percent_possible_gt 
_reflns_shell.Rmerge_F_gt 
_reflns_shell.Rmerge_I_gt 
_reflns_shell.pdbx_redundancy 
_reflns_shell.pdbx_Rsym_value 
_reflns_shell.pdbx_chi_squared 
_reflns_shell.pdbx_netI_over_sigmaI_all 
_reflns_shell.pdbx_netI_over_sigmaI_obs 
_reflns_shell.pdbx_Rrim_I_all 
_reflns_shell.pdbx_Rpim_I_all 
_reflns_shell.pdbx_rejects 
_reflns_shell.pdbx_ordinal 
_reflns_shell.pdbx_diffrn_id 
_reflns_shell.pdbx_CC_half 
_reflns_shell.pdbx_CC_star 
_reflns_shell.pdbx_R_split 
_reflns_shell.pdbx_percent_possible_ellipsoidal 
_reflns_shell.pdbx_percent_possible_spherical 
_reflns_shell.pdbx_percent_possible_ellipsoidal_anomalous 
_reflns_shell.pdbx_percent_possible_spherical_anomalous 
_reflns_shell.pdbx_redundancy_anomalous 
_reflns_shell.pdbx_CC_half_anomalous 
_reflns_shell.pdbx_absDiff_over_sigma_anomalous 
_reflns_shell.pdbx_percent_possible_anomalous 
6.033  7.264  ? ? ? ? ? ? 191 55.2  ? ? ? ? ? ? ? ? ? ? ? ? ? ? ? ? ? ? ? ? ? 1 1 0.039 ? ? ? ? ? ? ? ? ? ? 
10.615 66.900 ? ? ? ? ? ? 192 100.0 ? ? ? ? ? ? ? ? ? ? ? ? ? ? ? ? ? ? ? ? ? 2 1 0.995 ? ? ? ? ? ? ? ? ? ? 
# 
_refine.aniso_B[1][1]                            ? 
_refine.aniso_B[1][2]                            ? 
_refine.aniso_B[1][3]                            ? 
_refine.aniso_B[2][2]                            ? 
_refine.aniso_B[2][3]                            ? 
_refine.aniso_B[3][3]                            ? 
_refine.B_iso_max                                ? 
_refine.B_iso_mean                               847.50 
_refine.B_iso_min                                ? 
_refine.correlation_coeff_Fo_to_Fc               ? 
_refine.correlation_coeff_Fo_to_Fc_free          ? 
_refine.details                                  ? 
_refine.diff_density_max                         ? 
_refine.diff_density_max_esd                     ? 
_refine.diff_density_min                         ? 
_refine.diff_density_min_esd                     ? 
_refine.diff_density_rms                         ? 
_refine.diff_density_rms_esd                     ? 
_refine.entry_id                                 7SPL 
_refine.pdbx_refine_id                           'X-RAY DIFFRACTION' 
_refine.ls_abs_structure_details                 ? 
_refine.ls_abs_structure_Flack                   ? 
_refine.ls_abs_structure_Flack_esd               ? 
_refine.ls_abs_structure_Rogers                  ? 
_refine.ls_abs_structure_Rogers_esd              ? 
_refine.ls_d_res_high                            6.09 
_refine.ls_d_res_low                             36.72 
_refine.ls_extinction_coef                       ? 
_refine.ls_extinction_coef_esd                   ? 
_refine.ls_extinction_expression                 ? 
_refine.ls_extinction_method                     ? 
_refine.ls_goodness_of_fit_all                   ? 
_refine.ls_goodness_of_fit_all_esd               ? 
_refine.ls_goodness_of_fit_obs                   ? 
_refine.ls_goodness_of_fit_obs_esd               ? 
_refine.ls_hydrogen_treatment                    ? 
_refine.ls_matrix_type                           ? 
_refine.ls_number_constraints                    ? 
_refine.ls_number_parameters                     ? 
_refine.ls_number_reflns_all                     ? 
_refine.ls_number_reflns_obs                     593 
_refine.ls_number_reflns_R_free                  30 
_refine.ls_number_reflns_R_work                  563 
_refine.ls_number_restraints                     ? 
_refine.ls_percent_reflns_obs                    61.07 
_refine.ls_percent_reflns_R_free                 5.06 
_refine.ls_R_factor_all                          ? 
_refine.ls_R_factor_obs                          0.2360 
_refine.ls_R_factor_R_free                       0.3348 
_refine.ls_R_factor_R_free_error                 ? 
_refine.ls_R_factor_R_free_error_details         ? 
_refine.ls_R_factor_R_work                       0.2341 
_refine.ls_R_Fsqd_factor_obs                     ? 
_refine.ls_R_I_factor_obs                        ? 
_refine.ls_redundancy_reflns_all                 ? 
_refine.ls_redundancy_reflns_obs                 ? 
_refine.ls_restrained_S_all                      ? 
_refine.ls_restrained_S_obs                      ? 
_refine.ls_shift_over_esd_max                    ? 
_refine.ls_shift_over_esd_mean                   ? 
_refine.ls_structure_factor_coef                 ? 
_refine.ls_weighting_details                     ? 
_refine.ls_weighting_scheme                      ? 
_refine.ls_wR_factor_all                         ? 
_refine.ls_wR_factor_obs                         ? 
_refine.ls_wR_factor_R_free                      ? 
_refine.ls_wR_factor_R_work                      ? 
_refine.occupancy_max                            ? 
_refine.occupancy_min                            ? 
_refine.solvent_model_details                    'FLAT BULK SOLVENT MODEL' 
_refine.solvent_model_param_bsol                 ? 
_refine.solvent_model_param_ksol                 ? 
_refine.pdbx_R_complete                          ? 
_refine.ls_R_factor_gt                           ? 
_refine.ls_goodness_of_fit_gt                    ? 
_refine.ls_goodness_of_fit_ref                   ? 
_refine.ls_shift_over_su_max                     ? 
_refine.ls_shift_over_su_max_lt                  ? 
_refine.ls_shift_over_su_mean                    ? 
_refine.ls_shift_over_su_mean_lt                 ? 
_refine.pdbx_ls_sigma_I                          ? 
_refine.pdbx_ls_sigma_F                          1.96 
_refine.pdbx_ls_sigma_Fsqd                       ? 
_refine.pdbx_data_cutoff_high_absF               ? 
_refine.pdbx_data_cutoff_high_rms_absF           ? 
_refine.pdbx_data_cutoff_low_absF                ? 
_refine.pdbx_isotropic_thermal_model             ? 
_refine.pdbx_ls_cross_valid_method               'FREE R-VALUE' 
_refine.pdbx_method_to_determine_struct          'MOLECULAR REPLACEMENT' 
_refine.pdbx_starting_model                      'PDB entry 3GBI' 
_refine.pdbx_stereochemistry_target_values       'GeoStd + Monomer Library + CDL v1.2' 
_refine.pdbx_R_Free_selection_details            ? 
_refine.pdbx_stereochem_target_val_spec_case     ? 
_refine.pdbx_overall_ESU_R                       ? 
_refine.pdbx_overall_ESU_R_Free                  ? 
_refine.pdbx_solvent_vdw_probe_radii             1.1100 
_refine.pdbx_solvent_ion_probe_radii             ? 
_refine.pdbx_solvent_shrinkage_radii             0.9000 
_refine.pdbx_real_space_R                        ? 
_refine.pdbx_density_correlation                 ? 
_refine.pdbx_pd_number_of_powder_patterns        ? 
_refine.pdbx_pd_number_of_points                 ? 
_refine.pdbx_pd_meas_number_of_points            ? 
_refine.pdbx_pd_proc_ls_prof_R_factor            ? 
_refine.pdbx_pd_proc_ls_prof_wR_factor           ? 
_refine.pdbx_pd_Marquardt_correlation_coeff      ? 
_refine.pdbx_pd_Fsqrd_R_factor                   ? 
_refine.pdbx_pd_ls_matrix_band_width             ? 
_refine.pdbx_overall_phase_error                 56.6329 
_refine.pdbx_overall_SU_R_free_Cruickshank_DPI   ? 
_refine.pdbx_overall_SU_R_free_Blow_DPI          ? 
_refine.pdbx_overall_SU_R_Blow_DPI               ? 
_refine.pdbx_TLS_residual_ADP_flag               ? 
_refine.pdbx_diffrn_id                           1 
_refine.overall_SU_B                             ? 
_refine.overall_SU_ML                            0.7037 
_refine.overall_SU_R_Cruickshank_DPI             ? 
_refine.overall_SU_R_free                        ? 
_refine.overall_FOM_free_R_set                   ? 
_refine.overall_FOM_work_R_set                   ? 
_refine.pdbx_average_fsc_overall                 ? 
_refine.pdbx_average_fsc_work                    ? 
_refine.pdbx_average_fsc_free                    ? 
# 
_refine_hist.pdbx_refine_id                   'X-RAY DIFFRACTION' 
_refine_hist.cycle_id                         LAST 
_refine_hist.details                          ? 
_refine_hist.d_res_high                       6.09 
_refine_hist.d_res_low                        36.72 
_refine_hist.number_atoms_solvent             0 
_refine_hist.number_atoms_total               858 
_refine_hist.number_reflns_all                ? 
_refine_hist.number_reflns_obs                ? 
_refine_hist.number_reflns_R_free             ? 
_refine_hist.number_reflns_R_work             ? 
_refine_hist.R_factor_all                     ? 
_refine_hist.R_factor_obs                     ? 
_refine_hist.R_factor_R_free                  ? 
_refine_hist.R_factor_R_work                  ? 
_refine_hist.pdbx_number_residues_total       ? 
_refine_hist.pdbx_B_iso_mean_ligand           ? 
_refine_hist.pdbx_B_iso_mean_solvent          ? 
_refine_hist.pdbx_number_atoms_protein        0 
_refine_hist.pdbx_number_atoms_nucleic_acid   839 
_refine_hist.pdbx_number_atoms_ligand         19 
_refine_hist.pdbx_number_atoms_lipid          ? 
_refine_hist.pdbx_number_atoms_carb           ? 
_refine_hist.pdbx_pseudo_atom_details         ? 
# 
loop_
_refine_ls_restr.pdbx_refine_id 
_refine_ls_restr.criterion 
_refine_ls_restr.dev_ideal 
_refine_ls_restr.dev_ideal_target 
_refine_ls_restr.number 
_refine_ls_restr.rejects 
_refine_ls_restr.type 
_refine_ls_restr.weight 
_refine_ls_restr.pdbx_restraint_function 
'X-RAY DIFFRACTION' ? 0.0060  ? 958  ? f_bond_d           ? ? 
'X-RAY DIFFRACTION' ? 1.3012  ? 1467 ? f_angle_d          ? ? 
'X-RAY DIFFRACTION' ? 0.1625  ? 167  ? f_chiral_restr     ? ? 
'X-RAY DIFFRACTION' ? 0.0050  ? 42   ? f_plane_restr      ? ? 
'X-RAY DIFFRACTION' ? 40.2051 ? 404  ? f_dihedral_angle_d ? ? 
# 
_refine_ls_shell.pdbx_refine_id                   'X-RAY DIFFRACTION' 
_refine_ls_shell.d_res_high                       6.09 
_refine_ls_shell.d_res_low                        36.72 
_refine_ls_shell.number_reflns_all                ? 
_refine_ls_shell.number_reflns_obs                ? 
_refine_ls_shell.number_reflns_R_free             30 
_refine_ls_shell.number_reflns_R_work             563 
_refine_ls_shell.percent_reflns_obs               61.07 
_refine_ls_shell.percent_reflns_R_free            ? 
_refine_ls_shell.R_factor_all                     ? 
_refine_ls_shell.R_factor_obs                     ? 
_refine_ls_shell.R_factor_R_free                  0.3348 
_refine_ls_shell.R_factor_R_free_error            ? 
_refine_ls_shell.R_factor_R_work                  0.2341 
_refine_ls_shell.redundancy_reflns_all            ? 
_refine_ls_shell.redundancy_reflns_obs            ? 
_refine_ls_shell.wR_factor_all                    ? 
_refine_ls_shell.wR_factor_obs                    ? 
_refine_ls_shell.wR_factor_R_free                 ? 
_refine_ls_shell.wR_factor_R_work                 ? 
_refine_ls_shell.pdbx_R_complete                  ? 
_refine_ls_shell.pdbx_total_number_of_bins_used   ? 
_refine_ls_shell.pdbx_phase_error                 ? 
_refine_ls_shell.pdbx_fsc_work                    ? 
_refine_ls_shell.pdbx_fsc_free                    ? 
# 
_struct.entry_id                     7SPL 
_struct.title                        
;[2T3] Self-assembling 3D DNA triangle with three inter-junction base pairs containing the L1 junction and a zero-linked center strand
;
_struct.pdbx_model_details           ? 
_struct.pdbx_formula_weight          ? 
_struct.pdbx_formula_weight_method   ? 
_struct.pdbx_model_type_details      ? 
_struct.pdbx_CASP_flag               N 
# 
_struct_keywords.entry_id        7SPL 
_struct_keywords.text            'Tensegrity triangle, DNA nanotechnology, nanomaterials, linking number, DNA' 
_struct_keywords.pdbx_keywords   DNA 
# 
loop_
_struct_asym.id 
_struct_asym.pdbx_blank_PDB_chainid_flag 
_struct_asym.pdbx_modified 
_struct_asym.entity_id 
_struct_asym.details 
A N N 1 ? 
B N N 2 ? 
C N N 3 ? 
D N N 4 ? 
E N N 5 ? 
# 
loop_
_struct_conn.id 
_struct_conn.conn_type_id 
_struct_conn.pdbx_leaving_atom_flag 
_struct_conn.pdbx_PDB_id 
_struct_conn.ptnr1_label_asym_id 
_struct_conn.ptnr1_label_comp_id 
_struct_conn.ptnr1_label_seq_id 
_struct_conn.ptnr1_label_atom_id 
_struct_conn.pdbx_ptnr1_label_alt_id 
_struct_conn.pdbx_ptnr1_PDB_ins_code 
_struct_conn.pdbx_ptnr1_standard_comp_id 
_struct_conn.ptnr1_symmetry 
_struct_conn.ptnr2_label_asym_id 
_struct_conn.ptnr2_label_comp_id 
_struct_conn.ptnr2_label_seq_id 
_struct_conn.ptnr2_label_atom_id 
_struct_conn.pdbx_ptnr2_label_alt_id 
_struct_conn.pdbx_ptnr2_PDB_ins_code 
_struct_conn.ptnr1_auth_asym_id 
_struct_conn.ptnr1_auth_comp_id 
_struct_conn.ptnr1_auth_seq_id 
_struct_conn.ptnr2_auth_asym_id 
_struct_conn.ptnr2_auth_comp_id 
_struct_conn.ptnr2_auth_seq_id 
_struct_conn.ptnr2_symmetry 
_struct_conn.pdbx_ptnr3_label_atom_id 
_struct_conn.pdbx_ptnr3_label_seq_id 
_struct_conn.pdbx_ptnr3_label_comp_id 
_struct_conn.pdbx_ptnr3_label_asym_id 
_struct_conn.pdbx_ptnr3_label_alt_id 
_struct_conn.pdbx_ptnr3_PDB_ins_code 
_struct_conn.details 
_struct_conn.pdbx_dist_value 
_struct_conn.pdbx_value_order 
_struct_conn.pdbx_role 
hydrog1  hydrog ? ? A DT 3  N3 ? ? ? 1_555 C DA 10 N1 ? ? A DT 3  C DA 10 1_555 ? ? ? ? ? ? WATSON-CRICK ? ? ? 
hydrog2  hydrog ? ? A DT 3  O4 ? ? ? 1_555 C DA 10 N6 ? ? A DT 3  C DA 10 1_555 ? ? ? ? ? ? WATSON-CRICK ? ? ? 
hydrog3  hydrog ? ? A DC 4  N3 ? ? ? 1_555 C DG 9  N1 ? ? A DC 4  C DG 9  1_555 ? ? ? ? ? ? WATSON-CRICK ? ? ? 
hydrog4  hydrog ? ? A DC 4  N4 ? ? ? 1_555 C DG 9  O6 ? ? A DC 4  C DG 9  1_555 ? ? ? ? ? ? WATSON-CRICK ? ? ? 
hydrog5  hydrog ? ? A DC 4  O2 ? ? ? 1_555 C DG 9  N2 ? ? A DC 4  C DG 9  1_555 ? ? ? ? ? ? WATSON-CRICK ? ? ? 
hydrog6  hydrog ? ? A DA 6  N1 ? ? ? 1_555 C DT 7  N3 ? ? A DA 6  C DT 7  1_555 ? ? ? ? ? ? WATSON-CRICK ? ? ? 
hydrog7  hydrog ? ? A DA 6  N6 ? ? ? 1_555 C DT 7  O4 ? ? A DA 6  C DT 7  1_555 ? ? ? ? ? ? WATSON-CRICK ? ? ? 
hydrog8  hydrog ? ? A DC 7  N3 ? ? ? 1_555 C DG 6  N1 ? ? A DC 7  C DG 6  1_555 ? ? ? ? ? ? WATSON-CRICK ? ? ? 
hydrog9  hydrog ? ? A DC 7  N4 ? ? ? 1_555 C DG 6  O6 ? ? A DC 7  C DG 6  1_555 ? ? ? ? ? ? WATSON-CRICK ? ? ? 
hydrog10 hydrog ? ? A DC 7  O2 ? ? ? 1_555 C DG 6  N2 ? ? A DC 7  C DG 6  1_555 ? ? ? ? ? ? WATSON-CRICK ? ? ? 
hydrog11 hydrog ? ? A DT 8  N3 ? ? ? 1_555 C DA 5  N1 ? ? A DT 8  C DA 5  1_555 ? ? ? ? ? ? WATSON-CRICK ? ? ? 
hydrog12 hydrog ? ? A DT 8  O4 ? ? ? 1_555 C DA 5  N6 ? ? A DT 8  C DA 5  1_555 ? ? ? ? ? ? WATSON-CRICK ? ? ? 
hydrog13 hydrog ? ? A DG 9  N1 ? ? ? 1_555 C DC 4  N3 ? ? A DG 9  C DC 4  1_555 ? ? ? ? ? ? WATSON-CRICK ? ? ? 
hydrog14 hydrog ? ? A DG 9  N2 ? ? ? 1_555 C DC 4  O2 ? ? A DG 9  C DC 4  1_555 ? ? ? ? ? ? WATSON-CRICK ? ? ? 
hydrog15 hydrog ? ? A DG 9  O6 ? ? ? 1_555 C DC 4  N4 ? ? A DG 9  C DC 4  1_555 ? ? ? ? ? ? WATSON-CRICK ? ? ? 
hydrog16 hydrog ? ? A DT 10 N3 ? ? ? 1_555 C DA 3  N1 ? ? A DT 10 C DA 3  1_555 ? ? ? ? ? ? WATSON-CRICK ? ? ? 
hydrog17 hydrog ? ? A DT 10 O4 ? ? ? 1_555 C DA 3  N6 ? ? A DT 10 C DA 3  1_555 ? ? ? ? ? ? WATSON-CRICK ? ? ? 
hydrog18 hydrog ? ? A DG 11 N1 ? ? ? 1_555 B DC 10 N3 ? ? A DG 11 B DC 10 1_555 ? ? ? ? ? ? WATSON-CRICK ? ? ? 
hydrog19 hydrog ? ? A DG 11 N2 ? ? ? 1_555 B DC 10 O2 ? ? A DG 11 B DC 10 1_555 ? ? ? ? ? ? WATSON-CRICK ? ? ? 
hydrog20 hydrog ? ? A DG 11 O6 ? ? ? 1_555 B DC 10 N4 ? ? A DG 11 B DC 10 1_555 ? ? ? ? ? ? WATSON-CRICK ? ? ? 
hydrog21 hydrog ? ? A DG 12 N1 ? ? ? 1_555 B DC 9  N3 ? ? A DG 12 B DC 9  1_555 ? ? ? ? ? ? WATSON-CRICK ? ? ? 
hydrog22 hydrog ? ? A DG 12 N2 ? ? ? 1_555 B DC 9  O2 ? ? A DG 12 B DC 9  1_555 ? ? ? ? ? ? WATSON-CRICK ? ? ? 
hydrog23 hydrog ? ? A DG 12 O6 ? ? ? 1_555 B DC 9  N4 ? ? A DG 12 B DC 9  1_555 ? ? ? ? ? ? WATSON-CRICK ? ? ? 
hydrog24 hydrog ? ? A DA 13 N1 ? ? ? 1_555 B DT 8  N3 ? ? A DA 13 B DT 8  1_555 ? ? ? ? ? ? WATSON-CRICK ? ? ? 
hydrog25 hydrog ? ? A DA 13 N6 ? ? ? 1_555 B DT 8  O4 ? ? A DA 13 B DT 8  1_555 ? ? ? ? ? ? WATSON-CRICK ? ? ? 
hydrog26 hydrog ? ? A DT 14 N3 ? ? ? 1_555 B DA 7  N1 ? ? A DT 14 B DA 7  1_555 ? ? ? ? ? ? WATSON-CRICK ? ? ? 
hydrog27 hydrog ? ? A DT 14 O4 ? ? ? 1_555 B DA 7  N6 ? ? A DT 14 B DA 7  1_555 ? ? ? ? ? ? WATSON-CRICK ? ? ? 
hydrog28 hydrog ? ? A DG 15 N1 ? ? ? 1_555 B DC 6  N3 ? ? A DG 15 B DC 6  1_555 ? ? ? ? ? ? WATSON-CRICK ? ? ? 
hydrog29 hydrog ? ? A DG 15 N2 ? ? ? 1_555 B DC 6  O2 ? ? A DG 15 B DC 6  1_555 ? ? ? ? ? ? WATSON-CRICK ? ? ? 
hydrog30 hydrog ? ? A DG 15 O6 ? ? ? 1_555 B DC 6  N4 ? ? A DG 15 B DC 6  1_555 ? ? ? ? ? ? WATSON-CRICK ? ? ? 
hydrog31 hydrog ? ? A DA 16 N1 ? ? ? 1_555 B DT 5  N3 ? ? A DA 16 B DT 5  1_555 ? ? ? ? ? ? WATSON-CRICK ? ? ? 
hydrog32 hydrog ? ? A DA 16 N6 ? ? ? 1_555 B DT 5  O4 ? ? A DA 16 B DT 5  1_555 ? ? ? ? ? ? WATSON-CRICK ? ? ? 
hydrog33 hydrog ? ? A DA 17 N1 ? ? ? 1_555 B DT 4  N3 ? ? A DA 17 B DT 4  1_555 ? ? ? ? ? ? WATSON-CRICK ? ? ? 
hydrog34 hydrog ? ? A DA 17 N6 ? ? ? 1_555 B DT 4  O4 ? ? A DA 17 B DT 4  1_555 ? ? ? ? ? ? WATSON-CRICK ? ? ? 
hydrog35 hydrog ? ? B DT 11 N3 ? ? ? 1_555 D DA 1  N1 ? ? B DT 11 D DA 1  1_555 ? ? ? ? ? ? WATSON-CRICK ? ? ? 
hydrog36 hydrog ? ? B DT 11 O4 ? ? ? 1_555 D DA 1  N6 ? ? B DT 11 D DA 1  1_555 ? ? ? ? ? ? WATSON-CRICK ? ? ? 
hydrog37 hydrog ? ? C DG 1  N1 ? ? ? 1_555 D DC 3  N3 ? ? C DG 1  D DC 3  1_555 ? ? ? ? ? ? WATSON-CRICK ? ? ? 
hydrog38 hydrog ? ? C DG 1  N2 ? ? ? 1_555 D DC 3  O2 ? ? C DG 1  D DC 3  1_555 ? ? ? ? ? ? WATSON-CRICK ? ? ? 
hydrog39 hydrog ? ? C DG 1  O6 ? ? ? 1_555 D DC 3  N4 ? ? C DG 1  D DC 3  1_555 ? ? ? ? ? ? WATSON-CRICK ? ? ? 
hydrog40 hydrog ? ? C DG 2  N1 ? ? ? 1_555 D DC 2  N3 ? ? C DG 2  D DC 2  1_555 ? ? ? ? ? ? WATSON-CRICK ? ? ? 
hydrog41 hydrog ? ? C DG 2  N2 ? ? ? 1_555 D DC 2  O2 ? ? C DG 2  D DC 2  1_555 ? ? ? ? ? ? WATSON-CRICK ? ? ? 
hydrog42 hydrog ? ? C DG 2  O6 ? ? ? 1_555 D DC 2  N4 ? ? C DG 2  D DC 2  1_555 ? ? ? ? ? ? WATSON-CRICK ? ? ? 
# 
_struct_conn_type.id          hydrog 
_struct_conn_type.criteria    ? 
_struct_conn_type.reference   ? 
# 
_atom_sites.entry_id                    7SPL 
_atom_sites.Cartn_transf_matrix[1][1]   ? 
_atom_sites.Cartn_transf_matrix[1][2]   ? 
_atom_sites.Cartn_transf_matrix[1][3]   ? 
_atom_sites.Cartn_transf_matrix[2][1]   ? 
_atom_sites.Cartn_transf_matrix[2][2]   ? 
_atom_sites.Cartn_transf_matrix[2][3]   ? 
_atom_sites.Cartn_transf_matrix[3][1]   ? 
_atom_sites.Cartn_transf_matrix[3][2]   ? 
_atom_sites.Cartn_transf_matrix[3][3]   ? 
_atom_sites.Cartn_transf_vector[1]      ? 
_atom_sites.Cartn_transf_vector[2]      ? 
_atom_sites.Cartn_transf_vector[3]      ? 
_atom_sites.fract_transf_matrix[1][1]   -0.00744829 
_atom_sites.fract_transf_matrix[1][2]   0.00291300 
_atom_sites.fract_transf_matrix[1][3]   -0.01043251 
_atom_sites.fract_transf_matrix[2][1]   0.00511874 
_atom_sites.fract_transf_matrix[2][2]   -0.00056483 
_atom_sites.fract_transf_matrix[2][3]   -0.01209424 
_atom_sites.fract_transf_matrix[3][1]   -0.00195554 
_atom_sites.fract_transf_matrix[3][2]   -0.00682307 
_atom_sites.fract_transf_matrix[3][3]   -0.00050900 
_atom_sites.fract_transf_vector[1]      -0.333105 
_atom_sites.fract_transf_vector[2]      0.133043 
_atom_sites.fract_transf_vector[3]      0.025870 
_atom_sites.solution_primary            ? 
_atom_sites.solution_secondary          ? 
_atom_sites.solution_hydrogens          ? 
_atom_sites.special_details             ? 
# 
loop_
_atom_type.symbol 
_atom_type.scat_dispersion_real 
_atom_type.scat_dispersion_imag 
_atom_type.scat_Cromer_Mann_a1 
_atom_type.scat_Cromer_Mann_a2 
_atom_type.scat_Cromer_Mann_a3 
_atom_type.scat_Cromer_Mann_a4 
_atom_type.scat_Cromer_Mann_b1 
_atom_type.scat_Cromer_Mann_b2 
_atom_type.scat_Cromer_Mann_b3 
_atom_type.scat_Cromer_Mann_b4 
_atom_type.scat_Cromer_Mann_c 
_atom_type.scat_source 
_atom_type.scat_dispersion_source 
C ? ? 5.96793  ? ? ? 14.89577 ? ? ? 0.0 
;1-Gaussian fit: Grosse-Kunstleve RW, Sauter NK, Adams PD: Newsletter of the IUCr Commission on Crystallographic Computing 2004, 3, 22-31.
;
? 
N ? ? 6.96715  ? ? ? 11.43723 ? ? ? 0.0 
;1-Gaussian fit: Grosse-Kunstleve RW, Sauter NK, Adams PD: Newsletter of the IUCr Commission on Crystallographic Computing 2004, 3, 22-31.
;
? 
O ? ? 7.96527  ? ? ? 9.05267  ? ? ? 0.0 
;1-Gaussian fit: Grosse-Kunstleve RW, Sauter NK, Adams PD: Newsletter of the IUCr Commission on Crystallographic Computing 2004, 3, 22-31.
;
? 
P ? ? 14.90797 ? ? ? 11.91318 ? ? ? 0.0 
;1-Gaussian fit: Grosse-Kunstleve RW, Sauter NK, Adams PD: Newsletter of the IUCr Commission on Crystallographic Computing 2004, 3, 22-31.
;
? 
# 
loop_
_atom_site.group_PDB 
_atom_site.id 
_atom_site.type_symbol 
_atom_site.label_atom_id 
_atom_site.label_alt_id 
_atom_site.label_comp_id 
_atom_site.label_asym_id 
_atom_site.label_entity_id 
_atom_site.label_seq_id 
_atom_site.pdbx_PDB_ins_code 
_atom_site.Cartn_x 
_atom_site.Cartn_y 
_atom_site.Cartn_z 
_atom_site.occupancy 
_atom_site.B_iso_or_equiv 
_atom_site.pdbx_formal_charge 
_atom_site.auth_seq_id 
_atom_site.auth_comp_id 
_atom_site.auth_asym_id 
_atom_site.auth_atom_id 
_atom_site.pdbx_PDB_model_num 
ATOM   1   P P     . DT A 1 1  ? -5.67024  -27.33014 9.28592   1.000 934.89732 ? 1   DT A P     1 
ATOM   2   O OP1   . DT A 1 1  ? -4.87095  -28.57481 9.34919   1.000 935.00790 ? 1   DT A OP1   1 
ATOM   3   O OP2   . DT A 1 1  ? -5.00558  -26.00858 9.22050   1.000 935.14367 ? 1   DT A OP2   1 
ATOM   4   O "O5'" . DT A 1 1  ? -6.68145  -27.42393 8.05200   1.000 934.85947 ? 1   DT A "O5'" 1 
ATOM   5   C "C5'" . DT A 1 1  ? -6.30518  -26.90273 6.78608   1.000 935.28535 ? 1   DT A "C5'" 1 
ATOM   6   C "C4'" . DT A 1 1  ? -7.49123  -26.88679 5.84250   1.000 934.83580 ? 1   DT A "C4'" 1 
ATOM   7   O "O4'" . DT A 1 1  ? -8.68637  -26.52516 6.58570   1.000 933.99864 ? 1   DT A "O4'" 1 
ATOM   8   C "C3'" . DT A 1 1  ? -7.37922  -25.88479 4.68896   1.000 935.00010 ? 1   DT A "C3'" 1 
ATOM   9   O "O3'" . DT A 1 1  ? -7.77695  -26.49006 3.45058   1.000 934.85535 ? 1   DT A "O3'" 1 
ATOM   10  C "C2'" . DT A 1 1  ? -8.32741  -24.76082 5.10479   1.000 934.23882 ? 1   DT A "C2'" 1 
ATOM   11  C "C1'" . DT A 1 1  ? -9.38245  -25.52417 5.88821   1.000 933.46027 ? 1   DT A "C1'" 1 
ATOM   12  N N1    . DT A 1 1  ? -10.13412 -24.67450 6.86975   1.000 932.79462 ? 1   DT A N1    1 
ATOM   13  C C2    . DT A 1 1  ? -11.49483 -24.83209 6.99001   1.000 931.59574 ? 1   DT A C2    1 
ATOM   14  O O2    . DT A 1 1  ? -12.13234 -25.64006 6.33983   1.000 930.96691 ? 1   DT A O2    1 
ATOM   15  N N3    . DT A 1 1  ? -12.09124 -24.00519 7.90278   1.000 931.04358 ? 1   DT A N3    1 
ATOM   16  C C4    . DT A 1 1  ? -11.47724 -23.05377 8.69269   1.000 931.63519 ? 1   DT A C4    1 
ATOM   17  O O4    . DT A 1 1  ? -12.10198 -22.35819 9.48652   1.000 931.11870 ? 1   DT A O4    1 
ATOM   18  C C5    . DT A 1 1  ? -10.04878 -22.93483 8.51717   1.000 932.79586 ? 1   DT A C5    1 
ATOM   19  C C7    . DT A 1 1  ? -9.27228  -21.93437 9.32004   1.000 933.30680 ? 1   DT A C7    1 
ATOM   20  C C6    . DT A 1 1  ? -9.45305  -23.73988 7.62245   1.000 933.27862 ? 1   DT A C6    1 
ATOM   21  P P     . DC A 1 2  ? -7.37520  -25.79723 2.05439   1.000 947.49900 ? 2   DC A P     1 
ATOM   22  O OP1   . DC A 1 2  ? -5.89991  -25.82466 1.94882   1.000 948.58259 ? 2   DC A OP1   1 
ATOM   23  O OP2   . DC A 1 2  ? -8.07819  -24.49881 1.98364   1.000 946.75975 ? 2   DC A OP2   1 
ATOM   24  O "O5'" . DC A 1 2  ? -7.98321  -26.76601 0.92768   1.000 947.11164 ? 2   DC A "O5'" 1 
ATOM   25  C "C5'" . DC A 1 2  ? -9.28818  -27.32894 1.07655   1.000 945.94431 ? 2   DC A "C5'" 1 
ATOM   26  C "C4'" . DC A 1 2  ? -10.32589 -26.55819 0.26830   1.000 944.57749 ? 2   DC A "C4'" 1 
ATOM   27  O "O4'" . DC A 1 2  ? -11.33021 -26.04945 1.17184   1.000 943.36766 ? 2   DC A "O4'" 1 
ATOM   28  C "C3'" . DC A 1 2  ? -9.78390  -25.35376 -0.50896  1.000 944.85834 ? 2   DC A "C3'" 1 
ATOM   29  O "O3'" . DC A 1 2  ? -9.86696  -25.54834 -1.94481  1.000 944.55355 ? 2   DC A "O3'" 1 
ATOM   30  C "C2'" . DC A 1 2  ? -10.59890 -24.14480 -0.03128  1.000 943.59081 ? 2   DC A "C2'" 1 
ATOM   31  C "C1'" . DC A 1 2  ? -11.72771 -24.75280 0.79364   1.000 942.40310 ? 2   DC A "C1'" 1 
ATOM   32  N N1    . DC A 1 2  ? -12.01676 -23.99096 2.01997   1.000 942.13803 ? 2   DC A N1    1 
ATOM   33  C C2    . DC A 1 2  ? -13.15420 -23.18356 2.08592   1.000 940.23974 ? 2   DC A C2    1 
ATOM   34  O O2    . DC A 1 2  ? -13.90244 -23.11269 1.10429   1.000 938.53026 ? 2   DC A O2    1 
ATOM   35  N N3    . DC A 1 2  ? -13.39629 -22.48658 3.22413   1.000 940.11755 ? 2   DC A N3    1 
ATOM   36  C C4    . DC A 1 2  ? -12.55759 -22.58717 4.25508   1.000 941.73028 ? 2   DC A C4    1 
ATOM   37  N N4    . DC A 1 2  ? -12.83131 -21.88850 5.36035   1.000 941.57002 ? 2   DC A N4    1 
ATOM   38  C C5    . DC A 1 2  ? -11.39759 -23.40367 4.19783   1.000 943.35155 ? 2   DC A C5    1 
ATOM   39  C C6    . DC A 1 2  ? -11.16993 -24.08447 3.07707   1.000 943.52541 ? 2   DC A C6    1 
ATOM   40  P P     . DT A 1 3  ? -11.23827 -25.92942 -2.70684  1.000 814.45793 ? 3   DT A P     1 
ATOM   41  O OP1   . DT A 1 3  ? -12.44452 -25.85388 -1.85995  1.000 812.76639 ? 3   DT A OP1   1 
ATOM   42  O OP2   . DT A 1 3  ? -10.93927 -27.21074 -3.37852  1.000 815.16089 ? 3   DT A OP2   1 
ATOM   43  O "O5'" . DT A 1 3  ? -11.37178 -24.80123 -3.84085  1.000 813.45318 ? 3   DT A "O5'" 1 
ATOM   44  C "C5'" . DT A 1 3  ? -11.32255 -23.40430 -3.49313  1.000 813.07544 ? 3   DT A "C5'" 1 
ATOM   45  C "C4'" . DT A 1 3  ? -12.58054 -22.67557 -3.95358  1.000 810.13724 ? 3   DT A "C4'" 1 
ATOM   46  O "O4'" . DT A 1 3  ? -13.33972 -22.23313 -2.79165  1.000 809.00858 ? 3   DT A "O4'" 1 
ATOM   47  C "C3'" . DT A 1 3  ? -12.34411 -21.40855 -4.78093  1.000 809.43220 ? 3   DT A "C3'" 1 
ATOM   48  O "O3'" . DT A 1 3  ? -13.44592 -21.21457 -5.68458  1.000 806.21459 ? 3   DT A "O3'" 1 
ATOM   49  C "C2'" . DT A 1 3  ? -12.32570 -20.33983 -3.69712  1.000 809.48757 ? 3   DT A "C2'" 1 
ATOM   50  C "C1'" . DT A 1 3  ? -13.47523 -20.82503 -2.83323  1.000 807.89530 ? 3   DT A "C1'" 1 
ATOM   51  N N1    . DT A 1 3  ? -13.47223 -20.29684 -1.43244  1.000 808.53229 ? 3   DT A N1    1 
ATOM   52  C C2    . DT A 1 3  ? -14.51185 -19.49517 -1.01792  1.000 806.16822 ? 3   DT A C2    1 
ATOM   53  O O2    . DT A 1 3  ? -15.43502 -19.17061 -1.74336  1.000 803.20985 ? 3   DT A O2    1 
ATOM   54  N N3    . DT A 1 3  ? -14.42743 -19.07359 0.28193   1.000 807.10728 ? 3   DT A N3    1 
ATOM   55  C C4    . DT A 1 3  ? -13.43266 -19.37420 1.19478   1.000 809.82074 ? 3   DT A C4    1 
ATOM   56  O O4    . DT A 1 3  ? -13.44563 -18.94668 2.34393   1.000 810.30876 ? 3   DT A O4    1 
ATOM   57  C C5    . DT A 1 3  ? -12.37496 -20.22315 0.69932   1.000 811.77427 ? 3   DT A C5    1 
ATOM   58  C C7    . DT A 1 3  ? -11.23636 -20.60968 1.59775   1.000 814.08730 ? 3   DT A C7    1 
ATOM   59  C C6    . DT A 1 3  ? -12.44638 -20.64177 -0.57518  1.000 811.17906 ? 3   DT A C6    1 
ATOM   60  P P     . DC A 1 4  ? -13.39382 -20.10149 -6.84892  1.000 803.20178 ? 4   DC A P     1 
ATOM   61  O OP1   . DC A 1 4  ? -13.24566 -20.81575 -8.13536  1.000 803.14409 ? 4   DC A OP1   1 
ATOM   62  O OP2   . DC A 1 4  ? -12.41856 -19.04944 -6.48975  1.000 805.09278 ? 4   DC A OP2   1 
ATOM   63  O "O5'" . DC A 1 4  ? -14.85914 -19.45156 -6.82722  1.000 798.67419 ? 4   DC A "O5'" 1 
ATOM   64  C "C5'" . DC A 1 4  ? -15.41083 -18.94713 -5.60988  1.000 797.89288 ? 4   DC A "C5'" 1 
ATOM   65  C "C4'" . DC A 1 4  ? -16.29100 -17.73851 -5.88010  1.000 793.80736 ? 4   DC A "C4'" 1 
ATOM   66  O "O4'" . DC A 1 4  ? -16.41502 -16.96004 -4.66840  1.000 794.16872 ? 4   DC A "O4'" 1 
ATOM   67  C "C3'" . DC A 1 4  ? -15.70430 -16.75643 -6.86078  1.000 793.38391 ? 4   DC A "C3'" 1 
ATOM   68  O "O3'" . DC A 1 4  ? -16.70121 -15.83297 -7.27311  1.000 788.49772 ? 4   DC A "O3'" 1 
ATOM   69  C "C2'" . DC A 1 4  ? -14.66135 -16.08409 -5.98378  1.000 796.93320 ? 4   DC A "C2'" 1 
ATOM   70  C "C1'" . DC A 1 4  ? -15.40916 -15.95606 -4.65673  1.000 796.19957 ? 4   DC A "C1'" 1 
ATOM   71  N N1    . DC A 1 4  ? -14.55335 -16.19011 -3.46577  1.000 800.11909 ? 4   DC A N1    1 
ATOM   72  C C2    . DC A 1 4  ? -14.91336 -15.63167 -2.23607  1.000 800.04547 ? 4   DC A C2    1 
ATOM   73  O O2    . DC A 1 4  ? -15.93026 -14.93198 -2.16656  1.000 796.84362 ? 4   DC A O2    1 
ATOM   74  N N3    . DC A 1 4  ? -14.13201 -15.86983 -1.15304  1.000 803.22675 ? 4   DC A N3    1 
ATOM   75  C C4    . DC A 1 4  ? -13.04093 -16.62852 -1.27268  1.000 806.05020 ? 4   DC A C4    1 
ATOM   76  N N4    . DC A 1 4  ? -12.29851 -16.83901 -0.18158  1.000 808.46591 ? 4   DC A N4    1 
ATOM   77  C C5    . DC A 1 4  ? -12.66138 -17.20637 -2.51737  1.000 806.26692 ? 4   DC A C5    1 
ATOM   78  C C6    . DC A 1 4  ? -13.43980 -16.96749 -3.57550  1.000 803.43393 ? 4   DC A C6    1 
ATOM   79  P P     . DT A 1 5  ? -16.83409 -15.42867 -8.82179  1.000 785.19091 ? 5   DT A P     1 
ATOM   80  O OP1   . DT A 1 5  ? -17.75457 -16.39022 -9.46851  1.000 782.02868 ? 5   DT A OP1   1 
ATOM   81  O OP2   . DT A 1 5  ? -15.46337 -15.25081 -9.34789  1.000 789.06724 ? 5   DT A OP2   1 
ATOM   82  O "O5'" . DT A 1 5  ? -17.52053 -13.98564 -8.78733  1.000 780.74242 ? 5   DT A "O5'" 1 
ATOM   83  C "C5'" . DT A 1 5  ? -16.71121 -12.81578 -8.81411  1.000 782.14215 ? 5   DT A "C5'" 1 
ATOM   84  C "C4'" . DT A 1 5  ? -16.64922 -12.16500 -7.44428  1.000 783.83918 ? 5   DT A "C4'" 1 
ATOM   85  O "O4'" . DT A 1 5  ? -15.80484 -12.95544 -6.56367  1.000 789.17715 ? 5   DT A "O4'" 1 
ATOM   86  C "C3'" . DT A 1 5  ? -16.06028 -10.75588 -7.43031  1.000 784.13609 ? 5   DT A "C3'" 1 
ATOM   87  O "O3'" . DT A 1 5  ? -16.74229 -9.96101  -6.47486  1.000 782.33625 ? 5   DT A "O3'" 1 
ATOM   88  C "C2'" . DT A 1 5  ? -14.61316 -11.00005 -7.01949  1.000 790.09763 ? 5   DT A "C2'" 1 
ATOM   89  C "C1'" . DT A 1 5  ? -14.78717 -12.13545 -6.02805  1.000 792.32898 ? 5   DT A "C1'" 1 
ATOM   90  N N1    . DT A 1 5  ? -13.56281 -12.95919 -5.83898  1.000 797.17300 ? 5   DT A N1    1 
ATOM   91  C C2    . DT A 1 5  ? -13.05296 -13.11670 -4.57284  1.000 800.22325 ? 5   DT A C2    1 
ATOM   92  O O2    . DT A 1 5  ? -13.55208 -12.60771 -3.58435  1.000 799.55788 ? 5   DT A O2    1 
ATOM   93  N N3    . DT A 1 5  ? -11.92733 -13.89318 -4.50119  1.000 803.84229 ? 5   DT A N3    1 
ATOM   94  C C4    . DT A 1 5  ? -11.27623 -14.51912 -5.54850  1.000 804.99416 ? 5   DT A C4    1 
ATOM   95  O O4    . DT A 1 5  ? -10.26910 -15.20004 -5.38222  1.000 807.98048 ? 5   DT A O4    1 
ATOM   96  C C5    . DT A 1 5  ? -11.86377 -14.31423 -6.85195  1.000 802.11336 ? 5   DT A C5    1 
ATOM   97  C C7    . DT A 1 5  ? -11.24599 -14.94485 -8.06451  1.000 803.19690 ? 5   DT A C7    1 
ATOM   98  C C6    . DT A 1 5  ? -12.96003 -13.54361 -6.93555  1.000 798.21254 ? 5   DT A C6    1 
ATOM   99  P P     . DA A 1 6  ? -16.98903 -8.39947  -6.75547  1.000 778.80403 ? 6   DA A P     1 
ATOM   100 O OP1   . DA A 1 6  ? -18.42209 -8.11523  -6.51823  1.000 773.40938 ? 6   DA A OP1   1 
ATOM   101 O OP2   . DA A 1 6  ? -16.38849 -8.09552  -8.07295  1.000 778.05232 ? 6   DA A OP2   1 
ATOM   102 O "O5'" . DA A 1 6  ? -16.11268 -7.66609  -5.63543  1.000 783.14758 ? 6   DA A "O5'" 1 
ATOM   103 C "C5'" . DA A 1 6  ? -15.61821 -8.40507  -4.52268  1.000 787.72413 ? 6   DA A "C5'" 1 
ATOM   104 C "C4'" . DA A 1 6  ? -14.89350 -7.49491  -3.54769  1.000 790.61344 ? 6   DA A "C4'" 1 
ATOM   105 O "O4'" . DA A 1 6  ? -14.08407 -8.30043  -2.64720  1.000 795.23515 ? 6   DA A "O4'" 1 
ATOM   106 C "C3'" . DA A 1 6  ? -13.91879 -6.51490  -4.18697  1.000 791.43954 ? 6   DA A "C3'" 1 
ATOM   107 O "O3'" . DA A 1 6  ? -13.77558 -5.37226  -3.35245  1.000 791.92073 ? 6   DA A "O3'" 1 
ATOM   108 C "C2'" . DA A 1 6  ? -12.63944 -7.33469  -4.21651  1.000 796.04152 ? 6   DA A "C2'" 1 
ATOM   109 C "C1'" . DA A 1 6  ? -12.71476 -8.00476  -2.85298  1.000 798.37826 ? 6   DA A "C1'" 1 
ATOM   110 N N9    . DA A 1 6  ? -11.94948 -9.24522  -2.75690  1.000 801.59429 ? 6   DA A N9    1 
ATOM   111 C C8    . DA A 1 6  ? -11.80121 -10.19970 -3.72252  1.000 801.73383 ? 6   DA A C8    1 
ATOM   112 N N7    . DA A 1 6  ? -11.05806 -11.21662 -3.35203  1.000 804.77445 ? 6   DA A N7    1 
ATOM   113 C C5    . DA A 1 6  ? -10.69773 -10.91030 -2.05176  1.000 806.51585 ? 6   DA A C5    1 
ATOM   114 C C6    . DA A 1 6  ? -9.90655  -11.58643 -1.10130  1.000 809.30843 ? 6   DA A C6    1 
ATOM   115 N N6    . DA A 1 6  ? -9.32492  -12.76832 -1.33277  1.000 810.92814 ? 6   DA A N6    1 
ATOM   116 N N1    . DA A 1 6  ? -9.74375  -11.00182 0.10467   1.000 810.08934 ? 6   DA A N1    1 
ATOM   117 C C2    . DA A 1 6  ? -10.32699 -9.81879  0.33232   1.000 808.48985 ? 6   DA A C2    1 
ATOM   118 N N3    . DA A 1 6  ? -11.09024 -9.09004  -0.48068  1.000 805.79167 ? 6   DA A N3    1 
ATOM   119 C C4    . DA A 1 6  ? -11.23911 -9.69861  -1.66782  1.000 804.78326 ? 6   DA A C4    1 
ATOM   120 P P     . DC A 1 7  ? -13.31123 -3.96386  -3.97089  1.000 790.63769 ? 7   DC A P     1 
ATOM   121 O OP1   . DC A 1 7  ? -14.50133 -3.34399  -4.59505  1.000 785.00896 ? 7   DC A OP1   1 
ATOM   122 O OP2   . DC A 1 7  ? -12.09242 -4.19906  -4.77681  1.000 793.19955 ? 7   DC A OP2   1 
ATOM   123 O "O5'" . DC A 1 7  ? -12.89279 -3.10150  -2.68801  1.000 792.98151 ? 7   DC A "O5'" 1 
ATOM   124 C "C5'" . DC A 1 7  ? -11.62242 -2.45506  -2.64561  1.000 795.76089 ? 7   DC A "C5'" 1 
ATOM   125 C "C4'" . DC A 1 7  ? -10.82013 -2.90899  -1.43674  1.000 799.93712 ? 7   DC A "C4'" 1 
ATOM   126 O "O4'" . DC A 1 7  ? -10.87329 -4.34401  -1.34544  1.000 801.32625 ? 7   DC A "O4'" 1 
ATOM   127 C "C3'" . DC A 1 7  ? -9.33788  -2.57678  -1.49233  1.000 802.82372 ? 7   DC A "C3'" 1 
ATOM   128 O "O3'" . DC A 1 7  ? -9.09590  -1.29337  -0.90491  1.000 802.77011 ? 7   DC A "O3'" 1 
ATOM   129 C "C2'" . DC A 1 7  ? -8.69351  -3.69204  -0.65671  1.000 806.03865 ? 7   DC A "C2'" 1 
ATOM   130 C "C1'" . DC A 1 7  ? -9.71709  -4.82196  -0.68765  1.000 804.98799 ? 7   DC A "C1'" 1 
ATOM   131 N N1    . DC A 1 7  ? -9.26840  -6.08143  -1.37568  1.000 806.25363 ? 7   DC A N1    1 
ATOM   132 C C2    . DC A 1 7  ? -8.48930  -7.02368  -0.68589  1.000 809.05138 ? 7   DC A C2    1 
ATOM   133 O O2    . DC A 1 7  ? -8.13530  -6.78475  0.47425   1.000 810.35310 ? 7   DC A O2    1 
ATOM   134 N N3    . DC A 1 7  ? -8.13201  -8.17178  -1.32155  1.000 810.02564 ? 7   DC A N3    1 
ATOM   135 C C4    . DC A 1 7  ? -8.53051  -8.39262  -2.57601  1.000 808.50767 ? 7   DC A C4    1 
ATOM   136 N N4    . DC A 1 7  ? -8.16063  -9.53621  -3.16448  1.000 809.64451 ? 7   DC A N4    1 
ATOM   137 C C5    . DC A 1 7  ? -9.33161  -7.45255  -3.28412  1.000 805.46040 ? 7   DC A C5    1 
ATOM   138 C C6    . DC A 1 7  ? -9.67906  -6.32795  -2.65074  1.000 804.33383 ? 7   DC A C6    1 
ATOM   139 P P     . DT A 1 8  ? -8.72852  -0.01717  -1.81587  1.000 801.10983 ? 8   DT A P     1 
ATOM   140 O OP1   . DT A 1 8  ? -8.46188  1.11009   -0.89636  1.000 801.62864 ? 8   DT A OP1   1 
ATOM   141 O OP2   . DT A 1 8  ? -9.77998  0.12272   -2.84607  1.000 797.17017 ? 8   DT A OP2   1 
ATOM   142 O "O5'" . DT A 1 8  ? -7.36142  -0.41729  -2.55532  1.000 803.45798 ? 8   DT A "O5'" 1 
ATOM   143 C "C5'" . DT A 1 8  ? -6.11258  -0.38653  -1.85172  1.000 806.46245 ? 8   DT A "C5'" 1 
ATOM   144 C "C4'" . DT A 1 8  ? -5.81346  -1.74767  -1.25603  1.000 808.75884 ? 8   DT A "C4'" 1 
ATOM   145 O "O4'" . DT A 1 8  ? -6.22544  -2.76644  -2.17267  1.000 808.24449 ? 8   DT A "O4'" 1 
ATOM   146 C "C3'" . DT A 1 8  ? -4.33932  -2.05184  -0.96062  1.000 811.37177 ? 8   DT A "C3'" 1 
ATOM   147 O "O3'" . DT A 1 8  ? -4.12765  -2.04791  0.44539   1.000 812.47295 ? 8   DT A "O3'" 1 
ATOM   148 C "C2'" . DT A 1 8  ? -4.10917  -3.45971  -1.57149  1.000 812.45250 ? 8   DT A "C2'" 1 
ATOM   149 C "C1'" . DT A 1 8  ? -5.52568  -3.92109  -1.83308  1.000 810.64378 ? 8   DT A "C1'" 1 
ATOM   150 N N1    . DT A 1 8  ? -5.74021  -4.94196  -2.91070  1.000 810.40541 ? 8   DT A N1    1 
ATOM   151 C C2    . DT A 1 8  ? -5.30061  -6.23259  -2.72694  1.000 812.26696 ? 8   DT A C2    1 
ATOM   152 O O2    . DT A 1 8  ? -4.66823  -6.59269  -1.74969  1.000 813.94845 ? 8   DT A O2    1 
ATOM   153 N N3    . DT A 1 8  ? -5.60356  -7.09015  -3.75365  1.000 811.84566 ? 8   DT A N3    1 
ATOM   154 C C4    . DT A 1 8  ? -6.31057  -6.79875  -4.90746  1.000 809.57561 ? 8   DT A C4    1 
ATOM   155 O O4    . DT A 1 8  ? -6.53190  -7.63967  -5.77209  1.000 809.26588 ? 8   DT A O4    1 
ATOM   156 C C5    . DT A 1 8  ? -6.76829  -5.43651  -5.02216  1.000 807.31505 ? 8   DT A C5    1 
ATOM   157 C C7    . DT A 1 8  ? -7.54594  -5.00088  -6.22912  1.000 804.04303 ? 8   DT A C7    1 
ATOM   158 C C6    . DT A 1 8  ? -6.47707  -4.58908  -4.02456  1.000 807.92352 ? 8   DT A C6    1 
ATOM   159 P P     . DG A 1 9  ? -3.39660  -0.79824  1.13923   1.000 812.71303 ? 9   DG A P     1 
ATOM   160 O OP1   . DG A 1 9  ? -2.60960  -1.30819  2.28309   1.000 814.32961 ? 9   DG A OP1   1 
ATOM   161 O OP2   . DG A 1 9  ? -4.40244  0.26454   1.36234   1.000 810.91204 ? 9   DG A OP2   1 
ATOM   162 O "O5'" . DG A 1 9  ? -2.39665  -0.28515  0.00611   1.000 812.76600 ? 9   DG A "O5'" 1 
ATOM   163 C "C5'" . DG A 1 9  ? -1.02479  -0.11882  0.29823   1.000 814.05055 ? 9   DG A "C5'" 1 
ATOM   164 C "C4'" . DG A 1 9  ? -0.24343  -1.38837  0.00514   1.000 815.52139 ? 9   DG A "C4'" 1 
ATOM   165 O "O4'" . DG A 1 9  ? -1.07217  -2.33355  -0.69428  1.000 815.31446 ? 9   DG A "O4'" 1 
ATOM   166 C "C3'" . DG A 1 9  ? 0.94010   -1.19590  -0.91254  1.000 816.02303 ? 9   DG A "C3'" 1 
ATOM   167 O "O3'" . DG A 1 9  ? 2.07966   -0.77863  -0.15456  1.000 816.56551 ? 9   DG A "O3'" 1 
ATOM   168 C "C2'" . DG A 1 9  ? 1.13502   -2.59491  -1.52665  1.000 817.04465 ? 9   DG A "C2'" 1 
ATOM   169 C "C1'" . DG A 1 9  ? -0.23336  -3.25830  -1.36616  1.000 816.50145 ? 9   DG A "C1'" 1 
ATOM   170 N N9    . DG A 1 9  ? -0.88861  -3.66419  -2.61766  1.000 815.86695 ? 9   DG A N9    1 
ATOM   171 C C8    . DG A 1 9  ? -1.71474  -2.89517  -3.40160  1.000 814.06792 ? 9   DG A C8    1 
ATOM   172 N N7    . DG A 1 9  ? -2.20282  -3.53108  -4.42929  1.000 813.52828 ? 9   DG A N7    1 
ATOM   173 C C5    . DG A 1 9  ? -1.65707  -4.80300  -4.33607  1.000 815.32560 ? 9   DG A C5    1 
ATOM   174 C C6    . DG A 1 9  ? -1.81798  -5.92334  -5.18546  1.000 815.70808 ? 9   DG A C6    1 
ATOM   175 O O6    . DG A 1 9  ? -2.49624  -6.00815  -6.21833  1.000 814.44010 ? 9   DG A O6    1 
ATOM   176 N N1    . DG A 1 9  ? -1.09211  -7.02234  -4.73595  1.000 817.51446 ? 9   DG A N1    1 
ATOM   177 C C2    . DG A 1 9  ? -0.30702  -7.03954  -3.60523  1.000 818.52093 ? 9   DG A C2    1 
ATOM   178 N N2    . DG A 1 9  ? 0.31985   -8.19628  -3.33200  1.000 819.74859 ? 9   DG A N2    1 
ATOM   179 N N3    . DG A 1 9  ? -0.14653  -5.99234  -2.79623  1.000 818.12047 ? 9   DG A N3    1 
ATOM   180 C C4    . DG A 1 9  ? -0.84997  -4.91082  -3.22296  1.000 816.64925 ? 9   DG A C4    1 
ATOM   181 P P     . DT A 1 10 ? 2.47643   0.78010   -0.08064  1.000 815.66998 ? 10  DT A P     1 
ATOM   182 O OP1   . DT A 1 10 ? 2.61754   1.13351   1.34952   1.000 815.69670 ? 10  DT A OP1   1 
ATOM   183 O OP2   . DT A 1 10 ? 1.52383   1.52400   -0.93331  1.000 814.29964 ? 10  DT A OP2   1 
ATOM   184 O "O5'" . DT A 1 10 ? 3.92453   0.86616   -0.76650  1.000 816.22615 ? 10  DT A "O5'" 1 
ATOM   185 C "C5'" . DT A 1 10 ? 4.08560   0.59842   -2.16229  1.000 816.37038 ? 10  DT A "C5'" 1 
ATOM   186 C "C4'" . DT A 1 10 ? 4.09171   -0.89698  -2.41516  1.000 817.49357 ? 10  DT A "C4'" 1 
ATOM   187 O "O4'" . DT A 1 10 ? 3.06596   -1.24234  -3.35995  1.000 817.08198 ? 10  DT A "O4'" 1 
ATOM   188 C "C3'" . DT A 1 10 ? 5.39196   -1.48783  -2.96252  1.000 818.49711 ? 10  DT A "C3'" 1 
ATOM   189 O "O3'" . DT A 1 10 ? 5.90240   -2.47099  -2.04098  1.000 819.23571 ? 10  DT A "O3'" 1 
ATOM   190 C "C2'" . DT A 1 10 ? 4.96472   -2.12539  -4.30333  1.000 818.79935 ? 10  DT A "C2'" 1 
ATOM   191 C "C1'" . DT A 1 10 ? 3.48823   -2.37646  -4.05412  1.000 818.15748 ? 10  DT A "C1'" 1 
ATOM   192 N N1    . DT A 1 10 ? 2.62828   -2.49706  -5.26539  1.000 817.49946 ? 10  DT A N1    1 
ATOM   193 C C2    . DT A 1 10 ? 2.57206   -3.68704  -5.96554  1.000 818.31825 ? 10  DT A C2    1 
ATOM   194 O O2    . DT A 1 10 ? 3.24244   -4.66460  -5.68354  1.000 819.59557 ? 10  DT A O2    1 
ATOM   195 N N3    . DT A 1 10 ? 1.71781   -3.66855  -7.04379  1.000 817.32721 ? 10  DT A N3    1 
ATOM   196 C C4    . DT A 1 10 ? 0.91454   -2.61816  -7.45295  1.000 815.35572 ? 10  DT A C4    1 
ATOM   197 O O4    . DT A 1 10 ? 0.18301   -2.69229  -8.42863  1.000 814.10762 ? 10  DT A O4    1 
ATOM   198 C C5    . DT A 1 10 ? 1.00833   -1.42014  -6.66096  1.000 814.57870 ? 10  DT A C5    1 
ATOM   199 C C7    . DT A 1 10 ? 0.18592   -0.21656  -7.01492  1.000 812.15045 ? 10  DT A C7    1 
ATOM   200 C C6    . DT A 1 10 ? 1.83972   -1.42195  -5.61509  1.000 815.79614 ? 10  DT A C6    1 
ATOM   201 P P     . DG A 1 11 ? 5.72638   -2.28332  -0.44830  1.000 818.86744 ? 11  DG A P     1 
ATOM   202 O OP1   . DG A 1 11 ? 4.41883   -2.85171  -0.05044  1.000 818.81920 ? 11  DG A OP1   1 
ATOM   203 O OP2   . DG A 1 11 ? 6.07555   -0.88939  -0.09905  1.000 818.07500 ? 11  DG A OP2   1 
ATOM   204 O "O5'" . DG A 1 11 ? 6.85782   -3.21872  0.18762   1.000 819.39610 ? 11  DG A "O5'" 1 
ATOM   205 C "C5'" . DG A 1 11 ? 6.55286   -4.04115  1.32125   1.000 819.46386 ? 11  DG A "C5'" 1 
ATOM   206 C "C4'" . DG A 1 11 ? 6.98074   -3.37763  2.62455   1.000 818.81171 ? 11  DG A "C4'" 1 
ATOM   207 O "O4'" . DG A 1 11 ? 8.29268   -2.79010  2.45880   1.000 818.51937 ? 11  DG A "O4'" 1 
ATOM   208 C "C3'" . DG A 1 11 ? 6.05753   -2.26717  3.12987   1.000 818.22756 ? 11  DG A "C3'" 1 
ATOM   209 O "O3'" . DG A 1 11 ? 5.63086   -2.50938  4.51054   1.000 818.00917 ? 11  DG A "O3'" 1 
ATOM   210 C "C2'" . DG A 1 11 ? 6.85778   -0.97168  2.95280   1.000 817.66584 ? 11  DG A "C2'" 1 
ATOM   211 C "C1'" . DG A 1 11 ? 8.30492   -1.44932  2.89881   1.000 817.80937 ? 11  DG A "C1'" 1 
ATOM   212 N N9    . DG A 1 11 ? 9.13200   -0.69001  1.97182   1.000 817.64348 ? 11  DG A N9    1 
ATOM   213 C C8    . DG A 1 11 ? 8.92564   -0.53096  0.62388   1.000 817.94675 ? 11  DG A C8    1 
ATOM   214 N N7    . DG A 1 11 ? 9.83648   0.19219   0.04027   1.000 817.66183 ? 11  DG A N7    1 
ATOM   215 C C5    . DG A 1 11 ? 10.70908  0.52761   1.06506   1.000 817.10871 ? 11  DG A C5    1 
ATOM   216 C C6    . DG A 1 11 ? 11.88878  1.30090   1.03360   1.000 816.52271 ? 11  DG A C6    1 
ATOM   217 O O6    . DG A 1 11 ? 12.41411  1.85832   0.06099   1.000 816.43000 ? 11  DG A O6    1 
ATOM   218 N N1    . DG A 1 11 ? 12.47254  1.39674   2.29159   1.000 815.92360 ? 11  DG A N1    1 
ATOM   219 C C2    . DG A 1 11 ? 11.97933  0.81750   3.43611   1.000 815.90613 ? 11  DG A C2    1 
ATOM   220 N N2    . DG A 1 11 ? 12.67845  1.02183   4.55940   1.000 815.17159 ? 11  DG A N2    1 
ATOM   221 N N3    . DG A 1 11 ? 10.87100  0.09171   3.47951   1.000 816.49285 ? 11  DG A N3    1 
ATOM   222 C C4    . DG A 1 11 ? 10.29162  -0.01060  2.25956   1.000 817.07039 ? 11  DG A C4    1 
ATOM   223 P P     . DG A 1 12 ? 6.63835   -2.44733  5.77227   1.000 817.54556 ? 12  DG A P     1 
ATOM   224 O OP1   . DG A 1 12 ? 7.88569   -3.19376  5.50240   1.000 817.66050 ? 12  DG A OP1   1 
ATOM   225 O OP2   . DG A 1 12 ? 5.83122   -2.82779  6.95044   1.000 817.43008 ? 12  DG A OP2   1 
ATOM   226 O "O5'" . DG A 1 12 ? 6.98146   -0.89586  5.93820   1.000 816.87771 ? 12  DG A "O5'" 1 
ATOM   227 C "C5'" . DG A 1 12 ? 6.54431   -0.18986  7.08838   1.000 816.36826 ? 12  DG A "C5'" 1 
ATOM   228 C "C4'" . DG A 1 12 ? 7.71180   0.11349   8.00843   1.000 815.75055 ? 12  DG A "C4'" 1 
ATOM   229 O "O4'" . DG A 1 12 ? 8.88839   0.41159   7.22291   1.000 815.58914 ? 12  DG A "O4'" 1 
ATOM   230 C "C3'" . DG A 1 12 ? 7.52821   1.32908   8.88591   1.000 815.11652 ? 12  DG A "C3'" 1 
ATOM   231 O "O3'" . DG A 1 12 ? 8.38941   1.23122   10.01193  1.000 814.53976 ? 12  DG A "O3'" 1 
ATOM   232 C "C2'" . DG A 1 12 ? 7.93838   2.46609   7.94425   1.000 814.83712 ? 12  DG A "C2'" 1 
ATOM   233 C "C1'" . DG A 1 12 ? 9.04529   1.81730   7.10453   1.000 815.05406 ? 12  DG A "C1'" 1 
ATOM   234 N N9    . DG A 1 12 ? 8.99329   2.15074   5.68008   1.000 815.31421 ? 12  DG A N9    1 
ATOM   235 C C8    . DG A 1 12 ? 8.03002   1.76268   4.78062   1.000 815.86092 ? 12  DG A C8    1 
ATOM   236 N N7    . DG A 1 12 ? 8.24769   2.18366   3.56775   1.000 815.86583 ? 12  DG A N7    1 
ATOM   237 C C5    . DG A 1 12 ? 9.43753   2.89253   3.66080   1.000 815.34616 ? 12  DG A C5    1 
ATOM   238 C C6    . DG A 1 12 ? 10.16663  3.57649   2.66003   1.000 815.08194 ? 12  DG A C6    1 
ATOM   239 O O6    . DG A 1 12 ? 9.89069   3.69173   1.45807   1.000 815.25177 ? 12  DG A O6    1 
ATOM   240 N N1    . DG A 1 12 ? 11.32334  4.16277   3.17092   1.000 814.46813 ? 12  DG A N1    1 
ATOM   241 C C2    . DG A 1 12 ? 11.72444  4.09620   4.48689   1.000 814.08829 ? 12  DG A C2    1 
ATOM   242 N N2    . DG A 1 12 ? 12.87051  4.72649   4.79576   1.000 813.38044 ? 12  DG A N2    1 
ATOM   243 N N3    . DG A 1 12 ? 11.04686  3.45579   5.43777   1.000 814.30777 ? 12  DG A N3    1 
ATOM   244 C C4    . DG A 1 12 ? 9.91714   2.87816   4.95297   1.000 814.97349 ? 12  DG A C4    1 
ATOM   245 P P     . DA A 1 13 ? 8.42338   2.40142   11.10865  1.000 813.81830 ? 13  DA A P     1 
ATOM   246 O OP1   . DA A 1 13 ? 8.89135   1.82619   12.38893  1.000 813.34346 ? 13  DA A OP1   1 
ATOM   247 O OP2   . DA A 1 13 ? 7.12592   3.10994   11.05492  1.000 814.04129 ? 13  DA A OP2   1 
ATOM   248 O "O5'" . DA A 1 13 ? 9.54284   3.39139   10.55492  1.000 813.28029 ? 13  DA A "O5'" 1 
ATOM   249 C "C5'" . DA A 1 13 ? 9.48630   4.75581   10.88367  1.000 812.75144 ? 13  DA A "C5'" 1 
ATOM   250 C "C4'" . DA A 1 13 ? 10.74260  5.47020   10.43687  1.000 812.16453 ? 13  DA A "C4'" 1 
ATOM   251 O "O4'" . DA A 1 13 ? 10.92774  5.28273   9.00542   1.000 812.56645 ? 13  DA A "O4'" 1 
ATOM   252 C "C3'" . DA A 1 13 ? 10.70961  6.97369   10.65004  1.000 811.57019 ? 13  DA A "C3'" 1 
ATOM   253 O "O3'" . DA A 1 13 ? 12.01799  7.45934   10.89200  1.000 810.83309 ? 13  DA A "O3'" 1 
ATOM   254 C "C2'" . DA A 1 13 ? 10.16494  7.47175   9.32106   1.000 811.81682 ? 13  DA A "C2'" 1 
ATOM   255 C "C1'" . DA A 1 13 ? 10.86557  6.53604   8.35087   1.000 812.21926 ? 13  DA A "C1'" 1 
ATOM   256 N N9    . DA A 1 13 ? 10.16255  6.36557   7.07891   1.000 812.73709 ? 13  DA A N9    1 
ATOM   257 C C8    . DA A 1 13 ? 9.01884   5.64943   6.86025   1.000 813.37441 ? 13  DA A C8    1 
ATOM   258 N N7    . DA A 1 13 ? 8.61405   5.66467   5.61167   1.000 813.59569 ? 13  DA A N7    1 
ATOM   259 C C5    . DA A 1 13 ? 9.55848   6.44388   4.96335   1.000 813.10513 ? 13  DA A C5    1 
ATOM   260 C C6    . DA A 1 13 ? 9.69847   6.84330   3.61703   1.000 812.96711 ? 13  DA A C6    1 
ATOM   261 N N6    . DA A 1 13 ? 8.84162   6.49041   2.65365   1.000 813.27657 ? 13  DA A N6    1 
ATOM   262 N N1    . DA A 1 13 ? 10.75603  7.62159   3.29942   1.000 812.39719 ? 13  DA A N1    1 
ATOM   263 C C2    . DA A 1 13 ? 11.61106  7.97186   4.27007   1.000 811.96845 ? 13  DA A C2    1 
ATOM   264 N N3    . DA A 1 13 ? 11.58405  7.65703   5.56774   1.000 811.98365 ? 13  DA A N3    1 
ATOM   265 C C4    . DA A 1 13 ? 10.52225  6.88374   5.85117   1.000 812.58693 ? 13  DA A C4    1 
ATOM   266 P P     . DT A 1 14 ? 12.25418  8.59857   11.99824  1.000 915.77240 ? 14  DT A P     1 
ATOM   267 O OP1   . DT A 1 14 ? 13.27609  8.08932   12.94031  1.000 915.21365 ? 14  DT A OP1   1 
ATOM   268 O OP2   . DT A 1 14 ? 10.91942  8.99811   12.50050  1.000 916.06146 ? 14  DT A OP2   1 
ATOM   269 O "O5'" . DT A 1 14 ? 12.87331  9.82161   11.16790  1.000 915.26942 ? 14  DT A "O5'" 1 
ATOM   270 C "C5'" . DT A 1 14 ? 12.44488  10.06144  9.82877   1.000 915.57463 ? 14  DT A "C5'" 1 
ATOM   271 C "C4'" . DT A 1 14 ? 13.31509  11.10358  9.15040   1.000 914.91452 ? 14  DT A "C4'" 1 
ATOM   272 O "O4'" . DT A 1 14 ? 13.11395  11.03857  7.71495   1.000 915.18595 ? 14  DT A "O4'" 1 
ATOM   273 C "C3'" . DT A 1 14 ? 12.99262  12.53704  9.51481   1.000 914.28854 ? 14  DT A "C3'" 1 
ATOM   274 O "O3'" . DT A 1 14 ? 14.11767  13.36232  9.23969   1.000 913.56655 ? 14  DT A "O3'" 1 
ATOM   275 C "C2'" . DT A 1 14 ? 11.83428  12.83424  8.56925   1.000 914.48052 ? 14  DT A "C2'" 1 
ATOM   276 C "C1'" . DT A 1 14 ? 12.27644  12.10672  7.29655   1.000 914.82594 ? 14  DT A "C1'" 1 
ATOM   277 N N1    . DT A 1 14 ? 11.14467  11.52386  6.48860   1.000 915.39726 ? 14  DT A N1    1 
ATOM   278 C C2    . DT A 1 14 ? 11.06349  11.78691  5.13110   1.000 915.20511 ? 14  DT A C2    1 
ATOM   279 O O2    . DT A 1 14 ? 11.85968  12.49161  4.53716   1.000 914.61251 ? 14  DT A O2    1 
ATOM   280 N N3    . DT A 1 14 ? 9.99979   11.18757  4.49551   1.000 915.65583 ? 14  DT A N3    1 
ATOM   281 C C4    . DT A 1 14 ? 9.03886   10.37216  5.06888   1.000 916.30452 ? 14  DT A C4    1 
ATOM   282 O O4    . DT A 1 14 ? 8.12091   9.87716   4.42755   1.000 916.59620 ? 14  DT A O4    1 
ATOM   283 C C5    . DT A 1 14 ? 9.18717   10.13677  6.47995   1.000 916.51663 ? 14  DT A C5    1 
ATOM   284 C C7    . DT A 1 14 ? 8.19589   9.26996   7.19528   1.000 917.16166 ? 14  DT A C7    1 
ATOM   285 C C6    . DT A 1 14 ? 10.21972  10.71253  7.11540   1.000 916.03384 ? 14  DT A C6    1 
ATOM   286 P P     . DG A 1 15 ? 14.40503  14.67137  10.12581  1.000 869.67487 ? 15  DG A P     1 
ATOM   287 O OP1   . DG A 1 15 ? 15.85561  14.71842  10.41500  1.000 869.14816 ? 15  DG A OP1   1 
ATOM   288 O OP2   . DG A 1 15 ? 13.42858  14.68892  11.23680  1.000 869.93032 ? 15  DG A OP2   1 
ATOM   289 O "O5'" . DG A 1 15 ? 14.03908  15.87473  9.14429   1.000 869.18138 ? 15  DG A "O5'" 1 
ATOM   290 C "C5'" . DG A 1 15 ? 14.42362  15.81419  7.78029   1.000 869.07413 ? 15  DG A "C5'" 1 
ATOM   291 C "C4'" . DG A 1 15 ? 13.40506  16.52340  6.91386   1.000 868.74867 ? 15  DG A "C4'" 1 
ATOM   292 O "O4'" . DG A 1 15 ? 12.59659  15.55518  6.22175   1.000 869.41456 ? 15  DG A "O4'" 1 
ATOM   293 C "C3'" . DG A 1 15 ? 12.39497  17.36084  7.67919   1.000 868.44824 ? 15  DG A "C3'" 1 
ATOM   294 O "O3'" . DG A 1 15 ? 12.90648  18.69780  7.92431   1.000 867.56513 ? 15  DG A "O3'" 1 
ATOM   295 C "C2'" . DG A 1 15 ? 11.15890  17.35040  6.76861   1.000 868.35683 ? 15  DG A "C2'" 1 
ATOM   296 C "C1'" . DG A 1 15 ? 11.43156  16.20939  5.77865   1.000 868.95758 ? 15  DG A "C1'" 1 
ATOM   297 N N9    . DG A 1 15 ? 10.33162  15.25318  5.70040   1.000 869.68011 ? 15  DG A N9    1 
ATOM   298 C C8    . DG A 1 15 ? 9.81520   14.50361  6.72632   1.000 870.44054 ? 15  DG A C8    1 
ATOM   299 N N7    . DG A 1 15 ? 8.81924   13.74603  6.36957   1.000 870.94053 ? 15  DG A N7    1 
ATOM   300 C C5    . DG A 1 15 ? 8.64868   14.02533  5.02246   1.000 870.42113 ? 15  DG A C5    1 
ATOM   301 C C6    . DG A 1 15 ? 7.71532   13.50667  4.10288   1.000 870.48806 ? 15  DG A C6    1 
ATOM   302 O O6    . DG A 1 15 ? 6.82773   12.67070  4.30648   1.000 871.10525 ? 15  DG A O6    1 
ATOM   303 N N1    . DG A 1 15 ? 7.88407   14.05260  2.83381   1.000 869.62702 ? 15  DG A N1    1 
ATOM   304 C C2    . DG A 1 15 ? 8.83482   14.98715  2.49732   1.000 868.85417 ? 15  DG A C2    1 
ATOM   305 N N2    . DG A 1 15 ? 8.84223   15.39763  1.21954   1.000 867.97306 ? 15  DG A N2    1 
ATOM   306 N N3    . DG A 1 15 ? 9.72005   15.48235  3.35352   1.000 868.84234 ? 15  DG A N3    1 
ATOM   307 C C4    . DG A 1 15 ? 9.56875   14.95479  4.59393   1.000 869.62839 ? 15  DG A C4    1 
ATOM   308 P P     . DA A 1 16 ? 12.79945  19.87345  6.82539   1.000 865.19140 ? 16  DA A P     1 
ATOM   309 O OP1   . DA A 1 16 ? 13.26322  19.33795  5.52508   1.000 865.19129 ? 16  DA A OP1   1 
ATOM   310 O OP2   . DA A 1 16 ? 13.49951  21.04222  7.40355   1.000 864.51044 ? 16  DA A OP2   1 
ATOM   311 O "O5'" . DA A 1 16 ? 11.23836  20.25459  6.78941   1.000 864.91290 ? 16  DA A "O5'" 1 
ATOM   312 C "C5'" . DA A 1 16 ? 10.72818  21.16648  5.81297   1.000 863.73539 ? 16  DA A "C5'" 1 
ATOM   313 C "C4'" . DA A 1 16 ? 10.65773  20.52190  4.43596   1.000 863.62352 ? 16  DA A "C4'" 1 
ATOM   314 O "O4'" . DA A 1 16 ? 10.09378  19.18502  4.53586   1.000 864.77156 ? 16  DA A "O4'" 1 
ATOM   315 C "C3'" . DA A 1 16 ? 9.78903   21.25528  3.42049   1.000 862.21070 ? 16  DA A "C3'" 1 
ATOM   316 O "O3'" . DA A 1 16 ? 10.36831  21.13114  2.12937   1.000 861.73816 ? 16  DA A "O3'" 1 
ATOM   317 C "C2'" . DA A 1 16 ? 8.47183   20.49025  3.50885   1.000 862.63900 ? 16  DA A "C2'" 1 
ATOM   318 C "C1'" . DA A 1 16 ? 8.99533   19.07699  3.65381   1.000 864.23819 ? 16  DA A "C1'" 1 
ATOM   319 N N9    . DA A 1 16 ? 8.04595   18.10873  4.21012   1.000 865.20320 ? 16  DA A N9    1 
ATOM   320 C C8    . DA A 1 16 ? 8.05823   17.59649  5.47615   1.000 866.25603 ? 16  DA A C8    1 
ATOM   321 N N7    . DA A 1 16 ? 7.11365   16.71890  5.70489   1.000 866.94836 ? 16  DA A N7    1 
ATOM   322 C C5    . DA A 1 16 ? 6.43117   16.63904  4.50331   1.000 866.29903 ? 16  DA A C5    1 
ATOM   323 C C6    . DA A 1 16 ? 5.31526   15.87861  4.10218   1.000 866.45245 ? 16  DA A C6    1 
ATOM   324 N N6    . DA A 1 16 ? 4.68750   15.02899  4.91587   1.000 867.46748 ? 16  DA A N6    1 
ATOM   325 N N1    . DA A 1 16 ? 4.87173   16.02400  2.83301   1.000 865.38077 ? 16  DA A N1    1 
ATOM   326 C C2    . DA A 1 16 ? 5.51430   16.88243  2.02416   1.000 864.26331 ? 16  DA A C2    1 
ATOM   327 N N3    . DA A 1 16 ? 6.57925   17.65410  2.29132   1.000 864.09987 ? 16  DA A N3    1 
ATOM   328 C C4    . DA A 1 16 ? 6.99163   17.48252  3.56246   1.000 865.16839 ? 16  DA A C4    1 
ATOM   329 P P     . DA A 1 17 ? 10.62550  22.43133  1.22197   1.000 833.22246 ? 17  DA A P     1 
ATOM   330 O OP1   . DA A 1 17 ? 11.68794  22.09549  0.24838   1.000 833.35002 ? 17  DA A OP1   1 
ATOM   331 O OP2   . DA A 1 17 ? 10.80322  23.58541  2.13045   1.000 832.67293 ? 17  DA A OP2   1 
ATOM   332 O "O5'" . DA A 1 17 ? 9.24526   22.62983  0.43902   1.000 831.83922 ? 17  DA A "O5'" 1 
ATOM   333 C "C5'" . DA A 1 17 ? 8.14747   23.25996  1.08520   1.000 831.06809 ? 17  DA A "C5'" 1 
ATOM   334 C "C4'" . DA A 1 17 ? 6.83506   22.85376  0.44418   1.000 830.20165 ? 17  DA A "C4'" 1 
ATOM   335 O "O4'" . DA A 1 17 ? 6.37292   21.59472  1.01640   1.000 831.95543 ? 17  DA A "O4'" 1 
ATOM   336 C "C3'" . DA A 1 17 ? 5.69357   23.85290  0.64703   1.000 828.37489 ? 17  DA A "C3'" 1 
ATOM   337 O "O3'" . DA A 1 17 ? 4.98149   24.03141  -0.57019  1.000 826.20327 ? 17  DA A "O3'" 1 
ATOM   338 C "C2'" . DA A 1 17 ? 4.83061   23.17633  1.70651   1.000 829.71274 ? 17  DA A "C2'" 1 
ATOM   339 C "C1'" . DA A 1 17 ? 5.00517   21.71756  1.32816   1.000 831.21292 ? 17  DA A "C1'" 1 
ATOM   340 N N9    . DA A 1 17 ? 4.66384   20.78262  2.40378   1.000 833.10327 ? 17  DA A N9    1 
ATOM   341 C C8    . DA A 1 17 ? 5.27037   20.67265  3.62177   1.000 834.60673 ? 17  DA A C8    1 
ATOM   342 N N7    . DA A 1 17 ? 4.75355   19.74673  4.39284   1.000 835.94145 ? 17  DA A N7    1 
ATOM   343 C C5    . DA A 1 17 ? 3.72559   19.21652  3.63325   1.000 835.36868 ? 17  DA A C5    1 
ATOM   344 C C6    . DA A 1 17 ? 2.78863   18.19576  3.88873   1.000 836.14287 ? 17  DA A C6    1 
ATOM   345 N N6    . DA A 1 17 ? 2.75081   17.51089  5.03381   1.000 837.74821 ? 17  DA A N6    1 
ATOM   346 N N1    . DA A 1 17 ? 1.89102   17.90673  2.91909   1.000 835.01410 ? 17  DA A N1    1 
ATOM   347 C C2    . DA A 1 17 ? 1.94107   18.59894  1.77326   1.000 833.12450 ? 17  DA A C2    1 
ATOM   348 N N3    . DA A 1 17 ? 2.77687   19.57884  1.41883   1.000 832.25188 ? 17  DA A N3    1 
ATOM   349 C C4    . DA A 1 17 ? 3.65307   19.84140  2.40324   1.000 833.53960 ? 17  DA A C4    1 
ATOM   350 P P     . DG B 2 1  ? 2.77905   26.16237  15.26773  1.000 750.31725 ? 1   DG B P     1 
ATOM   351 O OP1   . DG B 2 1  ? 3.77617   25.79592  16.30982  1.000 745.28298 ? 1   DG B OP1   1 
ATOM   352 O OP2   . DG B 2 1  ? 3.19633   26.53175  13.89707  1.000 762.78673 ? 1   DG B OP2   1 
ATOM   353 O "O5'" . DG B 2 1  ? 1.64743   25.03981  15.10270  1.000 749.82383 ? 1   DG B "O5'" 1 
ATOM   354 C "C5'" . DG B 2 1  ? 0.65437   24.89004  16.11038  1.000 738.14154 ? 1   DG B "C5'" 1 
ATOM   355 C "C4'" . DG B 2 1  ? -0.58518  24.21066  15.56407  1.000 739.79618 ? 1   DG B "C4'" 1 
ATOM   356 O "O4'" . DG B 2 1  ? -1.08827  24.95798  14.42194  1.000 746.52470 ? 1   DG B "O4'" 1 
ATOM   357 C "C3'" . DG B 2 1  ? -0.35301  22.78457  15.06578  1.000 747.22647 ? 1   DG B "C3'" 1 
ATOM   358 O "O3'" . DG B 2 1  ? -1.40650  21.93023  15.49240  1.000 741.50150 ? 1   DG B "O3'" 1 
ATOM   359 C "C2'" . DG B 2 1  ? -0.34135  22.94601  13.55041  1.000 759.90934 ? 1   DG B "C2'" 1 
ATOM   360 C "C1'" . DG B 2 1  ? -1.35432  24.05845  13.37240  1.000 756.12066 ? 1   DG B "C1'" 1 
ATOM   361 N N9    . DG B 2 1  ? -1.22451  24.75902  12.09898  1.000 766.12847 ? 1   DG B N9    1 
ATOM   362 C C8    . DG B 2 1  ? -0.15990  25.51703  11.68085  1.000 771.98570 ? 1   DG B C8    1 
ATOM   363 N N7    . DG B 2 1  ? -0.31332  26.01877  10.48860  1.000 780.62198 ? 1   DG B N7    1 
ATOM   364 C C5    . DG B 2 1  ? -1.55666  25.56253  10.08446  1.000 780.51164 ? 1   DG B C5    1 
ATOM   365 C C6    . DG B 2 1  ? -2.25604  25.78845  8.87653   1.000 787.74444 ? 1   DG B C6    1 
ATOM   366 O O6    . DG B 2 1  ? -1.89655  26.45575  7.89631   1.000 795.94290 ? 1   DG B O6    1 
ATOM   367 N N1    . DG B 2 1  ? -3.48826  25.14666  8.86916   1.000 784.61919 ? 1   DG B N1    1 
ATOM   368 C C2    . DG B 2 1  ? -3.98484  24.38200  9.89708   1.000 775.69300 ? 1   DG B C2    1 
ATOM   369 N N2    . DG B 2 1  ? -5.19514  23.84350  9.70220   1.000 774.01389 ? 1   DG B N2    1 
ATOM   370 N N3    . DG B 2 1  ? -3.34157  24.16092  11.03903  1.000 768.78851 ? 1   DG B N3    1 
ATOM   371 C C4    . DG B 2 1  ? -2.13630  24.78210  11.06045  1.000 771.69512 ? 1   DG B C4    1 
ATOM   372 P P     . DA B 2 2  ? -1.14181  20.35141  15.64447  1.000 743.61712 ? 2   DA B P     1 
ATOM   373 O OP1   . DA B 2 2  ? -1.52384  19.94746  17.01385  1.000 731.29102 ? 2   DA B OP1   1 
ATOM   374 O OP2   . DA B 2 2  ? 0.25115   20.09037  15.23585  1.000 751.96623 ? 2   DA B OP2   1 
ATOM   375 O "O5'" . DA B 2 2  ? -2.08583  19.68522  14.52842  1.000 751.13690 ? 2   DA B "O5'" 1 
ATOM   376 C "C5'" . DA B 2 2  ? -3.49773  19.87320  14.56865  1.000 745.85263 ? 2   DA B "C5'" 1 
ATOM   377 C "C4'" . DA B 2 2  ? -4.15958  19.44297  13.26039  1.000 755.49487 ? 2   DA B "C4'" 1 
ATOM   378 O "O4'" . DA B 2 2  ? -3.85832  20.40931  12.20878  1.000 763.78560 ? 2   DA B "O4'" 1 
ATOM   379 C "C3'" . DA B 2 2  ? -3.72047  18.08015  12.71558  1.000 763.78740 ? 2   DA B "C3'" 1 
ATOM   380 O "O3'" . DA B 2 2  ? -4.84068  17.39566  12.12845  1.000 766.20308 ? 2   DA B "O3'" 1 
ATOM   381 C "C2'" . DA B 2 2  ? -2.68971  18.47310  11.66166  1.000 775.42871 ? 2   DA B "C2'" 1 
ATOM   382 C "C1'" . DA B 2 2  ? -3.33908  19.72525  11.08733  1.000 776.14180 ? 2   DA B "C1'" 1 
ATOM   383 N N9    . DA B 2 2  ? -2.41577  20.61107  10.35427  1.000 783.91606 ? 2   DA B N9    1 
ATOM   384 C C8    . DA B 2 2  ? -1.22194  21.10813  10.80111  1.000 783.28159 ? 2   DA B C8    1 
ATOM   385 N N7    . DA B 2 2  ? -0.60224  21.87606  9.93199   1.000 791.38916 ? 2   DA B N7    1 
ATOM   386 C C5    . DA B 2 2  ? -1.44442  21.88792  8.83157   1.000 797.80315 ? 2   DA B C5    1 
ATOM   387 C C6    . DA B 2 2  ? -1.35315  22.52483  7.57344   1.000 807.53215 ? 2   DA B C6    1 
ATOM   388 N N6    . DA B 2 2  ? -0.32467  23.29883  7.21005   1.000 812.70285 ? 2   DA B N6    1 
ATOM   389 N N1    . DA B 2 2  ? -2.36486  22.33094  6.70060   1.000 811.67767 ? 2   DA B N1    1 
ATOM   390 C C2    . DA B 2 2  ? -3.39323  21.55530  7.06710   1.000 806.47819 ? 2   DA B C2    1 
ATOM   391 N N3    . DA B 2 2  ? -3.59020  20.90571  8.21793   1.000 797.36837 ? 2   DA B N3    1 
ATOM   392 C C4    . DA B 2 2  ? -2.56827  21.11633  9.06914   1.000 793.34870 ? 2   DA B C4    1 
ATOM   393 P P     . DG B 2 3  ? -4.95819  15.79354  12.21667  1.000 779.97661 ? 3   DG B P     1 
ATOM   394 O OP1   . DG B 2 3  ? -6.11364  15.45462  13.08044  1.000 769.46392 ? 3   DG B OP1   1 
ATOM   395 O OP2   . DG B 2 3  ? -3.60116  15.28367  12.51981  1.000 782.45228 ? 3   DG B OP2   1 
ATOM   396 O "O5'" . DG B 2 3  ? -5.35989  15.35881  10.73278  1.000 791.89691 ? 3   DG B "O5'" 1 
ATOM   397 C "C5'" . DG B 2 3  ? -6.58459  15.82382  10.17465  1.000 791.87971 ? 3   DG B "C5'" 1 
ATOM   398 C "C4'" . DG B 2 3  ? -6.42271  16.16588  8.70571   1.000 804.16297 ? 3   DG B "C4'" 1 
ATOM   399 O "O4'" . DG B 2 3  ? -5.41757  17.21591  8.54982   1.000 807.06154 ? 3   DG B "O4'" 1 
ATOM   400 C "C3'" . DG B 2 3  ? -5.93031  15.00173  7.82741   1.000 814.96708 ? 3   DG B "C3'" 1 
ATOM   401 O "O3'" . DG B 2 3  ? -6.55969  15.04819  6.52040   1.000 823.70531 ? 3   DG B "O3'" 1 
ATOM   402 C "C2'" . DG B 2 3  ? -4.44411  15.30302  7.73702   1.000 820.00113 ? 3   DG B "C2'" 1 
ATOM   403 C "C1'" . DG B 2 3  ? -4.54424  16.79087  7.53824   1.000 819.03925 ? 3   DG B "C1'" 1 
ATOM   404 N N9    . DG B 2 3  ? -3.29210  17.52824  7.54940   1.000 821.83410 ? 3   DG B N9    1 
ATOM   405 C C8    . DG B 2 3  ? -2.36718  17.62569  8.55538   1.000 816.24943 ? 3   DG B C8    1 
ATOM   406 N N7    . DG B 2 3  ? -1.34583  18.38317  8.24582   1.000 820.92995 ? 3   DG B N7    1 
ATOM   407 C C5    . DG B 2 3  ? -1.61927  18.79834  6.94614   1.000 830.24978 ? 3   DG B C5    1 
ATOM   408 C C6    . DG B 2 3  ? -0.88232  19.63620  6.06931   1.000 838.58037 ? 3   DG B C6    1 
ATOM   409 O O6    . DG B 2 3  ? 0.19916   20.20036  6.26945   1.000 839.51484 ? 3   DG B O6    1 
ATOM   410 N N1    . DG B 2 3  ? -1.53220  19.79601  4.84459   1.000 846.31780 ? 3   DG B N1    1 
ATOM   411 C C2    . DG B 2 3  ? -2.73252  19.21947  4.51228   1.000 846.04408 ? 3   DG B C2    1 
ATOM   412 N N2    . DG B 2 3  ? -3.20845  19.47847  3.28644   1.000 854.04058 ? 3   DG B N2    1 
ATOM   413 N N3    . DG B 2 3  ? -3.42449  18.44097  5.32131   1.000 838.39366 ? 3   DG B N3    1 
ATOM   414 C C4    . DG B 2 3  ? -2.80853  18.27769  6.51264   1.000 830.82756 ? 3   DG B C4    1 
ATOM   415 P P     . DT B 2 4  ? -5.70609  14.70920  5.19392   1.000 842.22068 ? 4   DT B P     1 
ATOM   416 O OP1   . DT B 2 4  ? -4.96574  13.44128  5.39690   1.000 844.77667 ? 4   DT B OP1   1 
ATOM   417 O OP2   . DT B 2 4  ? -5.01861  15.95604  4.79768   1.000 845.74002 ? 4   DT B OP2   1 
ATOM   418 O "O5'" . DT B 2 4  ? -6.78378  14.48994  4.03727   1.000 848.56345 ? 4   DT B "O5'" 1 
ATOM   419 C "C5'" . DT B 2 4  ? -6.58226  13.45970  3.06715   1.000 858.73576 ? 4   DT B "C5'" 1 
ATOM   420 C "C4'" . DT B 2 4  ? -5.58635  13.86477  1.97870   1.000 866.15857 ? 4   DT B "C4'" 1 
ATOM   421 O "O4'" . DT B 2 4  ? -4.79853  15.00120  2.39589   1.000 866.03754 ? 4   DT B "O4'" 1 
ATOM   422 C "C3'" . DT B 2 4  ? -4.57767  12.78916  1.62703   1.000 875.14830 ? 4   DT B "C3'" 1 
ATOM   423 O "O3'" . DT B 2 4  ? -5.13825  11.91333  0.60985   1.000 876.99828 ? 4   DT B "O3'" 1 
ATOM   424 C "C2'" . DT B 2 4  ? -3.35201  13.58175  1.14914   1.000 879.93238 ? 4   DT B "C2'" 1 
ATOM   425 C "C1'" . DT B 2 4  ? -3.52250  14.96469  1.77962   1.000 873.95540 ? 4   DT B "C1'" 1 
ATOM   426 N N1    . DT B 2 4  ? -2.46832  15.31731  2.81324   1.000 870.90295 ? 4   DT B N1    1 
ATOM   427 C C2    . DT B 2 4  ? -1.53492  16.30107  2.53387   1.000 874.63082 ? 4   DT B C2    1 
ATOM   428 O O2    . DT B 2 4  ? -1.49953  16.91093  1.47935   1.000 878.44828 ? 4   DT B O2    1 
ATOM   429 N N3    . DT B 2 4  ? -0.63979  16.54681  3.55119   1.000 868.75110 ? 4   DT B N3    1 
ATOM   430 C C4    . DT B 2 4  ? -0.58518  15.92137  4.78446   1.000 859.67683 ? 4   DT B C4    1 
ATOM   431 O O4    . DT B 2 4  ? 0.25113   16.20595  5.63484   1.000 854.79055 ? 4   DT B O4    1 
ATOM   432 C C5    . DT B 2 4  ? -1.58511  14.91141  5.00936   1.000 856.19197 ? 4   DT B C5    1 
ATOM   433 C C7    . DT B 2 4  ? -1.61122  14.16691  6.30994   1.000 846.36177 ? 4   DT B C7    1 
ATOM   434 C C6    . DT B 2 4  ? -2.46478  14.65784  4.02618   1.000 861.95492 ? 4   DT B C6    1 
ATOM   435 P P     . DT B 2 5  ? -4.43419  11.67548  -0.82030  1.000 889.97348 ? 5   DT B P     1 
ATOM   436 O OP1   . DT B 2 5  ? -4.46944  12.94817  -1.57919  1.000 887.62424 ? 5   DT B OP1   1 
ATOM   437 O OP2   . DT B 2 5  ? -5.10151  10.49108  -1.40679  1.000 891.18498 ? 5   DT B OP2   1 
ATOM   438 O "O5'" . DT B 2 5  ? -2.93644  11.22419  -0.46314  1.000 897.24161 ? 5   DT B "O5'" 1 
ATOM   439 C "C5'" . DT B 2 5  ? -1.96345  11.06545  -1.48800  1.000 903.12598 ? 5   DT B "C5'" 1 
ATOM   440 C "C4'" . DT B 2 5  ? -1.46006  12.41044  -1.99166  1.000 902.12630 ? 5   DT B "C4'" 1 
ATOM   441 O "O4'" . DT B 2 5  ? -1.15550  13.28433  -0.86815  1.000 899.61999 ? 5   DT B "O4'" 1 
ATOM   442 C "C3'" . DT B 2 5  ? -0.19095  12.33594  -2.82745  1.000 907.60685 ? 5   DT B "C3'" 1 
ATOM   443 O "O3'" . DT B 2 5  ? -0.27648  13.22058  -3.93533  1.000 905.96135 ? 5   DT B "O3'" 1 
ATOM   444 C "C2'" . DT B 2 5  ? 0.89666   12.75985  -1.84641  1.000 909.21262 ? 5   DT B "C2'" 1 
ATOM   445 C "C1'" . DT B 2 5  ? 0.17005   13.75988  -0.96380  1.000 903.40240 ? 5   DT B "C1'" 1 
ATOM   446 N N1    . DT B 2 5  ? 0.73771   13.85521  0.43073   1.000 903.74787 ? 5   DT B N1    1 
ATOM   447 C C2    . DT B 2 5  ? 1.78067   14.73075  0.70373   1.000 904.84960 ? 5   DT B C2    1 
ATOM   448 O O2    . DT B 2 5  ? 2.29234   15.44753  -0.13825  1.000 905.35538 ? 5   DT B O2    1 
ATOM   449 N N3    . DT B 2 5  ? 2.20883   14.71632  2.01639   1.000 897.74934 ? 5   DT B N3    1 
ATOM   450 C C4    . DT B 2 5  ? 1.70378   13.93865  3.04791   1.000 888.89792 ? 5   DT B C4    1 
ATOM   451 O O4    . DT B 2 5  ? 2.13841   13.99279  4.19214   1.000 880.71446 ? 5   DT B O4    1 
ATOM   452 C C5    . DT B 2 5  ? 0.61864   13.05940  2.68831   1.000 889.81157 ? 5   DT B C5    1 
ATOM   453 C C7    . DT B 2 5  ? -0.00374  12.17141  3.72440   1.000 880.66980 ? 5   DT B C7    1 
ATOM   454 C C6    . DT B 2 5  ? 0.19622   13.06076  1.41804   1.000 898.88309 ? 5   DT B C6    1 
ATOM   455 P P     . DC B 2 6  ? 0.16725   12.72241  -5.39770  1.000 886.78826 ? 6   DC B P     1 
ATOM   456 O OP1   . DC B 2 6  ? -0.72432  13.37468  -6.38178  1.000 883.16751 ? 6   DC B OP1   1 
ATOM   457 O OP2   . DC B 2 6  ? 0.26535   11.24585  -5.35583  1.000 890.65753 ? 6   DC B OP2   1 
ATOM   458 O "O5'" . DC B 2 6  ? 1.64528   13.31042  -5.57681  1.000 889.35342 ? 6   DC B "O5'" 1 
ATOM   459 C "C5'" . DC B 2 6  ? 2.72617   12.77664  -4.81885  1.000 892.81782 ? 6   DC B "C5'" 1 
ATOM   460 C "C4'" . DC B 2 6  ? 3.75923   13.84983  -4.52448  1.000 892.40475 ? 6   DC B "C4'" 1 
ATOM   461 O "O4'" . DC B 2 6  ? 3.72834   14.18798  -3.11440  1.000 891.11165 ? 6   DC B "O4'" 1 
ATOM   462 C "C3'" . DC B 2 6  ? 5.19505   13.45087  -4.84022  1.000 895.83396 ? 6   DC B "C3'" 1 
ATOM   463 O "O3'" . DC B 2 6  ? 5.84346   14.48138  -5.56103  1.000 894.66569 ? 6   DC B "O3'" 1 
ATOM   464 C "C2'" . DC B 2 6  ? 5.83011   13.22565  -3.47070  1.000 897.01066 ? 6   DC B "C2'" 1 
ATOM   465 C "C1'" . DC B 2 6  ? 5.03279   14.14806  -2.57517  1.000 893.63970 ? 6   DC B "C1'" 1 
ATOM   466 N N1    . DC B 2 6  ? 4.92355   13.66825  -1.16990  1.000 894.16145 ? 6   DC B N1    1 
ATOM   467 C C2    . DC B 2 6  ? 5.80532   14.13666  -0.18905  1.000 894.50091 ? 6   DC B C2    1 
ATOM   468 O O2    . DC B 2 6  ? 6.69249   14.93940  -0.50137  1.000 894.23501 ? 6   DC B O2    1 
ATOM   469 N N3    . DC B 2 6  ? 5.65949   13.68860  1.08430   1.000 892.15487 ? 6   DC B N3    1 
ATOM   470 C C4    . DC B 2 6  ? 4.69025   12.81988  1.38147   1.000 888.16036 ? 6   DC B C4    1 
ATOM   471 N N4    . DC B 2 6  ? 4.58000   12.40497  2.64537   1.000 878.12427 ? 6   DC B N4    1 
ATOM   472 C C5    . DC B 2 6  ? 3.79121   12.33670  0.39543   1.000 894.16972 ? 6   DC B C5    1 
ATOM   473 C C6    . DC B 2 6  ? 3.94542   12.78333  -0.84973  1.000 894.02999 ? 6   DC B C6    1 
ATOM   474 P P     . DA B 2 7  ? 6.58468   14.12361  -6.93774  1.000 896.37649 ? 7   DA B P     1 
ATOM   475 O OP1   . DA B 2 7  ? 7.67202   15.10501  -7.14808  1.000 895.45601 ? 7   DA B OP1   1 
ATOM   476 O OP2   . DA B 2 7  ? 5.53241   13.96773  -7.96736  1.000 895.58694 ? 7   DA B OP2   1 
ATOM   477 O "O5'" . DA B 2 7  ? 7.19484   12.67021  -6.65410  1.000 899.62619 ? 7   DA B "O5'" 1 
ATOM   478 C "C5'" . DA B 2 7  ? 8.56324   12.39555  -6.91967  1.000 900.73890 ? 7   DA B "C5'" 1 
ATOM   479 C "C4'" . DA B 2 7  ? 9.45682   12.90098  -5.79662  1.000 900.10383 ? 7   DA B "C4'" 1 
ATOM   480 O "O4'" . DA B 2 7  ? 8.76761   12.80693  -4.52933  1.000 900.15192 ? 7   DA B "O4'" 1 
ATOM   481 C "C3'" . DA B 2 7  ? 10.76711  12.13114  -5.62828  1.000 901.01780 ? 7   DA B "C3'" 1 
ATOM   482 O "O3'" . DA B 2 7  ? 11.86757  12.98359  -5.90052  1.000 899.39307 ? 7   DA B "O3'" 1 
ATOM   483 C "C2'" . DA B 2 7  ? 10.75879  11.65742  -4.16518  1.000 901.63987 ? 7   DA B "C2'" 1 
ATOM   484 C "C1'" . DA B 2 7  ? 9.70841   12.54610  -3.51807  1.000 900.68600 ? 7   DA B "C1'" 1 
ATOM   485 N N9    . DA B 2 7  ? 9.01228   11.90818  -2.39910  1.000 901.65829 ? 7   DA B N9    1 
ATOM   486 C C8    . DA B 2 7  ? 7.90556   11.11338  -2.47812  1.000 902.65773 ? 7   DA B C8    1 
ATOM   487 N N7    . DA B 2 7  ? 7.47444   10.68196  -1.32152  1.000 903.18033 ? 7   DA B N7    1 
ATOM   488 C C5    . DA B 2 7  ? 8.37009   11.21327  -0.41258  1.000 902.66600 ? 7   DA B C5    1 
ATOM   489 C C6    . DA B 2 7  ? 8.45978   11.11138  0.98591   1.000 900.54832 ? 7   DA B C6    1 
ATOM   490 N N6    . DA B 2 7  ? 7.59425   10.40929  1.71702   1.000 893.37382 ? 7   DA B N6    1 
ATOM   491 N N1    . DA B 2 7  ? 9.47046   11.75993  1.60326   1.000 897.45869 ? 7   DA B N1    1 
ATOM   492 C C2    . DA B 2 7  ? 10.33543  12.46286  0.85539   1.000 900.73284 ? 7   DA B C2    1 
ATOM   493 N N3    . DA B 2 7  ? 10.35060  12.63364  -0.47380  1.000 900.48743 ? 7   DA B N3    1 
ATOM   494 C C4    . DA B 2 7  ? 9.32979   11.97394  -1.05324  1.000 901.59443 ? 7   DA B C4    1 
ATOM   495 P P     . DT B 2 8  ? 13.29226  12.35547  -6.29277  1.000 899.05924 ? 8   DT B P     1 
ATOM   496 O OP1   . DT B 2 8  ? 14.09184  13.41150  -6.95192  1.000 897.21403 ? 8   DT B OP1   1 
ATOM   497 O OP2   . DT B 2 8  ? 13.03673  11.08113  -7.00001  1.000 900.66581 ? 8   DT B OP2   1 
ATOM   498 O "O5'" . DT B 2 8  ? 13.95050  12.00293  -4.87973  1.000 898.56102 ? 8   DT B "O5'" 1 
ATOM   499 C "C5'" . DT B 2 8  ? 14.01234  12.99075  -3.85701  1.000 897.41957 ? 8   DT B "C5'" 1 
ATOM   500 C "C4'" . DT B 2 8  ? 14.49654  12.38087  -2.55512  1.000 897.14357 ? 8   DT B "C4'" 1 
ATOM   501 O "O4'" . DT B 2 8  ? 13.37172  11.86224  -1.79795  1.000 898.99020 ? 8   DT B "O4'" 1 
ATOM   502 C "C3'" . DT B 2 8  ? 15.47406  11.21225  -2.72061  1.000 896.45974 ? 8   DT B "C3'" 1 
ATOM   503 O "O3'" . DT B 2 8  ? 16.65568  11.45998  -1.97325  1.000 893.80892 ? 8   DT B "O3'" 1 
ATOM   504 C "C2'" . DT B 2 8  ? 14.70102  10.00547  -2.17557  1.000 898.39732 ? 8   DT B "C2'" 1 
ATOM   505 C "C1'" . DT B 2 8  ? 13.76951  10.66605  -1.17695  1.000 899.28103 ? 8   DT B "C1'" 1 
ATOM   506 N N1    . DT B 2 8  ? 12.55064  9.85604   -0.85096  1.000 901.65732 ? 8   DT B N1    1 
ATOM   507 C C2    . DT B 2 8  ? 12.26186  9.57035   0.46656   1.000 902.05724 ? 8   DT B C2    1 
ATOM   508 O O2    . DT B 2 8  ? 12.95126  9.94689   1.39761   1.000 900.46433 ? 8   DT B O2    1 
ATOM   509 N N3    . DT B 2 8  ? 11.12457  8.82460   0.65593   1.000 904.19188 ? 8   DT B N3    1 
ATOM   510 C C4    . DT B 2 8  ? 10.26843  8.34630   -0.32238  1.000 905.66641 ? 8   DT B C4    1 
ATOM   511 O O4    . DT B 2 8  ? 9.26998   7.68449   -0.05681  1.000 907.17421 ? 8   DT B O4    1 
ATOM   512 C C5    . DT B 2 8  ? 10.63214  8.68002   -1.67937  1.000 905.06539 ? 8   DT B C5    1 
ATOM   513 C C7    . DT B 2 8  ? 9.78025   8.21505   -2.82406  1.000 906.27970 ? 8   DT B C7    1 
ATOM   514 C C6    . DT B 2 8  ? 11.74341  9.40622   -1.87448  1.000 903.21698 ? 8   DT B C6    1 
ATOM   515 P P     . DC B 2 9  ? 18.09360  11.12556  -2.60639  1.000 891.14717 ? 9   DC B P     1 
ATOM   516 O OP1   . DC B 2 9  ? 18.89378  12.37130  -2.58749  1.000 888.92379 ? 9   DC B OP1   1 
ATOM   517 O OP2   . DC B 2 9  ? 17.86030  10.41717  -3.88473  1.000 892.52737 ? 9   DC B OP2   1 
ATOM   518 O "O5'" . DC B 2 9  ? 18.73403  10.08102  -1.57606  1.000 889.22176 ? 9   DC B "O5'" 1 
ATOM   519 C "C5'" . DC B 2 9  ? 17.96810  8.96613   -1.11836  1.000 890.97916 ? 9   DC B "C5'" 1 
ATOM   520 C "C4'" . DC B 2 9  ? 17.70386  9.06596   0.37593   1.000 890.55485 ? 9   DC B "C4'" 1 
ATOM   521 O "O4'" . DC B 2 9  ? 16.27840  8.93439   0.63117   1.000 894.08112 ? 9   DC B "O4'" 1 
ATOM   522 C "C3'" . DC B 2 9  ? 18.38010  7.99234   1.22018   1.000 887.80905 ? 9   DC B "C3'" 1 
ATOM   523 O "O3'" . DC B 2 9  ? 18.77921  8.53343   2.48131   1.000 885.35494 ? 9   DC B "O3'" 1 
ATOM   524 C "C2'" . DC B 2 9  ? 17.28402  6.94609   1.37560   1.000 890.70145 ? 9   DC B "C2'" 1 
ATOM   525 C "C1'" . DC B 2 9  ? 16.03123  7.80463   1.44755   1.000 894.23063 ? 9   DC B "C1'" 1 
ATOM   526 N N1    . DC B 2 9  ? 14.79968  7.11677   0.93738   1.000 897.84169 ? 9   DC B N1    1 
ATOM   527 C C2    . DC B 2 9  ? 13.90027  6.52006   1.83606   1.000 899.58733 ? 9   DC B C2    1 
ATOM   528 O O2    . DC B 2 9  ? 14.13716  6.55770   3.04899   1.000 893.40212 ? 9   DC B O2    1 
ATOM   529 N N3    . DC B 2 9  ? 12.78951  5.90980   1.34428   1.000 902.64821 ? 9   DC B N3    1 
ATOM   530 C C4    . DC B 2 9  ? 12.56777  5.88607   0.02774   1.000 903.71608 ? 9   DC B C4    1 
ATOM   531 N N4    . DC B 2 9  ? 11.46217  5.27681   -0.41509  1.000 906.26127 ? 9   DC B N4    1 
ATOM   532 C C5    . DC B 2 9  ? 13.46936  6.48868   -0.89655  1.000 901.98891 ? 9   DC B C5    1 
ATOM   533 C C6    . DC B 2 9  ? 14.55901  7.08403   -0.40355  1.000 899.19508 ? 9   DC B C6    1 
ATOM   534 P P     . DC B 2 10 ? 20.01314  7.89928   3.30150   1.000 880.10607 ? 10  DC B P     1 
ATOM   535 O OP1   . DC B 2 10 ? 19.93306  9.20978   3.99398   1.000 879.95422 ? 10  DC B OP1   1 
ATOM   536 O OP2   . DC B 2 10 ? 20.56520  7.55212   1.96665   1.000 879.97948 ? 10  DC B OP2   1 
ATOM   537 O "O5'" . DC B 2 10 ? 19.23734  6.69247   4.02158   1.000 881.02102 ? 10  DC B "O5'" 1 
ATOM   538 C "C5'" . DC B 2 10 ? 19.94867  5.79588   4.87848   1.000 876.48239 ? 10  DC B "C5'" 1 
ATOM   539 C "C4'" . DC B 2 10 ? 18.99789  5.09196   5.83195   1.000 875.54612 ? 10  DC B "C4'" 1 
ATOM   540 O "O4'" . DC B 2 10 ? 17.71149  4.92083   5.18323   1.000 879.44371 ? 10  DC B "O4'" 1 
ATOM   541 C "C3'" . DC B 2 10 ? 19.42384  3.69011   6.26026   1.000 871.18855 ? 10  DC B "C3'" 1 
ATOM   542 O "O3'" . DC B 2 10 ? 18.88187  3.39007   7.54768   1.000 860.76160 ? 10  DC B "O3'" 1 
ATOM   543 C "C2'" . DC B 2 10 ? 18.78555  2.83049   5.18242   1.000 877.71596 ? 10  DC B "C2'" 1 
ATOM   544 C "C1'" . DC B 2 10 ? 17.45229  3.54322   5.00257   1.000 879.45899 ? 10  DC B "C1'" 1 
ATOM   545 N N1    . DC B 2 10 ? 16.85150  3.34277   3.66248   1.000 887.81862 ? 10  DC B N1    1 
ATOM   546 C C2    . DC B 2 10 ? 15.63503  2.67284   3.55740   1.000 888.45686 ? 10  DC B C2    1 
ATOM   547 O O2    . DC B 2 10 ? 15.08813  2.27165   4.59157   1.000 879.87270 ? 10  DC B O2    1 
ATOM   548 N N3    . DC B 2 10 ? 15.09284  2.48560   2.33010   1.000 895.08141 ? 10  DC B N3    1 
ATOM   549 C C4    . DC B 2 10 ? 15.72472  2.93905   1.24468   1.000 894.50010 ? 10  DC B C4    1 
ATOM   550 N N4    . DC B 2 10 ? 15.15321  2.73268   0.05447   1.000 897.33464 ? 10  DC B N4    1 
ATOM   551 C C5    . DC B 2 10 ? 16.97163  3.62146   1.33294   1.000 890.73036 ? 10  DC B C5    1 
ATOM   552 C C6    . DC B 2 10 ? 17.49288  3.80322   2.55154   1.000 887.53932 ? 10  DC B C6    1 
ATOM   553 P P     . DT B 2 11 ? 19.26817  2.02132   8.30048   1.000 541.97581 ? 11  DT B P     1 
ATOM   554 O OP1   . DT B 2 11 ? 19.02614  2.22050   9.74751   1.000 541.97581 ? 11  DT B OP1   1 
ATOM   555 O OP2   . DT B 2 11 ? 20.61328  1.62481   7.83099   1.000 541.97581 ? 11  DT B OP2   1 
ATOM   556 O "O5'" . DT B 2 11 ? 18.21796  0.94519   7.73948   1.000 541.97581 ? 11  DT B "O5'" 1 
ATOM   557 C "C5'" . DT B 2 11 ? 18.69309  -0.23966  7.09288   1.000 541.97581 ? 11  DT B "C5'" 1 
ATOM   558 C "C4'" . DT B 2 11 ? 17.73799  -1.41142  7.28711   1.000 541.97581 ? 11  DT B "C4'" 1 
ATOM   559 O "O4'" . DT B 2 11 ? 16.44401  -1.08160  6.71929   1.000 541.97581 ? 11  DT B "O4'" 1 
ATOM   560 C "C3'" . DT B 2 11 ? 18.18621  -2.70563  6.61078   1.000 541.97581 ? 11  DT B "C3'" 1 
ATOM   561 O "O3'" . DT B 2 11 ? 18.82914  -3.54986  7.55895   1.000 541.97581 ? 11  DT B "O3'" 1 
ATOM   562 C "C2'" . DT B 2 11 ? 16.88723  -3.32973  6.09862   1.000 541.97581 ? 11  DT B "C2'" 1 
ATOM   563 C "C1'" . DT B 2 11 ? 15.98953  -2.11889  5.86675   1.000 541.97581 ? 11  DT B "C1'" 1 
ATOM   564 N N1    . DT B 2 11 ? 15.97514  -1.60329  4.45293   1.000 533.03814 ? 11  DT B N1    1 
ATOM   565 C C2    . DT B 2 11 ? 14.91662  -1.91417  3.62787   1.000 533.03814 ? 11  DT B C2    1 
ATOM   566 O O2    . DT B 2 11 ? 13.98394  -2.61681  3.97344   1.000 533.03814 ? 11  DT B O2    1 
ATOM   567 N N3    . DT B 2 11 ? 14.99406  -1.37398  2.36859   1.000 533.03814 ? 11  DT B N3    1 
ATOM   568 C C4    . DT B 2 11 ? 15.99945  -0.56447  1.86935   1.000 533.03814 ? 11  DT B C4    1 
ATOM   569 O O4    . DT B 2 11 ? 15.99214  -0.12624  0.72275   1.000 533.03814 ? 11  DT B O4    1 
ATOM   570 C C5    . DT B 2 11 ? 17.07053  -0.27577  2.79033   1.000 533.03814 ? 11  DT B C5    1 
ATOM   571 C C7    . DT B 2 11 ? 18.22138  0.57985   2.36347   1.000 533.03814 ? 11  DT B C7    1 
ATOM   572 C C6    . DT B 2 11 ? 17.00347  -0.79563  4.01913   1.000 533.03814 ? 11  DT B C6    1 
ATOM   573 P P     . DG C 3 1  ? -5.06997  1.32989   -16.69795 1.000 854.27469 ? 1   DG C P     1 
ATOM   574 O OP1   . DG C 3 1  ? -3.71315  1.76226   -17.09896 1.000 844.29245 ? 1   DG C OP1   1 
ATOM   575 O OP2   . DG C 3 1  ? -6.25403  1.87517   -17.39768 1.000 851.05041 ? 1   DG C OP2   1 
ATOM   576 O "O5'" . DG C 3 1  ? -5.14140  -0.26517  -16.77163 1.000 858.34742 ? 1   DG C "O5'" 1 
ATOM   577 C "C5'" . DG C 3 1  ? -5.33594  -0.90561  -18.02236 1.000 850.28200 ? 1   DG C "C5'" 1 
ATOM   578 C "C4'" . DG C 3 1  ? -4.34175  -2.03604  -18.21316 1.000 847.51455 ? 1   DG C "C4'" 1 
ATOM   579 O "O4'" . DG C 3 1  ? -3.02246  -1.60306  -17.78877 1.000 844.12631 ? 1   DG C "O4'" 1 
ATOM   580 C "C3'" . DG C 3 1  ? -4.63290  -3.29654  -17.41361 1.000 858.57393 ? 1   DG C "C3'" 1 
ATOM   581 O "O3'" . DG C 3 1  ? -4.14493  -4.42036  -18.12229 1.000 853.16290 ? 1   DG C "O3'" 1 
ATOM   582 C "C2'" . DG C 3 1  ? -3.84034  -3.05997  -16.13253 1.000 864.75139 ? 1   DG C "C2'" 1 
ATOM   583 C "C1'" . DG C 3 1  ? -2.59662  -2.36849  -16.67624 1.000 852.83484 ? 1   DG C "C1'" 1 
ATOM   584 N N9    . DG C 3 1  ? -1.96068  -1.46574  -15.72240 1.000 855.12358 ? 1   DG C N9    1 
ATOM   585 C C8    . DG C 3 1  ? -2.52399  -0.36188  -15.12906 1.000 860.11006 ? 1   DG C C8    1 
ATOM   586 N N7    . DG C 3 1  ? -1.71423  0.26752   -14.32474 1.000 860.72126 ? 1   DG C N7    1 
ATOM   587 C C5    . DG C 3 1  ? -0.53530  -0.46366  -14.38886 1.000 855.35020 ? 1   DG C C5    1 
ATOM   588 C C6    . DG C 3 1  ? 0.69866   -0.26188  -13.72641 1.000 852.37142 ? 1   DG C C6    1 
ATOM   589 O O6    . DG C 3 1  ? 1.01047   0.63353   -12.93055 1.000 854.12326 ? 1   DG C O6    1 
ATOM   590 N N1    . DG C 3 1  ? 1.63328   -1.23088  -14.07453 1.000 845.95094 ? 1   DG C N1    1 
ATOM   591 C C2    . DG C 3 1  ? 1.40368   -2.27255  -14.94108 1.000 843.37146 ? 1   DG C C2    1 
ATOM   592 N N2    . DG C 3 1  ? 2.44116   -3.09337  -15.15213 1.000 836.80399 ? 1   DG C N2    1 
ATOM   593 N N3    . DG C 3 1  ? 0.25432   -2.47360  -15.57460 1.000 846.16118 ? 1   DG C N3    1 
ATOM   594 C C4    . DG C 3 1  ? -0.66893  -1.53313  -15.24781 1.000 851.95881 ? 1   DG C C4    1 
ATOM   595 P P     . DG C 3 2  ? -4.96676  -5.79968  -18.13123 1.000 841.77372 ? 2   DG C P     1 
ATOM   596 O OP1   . DG C 3 2  ? -5.33331  -6.09605  -19.53406 1.000 832.36531 ? 2   DG C OP1   1 
ATOM   597 O OP2   . DG C 3 2  ? -6.02104  -5.70953  -17.09673 1.000 854.94870 ? 2   DG C OP2   1 
ATOM   598 O "O5'" . DG C 3 2  ? -3.88743  -6.87639  -17.65421 1.000 842.85114 ? 2   DG C "O5'" 1 
ATOM   599 C "C5'" . DG C 3 2  ? -2.57106  -6.45423  -17.32560 1.000 837.85190 ? 2   DG C "C5'" 1 
ATOM   600 C "C4'" . DG C 3 2  ? -1.69855  -7.63835  -16.95874 1.000 838.15967 ? 2   DG C "C4'" 1 
ATOM   601 O "O4'" . DG C 3 2  ? -0.71838  -7.21600  -15.98926 1.000 838.87266 ? 2   DG C "O4'" 1 
ATOM   602 C "C3'" . DG C 3 2  ? -2.41897  -8.77277  -16.26513 1.000 849.40231 ? 2   DG C "C3'" 1 
ATOM   603 O "O3'" . DG C 3 2  ? -1.60168  -9.93852  -16.30585 1.000 846.34406 ? 2   DG C "O3'" 1 
ATOM   604 C "C2'" . DG C 3 2  ? -2.53856  -8.22441  -14.84800 1.000 859.44097 ? 2   DG C "C2'" 1 
ATOM   605 C "C1'" . DG C 3 2  ? -1.20036  -7.49990  -14.68522 1.000 851.34580 ? 2   DG C "C1'" 1 
ATOM   606 N N9    . DG C 3 2  ? -1.29383  -6.24419  -13.95239 1.000 854.85002 ? 2   DG C N9    1 
ATOM   607 C C8    . DG C 3 2  ? -2.31815  -5.32627  -13.99045 1.000 859.14319 ? 2   DG C C8    1 
ATOM   608 N N7    . DG C 3 2  ? -2.11111  -4.28567  -13.22821 1.000 861.36613 ? 2   DG C N7    1 
ATOM   609 C C5    . DG C 3 2  ? -0.87000  -4.53321  -12.65023 1.000 857.95057 ? 2   DG C C5    1 
ATOM   610 C C6    . DG C 3 2  ? -0.11741  -3.76517  -11.72886 1.000 857.45600 ? 2   DG C C6    1 
ATOM   611 O O6    . DG C 3 2  ? -0.38716  -2.66929  -11.21819 1.000 860.61480 ? 2   DG C O6    1 
ATOM   612 N N1    . DG C 3 2  ? 1.08370   -4.38896  -11.41106 1.000 851.76488 ? 2   DG C N1    1 
ATOM   613 C C2    . DG C 3 2  ? 1.49608   -5.60352  -11.90041 1.000 847.77094 ? 2   DG C C2    1 
ATOM   614 N N2    . DG C 3 2  ? 2.69568   -6.01783  -11.48606 1.000 841.53700 ? 2   DG C N2    1 
ATOM   615 N N3    . DG C 3 2  ? 0.81246   -6.32478  -12.76688 1.000 848.69977 ? 2   DG C N3    1 
ATOM   616 C C4    . DG C 3 2  ? -0.36101  -5.73343  -13.09222 1.000 853.74163 ? 2   DG C C4    1 
ATOM   617 P P     . DA C 3 3  ? -2.05275  -11.28383 -15.55290 1.000 837.64472 ? 3   DA C P     1 
ATOM   618 O OP1   . DA C 3 3  ? -1.38330  -12.41945 -16.22599 1.000 830.57072 ? 3   DA C OP1   1 
ATOM   619 O OP2   . DA C 3 3  ? -3.52815  -11.26409 -15.45414 1.000 847.10756 ? 3   DA C OP2   1 
ATOM   620 O "O5'" . DA C 3 3  ? -1.44349  -11.12486 -14.08037 1.000 843.53501 ? 3   DA C "O5'" 1 
ATOM   621 C "C5'" . DA C 3 3  ? -0.03454  -10.99682 -13.90027 1.000 835.14282 ? 3   DA C "C5'" 1 
ATOM   622 C "C4'" . DA C 3 3  ? 0.40155   -11.60073 -12.57488 1.000 840.57093 ? 3   DA C "C4'" 1 
ATOM   623 O "O4'" . DA C 3 3  ? 0.69700   -10.54332 -11.62497 1.000 842.18693 ? 3   DA C "O4'" 1 
ATOM   624 C "C3'" . DA C 3 3  ? -0.62949  -12.49389 -11.90178 1.000 852.78053 ? 3   DA C "C3'" 1 
ATOM   625 O "O3'" . DA C 3 3  ? 0.02240   -13.54985 -11.20693 1.000 852.76939 ? 3   DA C "O3'" 1 
ATOM   626 C "C2'" . DA C 3 3  ? -1.33712  -11.53773 -10.94594 1.000 861.87881 ? 3   DA C "C2'" 1 
ATOM   627 C "C1'" . DA C 3 3  ? -0.21945  -10.57607 -10.54588 1.000 854.46580 ? 3   DA C "C1'" 1 
ATOM   628 N N9    . DA C 3 3  ? -0.69361  -9.21287  -10.31744 1.000 857.53293 ? 3   DA C N9    1 
ATOM   629 C C8    . DA C 3 3  ? -1.72552  -8.59293  -10.96256 1.000 860.79111 ? 3   DA C C8    1 
ATOM   630 N N7    . DA C 3 3  ? -1.93540  -7.36251  -10.56824 1.000 862.77270 ? 3   DA C N7    1 
ATOM   631 C C5    . DA C 3 3  ? -0.97226  -7.15388  -9.59719  1.000 860.62998 ? 3   DA C C5    1 
ATOM   632 C C6    . DA C 3 3  ? -0.67191  -6.03987  -8.79495  1.000 860.75962 ? 3   DA C C6    1 
ATOM   633 N N6    . DA C 3 3  ? -1.35241  -4.89524  -8.86272  1.000 864.14342 ? 3   DA C N6    1 
ATOM   634 N N1    . DA C 3 3  ? 0.35277   -6.14966  -7.91820  1.000 856.40236 ? 3   DA C N1    1 
ATOM   635 C C2    . DA C 3 3  ? 1.02523   -7.30857  -7.86102  1.000 852.26773 ? 3   DA C C2    1 
ATOM   636 N N3    . DA C 3 3  ? 0.83095   -8.42875  -8.56655  1.000 852.44664 ? 3   DA C N3    1 
ATOM   637 C C4    . DA C 3 3  ? -0.19318  -8.28170  -9.42639  1.000 856.86312 ? 3   DA C C4    1 
ATOM   638 P P     . DC C 3 4  ? -0.80238  -14.85184 -10.75251 1.000 932.08894 ? 4   DC C P     1 
ATOM   639 O OP1   . DC C 3 4  ? -0.03702  -16.04446 -11.18353 1.000 925.43395 ? 4   DC C OP1   1 
ATOM   640 O OP2   . DC C 3 4  ? -2.20110  -14.67799 -11.20261 1.000 939.99083 ? 4   DC C OP2   1 
ATOM   641 O "O5'" . DC C 3 4  ? -0.78005  -14.77429 -9.15387  1.000 938.99032 ? 4   DC C "O5'" 1 
ATOM   642 C "C5'" . DC C 3 4  ? 0.08681   -15.62778 -8.41824  1.000 935.46833 ? 4   DC C "C5'" 1 
ATOM   643 C "C4'" . DC C 3 4  ? 0.74008   -14.89343 -7.25533  1.000 932.79421 ? 4   DC C "C4'" 1 
ATOM   644 O "O4'" . DC C 3 4  ? 0.56387   -13.45867 -7.39588  1.000 932.69281 ? 4   DC C "O4'" 1 
ATOM   645 C "C3'" . DC C 3 4  ? 0.19879   -15.24775 -5.87382  1.000 941.10146 ? 4   DC C "C3'" 1 
ATOM   646 O "O3'" . DC C 3 4  ? 1.27738   -15.32689 -4.96052  1.000 932.81316 ? 4   DC C "O3'" 1 
ATOM   647 C "C2'" . DC C 3 4  ? -0.72406  -14.06991 -5.55363  1.000 949.06030 ? 4   DC C "C2'" 1 
ATOM   648 C "C1'" . DC C 3 4  ? 0.03397   -12.92553 -6.19697  1.000 939.99559 ? 4   DC C "C1'" 1 
ATOM   649 N N1    . DC C 3 4  ? -0.80421  -11.74607 -6.56344  1.000 945.29069 ? 4   DC C N1    1 
ATOM   650 C C2    . DC C 3 4  ? -0.54259  -10.49020 -5.99112  1.000 943.46842 ? 4   DC C C2    1 
ATOM   651 O O2    . DC C 3 4  ? 0.35656   -10.37786 -5.14978  1.000 937.29588 ? 4   DC C O2    1 
ATOM   652 N N3    . DC C 3 4  ? -1.29988  -9.42879  -6.36752  1.000 947.92427 ? 4   DC C N3    1 
ATOM   653 C C4    . DC C 3 4  ? -2.26464  -9.58541  -7.27520  1.000 952.90318 ? 4   DC C C4    1 
ATOM   654 N N4    . DC C 3 4  ? -2.98594  -8.51347  -7.61819  1.000 955.96439 ? 4   DC C N4    1 
ATOM   655 C C5    . DC C 3 4  ? -2.53629  -10.84927 -7.87219  1.000 954.07147 ? 4   DC C C5    1 
ATOM   656 C C6    . DC C 3 4  ? -1.78490  -11.88823 -7.49798  1.000 950.59675 ? 4   DC C C6    1 
ATOM   657 P P     . DA C 3 5  ? 1.47969   -16.63708 -4.05635  1.000 926.36344 ? 5   DA C P     1 
ATOM   658 O OP1   . DA C 3 5  ? 2.91757   -16.99169 -4.09560  1.000 912.91452 ? 5   DA C OP1   1 
ATOM   659 O OP2   . DA C 3 5  ? 0.46682   -17.62956 -4.47996  1.000 936.16410 ? 5   DA C OP2   1 
ATOM   660 O "O5'" . DA C 3 5  ? 1.08875   -16.13462 -2.59040  1.000 930.16534 ? 5   DA C "O5'" 1 
ATOM   661 C "C5'" . DA C 3 5  ? 1.48436   -14.83633 -2.16271  1.000 925.61651 ? 5   DA C "C5'" 1 
ATOM   662 C "C4'" . DA C 3 5  ? 0.38108   -14.16427 -1.36265  1.000 935.60426 ? 5   DA C "C4'" 1 
ATOM   663 O "O4'" . DA C 3 5  ? -0.41598  -13.30902 -2.22654  1.000 943.01605 ? 5   DA C "O4'" 1 
ATOM   664 C "C3'" . DA C 3 5  ? -0.61345  -15.11824 -0.67738  1.000 945.10976 ? 5   DA C "C3'" 1 
ATOM   665 O "O3'" . DA C 3 5  ? -0.74332  -14.77023 0.69479   1.000 944.48194 ? 5   DA C "O3'" 1 
ATOM   666 C "C2'" . DA C 3 5  ? -1.92112  -14.85921 -1.43176  1.000 958.03396 ? 5   DA C "C2'" 1 
ATOM   667 C "C1'" . DA C 3 5  ? -1.74357  -13.39712 -1.78977  1.000 955.65101 ? 5   DA C "C1'" 1 
ATOM   668 N N9    . DA C 3 5  ? -2.65037  -12.91123 -2.82996  1.000 963.38528 ? 5   DA C N9    1 
ATOM   669 C C8    . DA C 3 5  ? -3.39603  -13.66065 -3.69741  1.000 969.68421 ? 5   DA C C8    1 
ATOM   670 N N7    . DA C 3 5  ? -4.13709  -12.94570 -4.51250  1.000 974.06560 ? 5   DA C N7    1 
ATOM   671 C C5    . DA C 3 5  ? -3.87365  -11.63783 -4.14027  1.000 971.45085 ? 5   DA C C5    1 
ATOM   672 C C6    . DA C 3 5  ? -4.34890  -10.39948 -4.61694  1.000 973.25243 ? 5   DA C C6    1 
ATOM   673 N N6    . DA C 3 5  ? -5.22859  -10.28496 -5.61745  1.000 977.20744 ? 5   DA C N6    1 
ATOM   674 N N1    . DA C 3 5  ? -3.88339  -9.27996  -4.02159  1.000 969.70261 ? 5   DA C N1    1 
ATOM   675 C C2    . DA C 3 5  ? -3.00102  -9.40131  -3.02350  1.000 963.84118 ? 5   DA C C2    1 
ATOM   676 N N3    . DA C 3 5  ? -2.48476  -10.50591 -2.49011  1.000 960.52282 ? 5   DA C N3    1 
ATOM   677 C C4    . DA C 3 5  ? -2.96577  -11.59962 -3.09977  1.000 965.06601 ? 5   DA C C4    1 
ATOM   678 P P     . DG C 3 6  ? -0.04050  -15.65364 1.83815   1.000 886.56397 ? 6   DG C P     1 
ATOM   679 O OP1   . DG C 3 6  ? 1.41701   -15.40982 1.75178   1.000 872.39896 ? 6   DG C OP1   1 
ATOM   680 O OP2   . DG C 3 6  ? -0.56185  -17.03491 1.73922   1.000 892.07838 ? 6   DG C OP2   1 
ATOM   681 O "O5'" . DG C 3 6  ? -0.56747  -14.99388 3.19881   1.000 888.15660 ? 6   DG C "O5'" 1 
ATOM   682 C "C5'" . DG C 3 6  ? -0.10655  -13.70206 3.58606   1.000 882.52937 ? 6   DG C "C5'" 1 
ATOM   683 C "C4'" . DG C 3 6  ? -1.22354  -12.87396 4.20812   1.000 891.57387 ? 6   DG C "C4'" 1 
ATOM   684 O "O4'" . DG C 3 6  ? -1.96324  -12.17568 3.16983   1.000 901.68234 ? 6   DG C "O4'" 1 
ATOM   685 C "C3'" . DG C 3 6  ? -2.26431  -13.65668 5.00816   1.000 898.89361 ? 6   DG C "C3'" 1 
ATOM   686 O "O3'" . DG C 3 6  ? -2.65825  -12.89230 6.13875   1.000 898.59630 ? 6   DG C "O3'" 1 
ATOM   687 C "C2'" . DG C 3 6  ? -3.41309  -13.79589 4.01082   1.000 913.23405 ? 6   DG C "C2'" 1 
ATOM   688 C "C1'" . DG C 3 6  ? -3.34199  -12.44944 3.31050   1.000 914.62249 ? 6   DG C "C1'" 1 
ATOM   689 N N9    . DG C 3 6  ? -3.94794  -12.42917 1.98121   1.000 923.55369 ? 6   DG C N9    1 
ATOM   690 C C8    . DG C 3 6  ? -3.90167  -13.42310 1.03391   1.000 925.04995 ? 6   DG C C8    1 
ATOM   691 N N7    . DG C 3 6  ? -4.52189  -13.11560 -0.07213  1.000 932.10303 ? 6   DG C N7    1 
ATOM   692 C C5    . DG C 3 6  ? -5.00497  -11.83203 0.15229   1.000 935.87373 ? 6   DG C C5    1 
ATOM   693 C C6    . DG C 3 6  ? -5.75781  -10.98010 -0.69199  1.000 942.63334 ? 6   DG C C6    1 
ATOM   694 O O6    . DG C 3 6  ? -6.15772  -11.19932 -1.84291  1.000 945.76272 ? 6   DG C O6    1 
ATOM   695 N N1    . DG C 3 6  ? -6.04302  -9.76236  -0.07683  1.000 944.46622 ? 6   DG C N1    1 
ATOM   696 C C2    . DG C 3 6  ? -5.65102  -9.41277  1.19426   1.000 939.89101 ? 6   DG C C2    1 
ATOM   697 N N2    . DG C 3 6  ? -6.01935  -8.19320  1.61793   1.000 942.32564 ? 6   DG C N2    1 
ATOM   698 N N3    . DG C 3 6  ? -4.94406  -10.20261 1.99578   1.000 932.43573 ? 6   DG C N3    1 
ATOM   699 C C4    . DG C 3 6  ? -4.65809  -11.39335 1.41018   1.000 931.03204 ? 6   DG C C4    1 
ATOM   700 P P     . DT C 3 7  ? -2.86769  -13.59332 7.56839   1.000 771.98584 ? 7   DT C P     1 
ATOM   701 O OP1   . DT C 3 7  ? -1.65660  -13.32938 8.37757   1.000 757.10971 ? 7   DT C OP1   1 
ATOM   702 O OP2   . DT C 3 7  ? -3.30323  -14.98660 7.32593   1.000 776.51307 ? 7   DT C OP2   1 
ATOM   703 O "O5'" . DT C 3 7  ? -4.10234  -12.79581 8.20202   1.000 780.84668 ? 7   DT C "O5'" 1 
ATOM   704 C "C5'" . DT C 3 7  ? -5.38325  -12.86620 7.58266   1.000 795.38178 ? 7   DT C "C5'" 1 
ATOM   705 C "C4'" . DT C 3 7  ? -6.03976  -11.49810 7.52397   1.000 802.20960 ? 7   DT C "C4'" 1 
ATOM   706 O "O4'" . DT C 3 7  ? -6.18872  -11.09944 6.13750   1.000 809.67808 ? 7   DT C "O4'" 1 
ATOM   707 C "C3'" . DT C 3 7  ? -7.44313  -11.44350 8.10660   1.000 811.85718 ? 7   DT C "C3'" 1 
ATOM   708 O "O3'" . DT C 3 7  ? -7.73987  -10.12839 8.56288   1.000 812.87295 ? 7   DT C "O3'" 1 
ATOM   709 C "C2'" . DT C 3 7  ? -8.30263  -11.82766 6.90967   1.000 824.87556 ? 7   DT C "C2'" 1 
ATOM   710 C "C1'" . DT C 3 7  ? -7.55389  -11.15777 5.76032   1.000 823.50197 ? 7   DT C "C1'" 1 
ATOM   711 N N1    . DT C 3 7  ? -7.65755  -11.90431 4.47413   1.000 829.09400 ? 7   DT C N1    1 
ATOM   712 C C2    . DT C 3 7  ? -8.25970  -11.30342 3.39357   1.000 837.85859 ? 7   DT C C2    1 
ATOM   713 O O2    . DT C 3 7  ? -8.71723  -10.17404 3.42535   1.000 841.70716 ? 7   DT C O2    1 
ATOM   714 N N3    . DT C 3 7  ? -8.30523  -12.07570 2.26264   1.000 841.12919 ? 7   DT C N3    1 
ATOM   715 C C4    . DT C 3 7  ? -7.82188  -13.36266 2.10785   1.000 837.38823 ? 7   DT C C4    1 
ATOM   716 O O4    . DT C 3 7  ? -7.91139  -13.97493 1.04791   1.000 840.31327 ? 7   DT C O4    1 
ATOM   717 C C5    . DT C 3 7  ? -7.20484  -13.93515 3.28008   1.000 828.75343 ? 7   DT C C5    1 
ATOM   718 C C7    . DT C 3 7  ? -6.64405  -15.32606 3.23287   1.000 823.71598 ? 7   DT C C7    1 
ATOM   719 C C6    . DT C 3 7  ? -7.15393  -13.18771 4.39405   1.000 824.66887 ? 7   DT C C6    1 
ATOM   720 P P     . DA C 3 8  ? -8.69495  -9.91876  9.83857   1.000 814.32012 ? 8   DA C P     1 
ATOM   721 O OP1   . DA C 3 8  ? -7.87439  -9.32414  10.91602  1.000 802.02396 ? 8   DA C OP1   1 
ATOM   722 O OP2   . DA C 3 8  ? -9.40543  -11.19558 10.07752  1.000 817.72295 ? 8   DA C OP2   1 
ATOM   723 O "O5'" . DA C 3 8  ? -9.76253  -8.83245  9.34779   1.000 826.36793 ? 8   DA C "O5'" 1 
ATOM   724 C "C5'" . DA C 3 8  ? -10.09284 -8.74030  7.97006   1.000 836.17631 ? 8   DA C "C5'" 1 
ATOM   725 C "C4'" . DA C 3 8  ? -11.58614 -8.91013  7.75159   1.000 848.86064 ? 8   DA C "C4'" 1 
ATOM   726 O "O4'" . DA C 3 8  ? -11.83287 -9.07233  6.33711   1.000 857.40006 ? 8   DA C "O4'" 1 
ATOM   727 C "C3'" . DA C 3 8  ? -12.20521 -10.12597 8.44806   1.000 849.08240 ? 8   DA C "C3'" 1 
ATOM   728 O "O3'" . DA C 3 8  ? -13.19887 -9.72312  9.43643   1.000 850.51341 ? 8   DA C "O3'" 1 
ATOM   729 C "C2'" . DA C 3 8  ? -12.78417 -10.99434 7.32168   1.000 858.89554 ? 8   DA C "C2'" 1 
ATOM   730 C "C1'" . DA C 3 8  ? -12.80946 -10.06079 6.11674   1.000 865.42824 ? 8   DA C "C1'" 1 
ATOM   731 N N9    . DA C 3 8  ? -12.49571 -10.72568 4.85454   1.000 868.42758 ? 8   DA C N9    1 
ATOM   732 C C8    . DA C 3 8  ? -11.49255 -11.62562 4.62166   1.000 861.48139 ? 8   DA C C8    1 
ATOM   733 N N7    . DA C 3 8  ? -11.44212 -12.05195 3.38115   1.000 865.36220 ? 8   DA C N7    1 
ATOM   734 C C5    . DA C 3 8  ? -12.47815 -11.37744 2.75613   1.000 875.11111 ? 8   DA C C5    1 
ATOM   735 C C6    . DA C 3 8  ? -12.96049 -11.39183 1.43199   1.000 881.06525 ? 8   DA C C6    1 
ATOM   736 N N6    . DA C 3 8  ? -12.42601 -12.13974 0.46242   1.000 878.19989 ? 8   DA C N6    1 
ATOM   737 N N1    . DA C 3 8  ? -14.01426 -10.60170 1.14120   1.000 888.02827 ? 8   DA C N1    1 
ATOM   738 C C2    . DA C 3 8  ? -14.54869 -9.85552  2.11443   1.000 889.93829 ? 8   DA C C2    1 
ATOM   739 N N3    . DA C 3 8  ? -14.18701 -9.76204  3.39255   1.000 885.04828 ? 8   DA C N3    1 
ATOM   740 C C4    . DA C 3 8  ? -13.13732 -10.55638 3.65061   1.000 877.36562 ? 8   DA C C4    1 
ATOM   741 P P     . DG C 3 9  ? -14.65853 -9.16258  9.03472   1.000 862.39277 ? 9   DG C P     1 
ATOM   742 O OP1   . DG C 3 9  ? -14.56981 -8.21999  7.89886   1.000 868.65808 ? 9   DG C OP1   1 
ATOM   743 O OP2   . DG C 3 9  ? -15.25946 -8.68376  10.29713  1.000 858.41763 ? 9   DG C OP2   1 
ATOM   744 O "O5'" . DG C 3 9  ? -15.48647 -10.46116 8.59866   1.000 868.93887 ? 9   DG C "O5'" 1 
ATOM   745 C "C5'" . DG C 3 9  ? -16.90492 -10.38517 8.44995   1.000 876.98372 ? 9   DG C "C5'" 1 
ATOM   746 C "C4'" . DG C 3 9  ? -17.30630 -10.45768 6.98529   1.000 887.12762 ? 9   DG C "C4'" 1 
ATOM   747 O "O4'" . DG C 3 9  ? -16.17967 -10.90120 6.20594   1.000 885.91617 ? 9   DG C "O4'" 1 
ATOM   748 C "C3'" . DG C 3 9  ? -18.43405 -11.44770 6.67833   1.000 893.15391 ? 9   DG C "C3'" 1 
ATOM   749 O "O3'" . DG C 3 9  ? -19.70717 -10.76091 6.48496   1.000 897.86057 ? 9   DG C "O3'" 1 
ATOM   750 C "C2'" . DG C 3 9  ? -17.97060 -12.21035 5.42491   1.000 898.11168 ? 9   DG C "C2'" 1 
ATOM   751 C "C1'" . DG C 3 9  ? -16.64780 -11.54715 5.04808   1.000 893.96256 ? 9   DG C "C1'" 1 
ATOM   752 N N9    . DG C 3 9  ? -15.61903 -12.48779 4.60671   1.000 890.55736 ? 9   DG C N9    1 
ATOM   753 C C8    . DG C 3 9  ? -14.64568 -13.05550 5.38979   1.000 880.77858 ? 9   DG C C8    1 
ATOM   754 N N7    . DG C 3 9  ? -13.84663 -13.84951 4.73939   1.000 878.40255 ? 9   DG C N7    1 
ATOM   755 C C5    . DG C 3 9  ? -14.31592 -13.81328 3.43459   1.000 887.23634 ? 9   DG C C5    1 
ATOM   756 C C6    . DG C 3 9  ? -13.83418 -14.47913 2.28520   1.000 887.76237 ? 9   DG C C6    1 
ATOM   757 O O6    . DG C 3 9  ? -12.87623 -15.25793 2.19737   1.000 880.96524 ? 9   DG C O6    1 
ATOM   758 N N1    . DG C 3 9  ? -14.58852 -14.16923 1.15686   1.000 895.41015 ? 9   DG C N1    1 
ATOM   759 C C2    . DG C 3 9  ? -15.67056 -13.31924 1.14338   1.000 901.72827 ? 9   DG C C2    1 
ATOM   760 N N2    . DG C 3 9  ? -16.27354 -13.14319 -0.04241  1.000 905.33134 ? 9   DG C N2    1 
ATOM   761 N N3    . DG C 3 9  ? -16.13195 -12.68247 2.21918   1.000 901.95134 ? 9   DG C N3    1 
ATOM   762 C C4    . DG C 3 9  ? -15.40371 -12.97706 3.32833   1.000 894.54739 ? 9   DG C C4    1 
ATOM   763 P P     . DA C 3 10 ? -20.09787 -10.03091 5.09788   1.000 904.41723 ? 10  DA C P     1 
ATOM   764 O OP1   . DA C 3 10 ? -18.90381 -9.38734  4.50205   1.000 903.23855 ? 10  DA C OP1   1 
ATOM   765 O OP2   . DA C 3 10 ? -21.27282 -9.18212  5.39463   1.000 903.78434 ? 10  DA C OP2   1 
ATOM   766 O "O5'" . DA C 3 10 ? -20.63018 -11.21456 4.15011   1.000 910.26142 ? 10  DA C "O5'" 1 
ATOM   767 C "C5'" . DA C 3 10 ? -21.46955 -10.90572 3.02269   1.000 913.93674 ? 10  DA C "C5'" 1 
ATOM   768 C "C4'" . DA C 3 10 ? -21.61823 -12.09854 2.08628   1.000 918.54309 ? 10  DA C "C4'" 1 
ATOM   769 O "O4'" . DA C 3 10 ? -20.31697 -12.53737 1.63780   1.000 918.59345 ? 10  DA C "O4'" 1 
ATOM   770 C "C3'" . DA C 3 10 ? -22.23656 -13.33426 2.70541   1.000 919.98573 ? 10  DA C "C3'" 1 
ATOM   771 O "O3'" . DA C 3 10 ? -23.65184 -13.23440 2.68143   1.000 920.19003 ? 10  DA C "O3'" 1 
ATOM   772 C "C2'" . DA C 3 10 ? -21.74512 -14.43558 1.76894   1.000 924.18117 ? 10  DA C "C2'" 1 
ATOM   773 C "C1'" . DA C 3 10 ? -20.36103 -13.92790 1.34621   1.000 921.96711 ? 10  DA C "C1'" 1 
ATOM   774 N N9    . DA C 3 10 ? -19.25314 -14.57813 2.04581   1.000 918.31170 ? 10  DA C N9    1 
ATOM   775 C C8    . DA C 3 10 ? -18.95982 -14.48164 3.37368   1.000 912.29643 ? 10  DA C C8    1 
ATOM   776 N N7    . DA C 3 10 ? -17.89732 -15.15789 3.73771   1.000 906.67745 ? 10  DA C N7    1 
ATOM   777 C C5    . DA C 3 10 ? -17.45914 -15.74588 2.56673   1.000 910.01041 ? 10  DA C C5    1 
ATOM   778 C C6    . DA C 3 10 ? -16.37040 -16.59486 2.28577   1.000 905.47603 ? 10  DA C C6    1 
ATOM   779 N N6    . DA C 3 10 ? -15.50072 -17.00412 3.21250   1.000 896.16965 ? 10  DA C N6    1 
ATOM   780 N N1    . DA C 3 10 ? -16.20856 -17.00307 1.01340   1.000 908.67477 ? 10  DA C N1    1 
ATOM   781 C C2    . DA C 3 10 ? -17.08416 -16.59069 0.08855   1.000 915.03311 ? 10  DA C C2    1 
ATOM   782 N N3    . DA C 3 10 ? -18.14523 -15.79065 0.22970   1.000 919.29852 ? 10  DA C N3    1 
ATOM   783 C C4    . DA C 3 10 ? -18.27777 -15.39957 1.50778   1.000 917.10156 ? 10  DA C C4    1 
ATOM   784 O "O5'" . DA D 4 1  ? 8.15981   -6.84227  -3.28097  1.000 857.28593 ? 1   DA D "O5'" 1 
ATOM   785 C "C5'" . DA D 4 1  ? 8.44095   -5.59768  -2.65245  1.000 855.88772 ? 1   DA D "C5'" 1 
ATOM   786 C "C4'" . DA D 4 1  ? 8.13229   -4.44054  -3.58485  1.000 857.83136 ? 1   DA D "C4'" 1 
ATOM   787 O "O4'" . DA D 4 1  ? 8.40040   -3.19677  -2.90431  1.000 856.35122 ? 1   DA D "O4'" 1 
ATOM   788 C "C3'" . DA D 4 1  ? 8.99210   -4.38002  -4.83246  1.000 860.18940 ? 1   DA D "C3'" 1 
ATOM   789 O "O3'" . DA D 4 1  ? 8.46414   -5.23711  -5.87625  1.000 862.45896 ? 1   DA D "O3'" 1 
ATOM   790 C "C2'" . DA D 4 1  ? 8.92849   -2.89863  -5.21063  1.000 860.95478 ? 1   DA D "C2'" 1 
ATOM   791 C "C1'" . DA D 4 1  ? 8.75125   -2.20408  -3.85104  1.000 858.20351 ? 1   DA D "C1'" 1 
ATOM   792 N N9    . DA D 4 1  ? 9.94304   -1.48187  -3.38967  1.000 857.00273 ? 1   DA D N9    1 
ATOM   793 C C8    . DA D 4 1  ? 10.51124  -0.39109  -3.98667  1.000 858.11790 ? 1   DA D C8    1 
ATOM   794 N N7    . DA D 4 1  ? 11.57035  0.06574   -3.36504  1.000 856.63472 ? 1   DA D N7    1 
ATOM   795 C C5    . DA D 4 1  ? 11.71097  -0.77901  -2.27822  1.000 854.36016 ? 1   DA D C5    1 
ATOM   796 C C6    . DA D 4 1  ? 12.65267  -0.82349  -1.23223  1.000 852.01769 ? 1   DA D C6    1 
ATOM   797 N N6    . DA D 4 1  ? 13.65949  0.04810   -1.11786  1.000 851.59818 ? 1   DA D N6    1 
ATOM   798 N N1    . DA D 4 1  ? 12.51228  -1.79008  -0.30234  1.000 850.12350 ? 1   DA D N1    1 
ATOM   799 C C2    . DA D 4 1  ? 11.49917  -2.65577  -0.42208  1.000 850.58116 ? 1   DA D C2    1 
ATOM   800 N N3    . DA D 4 1  ? 10.55453  -2.71752  -1.36100  1.000 852.71213 ? 1   DA D N3    1 
ATOM   801 C C4    . DA D 4 1  ? 10.71638  -1.74018  -2.27001  1.000 854.54210 ? 1   DA D C4    1 
ATOM   802 P P     . DC D 4 2  ? 6.88015   -5.39186  -6.13695  1.000 863.35701 ? 2   DC D P     1 
ATOM   803 O OP1   . DC D 4 2  ? 6.26510   -4.05753  -6.26150  1.000 863.71186 ? 2   DC D OP1   1 
ATOM   804 O OP2   . DC D 4 2  ? 6.33517   -6.38384  -5.18470  1.000 861.58029 ? 2   DC D OP2   1 
ATOM   805 O "O5'" . DC D 4 2  ? 6.80110   -6.06808  -7.58051  1.000 866.33810 ? 2   DC D "O5'" 1 
ATOM   806 C "C5'" . DC D 4 2  ? 7.97587   -6.21630  -8.35604  1.000 867.64731 ? 2   DC D "C5'" 1 
ATOM   807 C "C4'" . DC D 4 2  ? 8.04776   -5.16202  -9.44465  1.000 869.81490 ? 2   DC D "C4'" 1 
ATOM   808 O "O4'" . DC D 4 2  ? 6.71580   -4.68484  -9.77404  1.000 870.77533 ? 2   DC D "O4'" 1 
ATOM   809 C "C3'" . DC D 4 2  ? 8.86231   -3.90099  -9.10120  1.000 868.91495 ? 2   DC D "C3'" 1 
ATOM   810 O "O3'" . DC D 4 2  ? 9.62436   -3.50516  -10.23589 1.000 871.05294 ? 2   DC D "O3'" 1 
ATOM   811 C "C2'" . DC D 4 2  ? 7.76518   -2.87480  -8.83180  1.000 868.59774 ? 2   DC D "C2'" 1 
ATOM   812 C "C1'" . DC D 4 2  ? 6.80226   -3.29125  -9.91832  1.000 871.02430 ? 2   DC D "C1'" 1 
ATOM   813 N N1    . DC D 4 2  ? 5.44256   -2.66971  -9.85974  1.000 871.19810 ? 2   DC D N1    1 
ATOM   814 C C2    . DC D 4 2  ? 4.41547   -3.20944  -10.63240 1.000 873.00708 ? 2   DC D C2    1 
ATOM   815 O O2    . DC D 4 2  ? 4.62170   -4.22977  -11.29199 1.000 874.32170 ? 2   DC D O2    1 
ATOM   816 N N3    . DC D 4 2  ? 3.18986   -2.64208  -10.59401 1.000 873.19377 ? 2   DC D N3    1 
ATOM   817 C C4    . DC D 4 2  ? 2.97983   -1.55245  -9.85952  1.000 871.72714 ? 2   DC D C4    1 
ATOM   818 N N4    . DC D 4 2  ? 1.74827   -1.02552  -9.87293  1.000 872.01922 ? 2   DC D N4    1 
ATOM   819 C C5    . DC D 4 2  ? 4.02090   -0.96119  -9.07972  1.000 869.90265 ? 2   DC D C5    1 
ATOM   820 C C6    . DC D 4 2  ? 5.22971   -1.54347  -9.11605  1.000 869.71854 ? 2   DC D C6    1 
ATOM   821 P P     . DC D 4 3  ? 10.90964  -4.33975  -10.71859 1.000 871.75621 ? 3   DC D P     1 
ATOM   822 O OP1   . DC D 4 3  ? 11.09402  -5.52913  -9.85801  1.000 869.97706 ? 3   DC D OP1   1 
ATOM   823 O OP2   . DC D 4 3  ? 11.99623  -3.34985  -10.86091 1.000 871.81508 ? 3   DC D OP2   1 
ATOM   824 O "O5'" . DC D 4 3  ? 10.52844  -4.80537  -12.20230 1.000 874.84941 ? 3   DC D "O5'" 1 
ATOM   825 C "C5'" . DC D 4 3  ? 9.17819   -4.74122  -12.64758 1.000 876.04877 ? 3   DC D "C5'" 1 
ATOM   826 C "C4'" . DC D 4 3  ? 9.02242   -3.71798  -13.75283 1.000 878.31448 ? 3   DC D "C4'" 1 
ATOM   827 O "O4'" . DC D 4 3  ? 7.68384   -3.19565  -13.74385 1.000 878.58787 ? 3   DC D "O4'" 1 
ATOM   828 C "C3'" . DC D 4 3  ? 9.89056   -2.48366  -13.60883 1.000 877.84295 ? 3   DC D "C3'" 1 
ATOM   829 O "O3'" . DC D 4 3  ? 11.17485  -2.72466  -14.16911 1.000 878.70318 ? 3   DC D "O3'" 1 
ATOM   830 C "C2'" . DC D 4 3  ? 9.11679   -1.42525  -14.40709 1.000 879.63672 ? 3   DC D "C2'" 1 
ATOM   831 C "C1'" . DC D 4 3  ? 7.68856   -1.99364  -14.47679 1.000 880.07281 ? 3   DC D "C1'" 1 
ATOM   832 N N1    . DC D 4 3  ? 6.64954   -1.06685  -13.93160 1.000 879.19743 ? 3   DC D N1    1 
ATOM   833 C C2    . DC D 4 3  ? 5.32565   -1.17059  -14.37356 1.000 880.37465 ? 3   DC D C2    1 
ATOM   834 O O2    . DC D 4 3  ? 5.01932   -2.05840  -15.17831 1.000 882.06835 ? 3   DC D O2    1 
ATOM   835 N N3    . DC D 4 3  ? 4.39665   -0.31371  -13.87719 1.000 879.57153 ? 3   DC D N3    1 
ATOM   836 C C4    . DC D 4 3  ? 4.75613   0.62666   -12.99956 1.000 877.72208 ? 3   DC D C4    1 
ATOM   837 N N4    . DC D 4 3  ? 3.80753   1.45397   -12.54295 1.000 877.00156 ? 3   DC D N4    1 
ATOM   838 C C5    . DC D 4 3  ? 6.10350   0.75786   -12.54928 1.000 876.52895 ? 3   DC D C5    1 
ATOM   839 C C6    . DC D 4 3  ? 7.00811   -0.09770  -13.03970 1.000 877.32450 ? 3   DC D C6    1 
HETATM 840 P P     . DC E 5 .  ? 3.71559   22.95587  -4.52626  1.000 833.60086 ? 101 DC A P     1 
HETATM 841 O OP1   . DC E 5 .  ? 3.29241   23.16318  -5.93285  1.000 833.60086 ? 101 DC A OP1   1 
HETATM 842 O OP2   . DC E 5 .  ? 4.22101   24.07103  -3.68819  1.000 833.60086 ? 101 DC A OP2   1 
HETATM 843 O "O5'" . DC E 5 .  ? 2.50475   22.26536  -3.73629  1.000 833.60086 ? 101 DC A "O5'" 1 
HETATM 844 C "C5'" . DC E 5 .  ? 1.41821   23.06350  -3.24654  1.000 833.60086 ? 101 DC A "C5'" 1 
HETATM 845 C "C4'" . DC E 5 .  ? 0.16121   22.22501  -3.03827  1.000 833.60086 ? 101 DC A "C4'" 1 
HETATM 846 O "O4'" . DC E 5 .  ? 0.30086   21.42052  -1.83526  1.000 833.60086 ? 101 DC A "O4'" 1 
HETATM 847 C "C3'" . DC E 5 .  ? -1.12340  23.02650  -2.84013  1.000 833.60086 ? 101 DC A "C3'" 1 
HETATM 848 O "O3'" . DC E 5 .  ? -2.23652  22.29902  -3.34991  1.000 833.60086 ? 101 DC A "O3'" 1 
HETATM 849 C "C2'" . DC E 5 .  ? -1.19448  23.15786  -1.32389  1.000 833.60086 ? 101 DC A "C2'" 1 
HETATM 850 C "C1'" . DC E 5 .  ? -0.69019  21.79013  -0.89055  1.000 833.60086 ? 101 DC A "C1'" 1 
HETATM 851 N N1    . DC E 5 .  ? -0.06953  21.77792  0.46328   1.000 765.79542 ? 101 DC A N1    1 
HETATM 852 C C2    . DC E 5 .  ? -0.62084  20.98527  1.47598   1.000 765.79542 ? 101 DC A C2    1 
HETATM 853 O O2    . DC E 5 .  ? -1.62760  20.31448  1.23694   1.000 765.79542 ? 101 DC A O2    1 
HETATM 854 N N3    . DC E 5 .  ? -0.03410  20.98024  2.69943   1.000 765.79542 ? 101 DC A N3    1 
HETATM 855 C C4    . DC E 5 .  ? 1.05010   21.71910  2.92107   1.000 765.79542 ? 101 DC A C4    1 
HETATM 856 N N4    . DC E 5 .  ? 1.59859   21.68449  4.14183   1.000 765.79542 ? 101 DC A N4    1 
HETATM 857 C C5    . DC E 5 .  ? 1.62177   22.53102  1.90189   1.000 765.79542 ? 101 DC A C5    1 
HETATM 858 C C6    . DC E 5 .  ? 1.04120   22.52640  0.70020   1.000 765.79542 ? 101 DC A C6    1 
# 
loop_
_atom_site_anisotrop.id 
_atom_site_anisotrop.type_symbol 
_atom_site_anisotrop.pdbx_label_atom_id 
_atom_site_anisotrop.pdbx_label_alt_id 
_atom_site_anisotrop.pdbx_label_comp_id 
_atom_site_anisotrop.pdbx_label_asym_id 
_atom_site_anisotrop.pdbx_label_seq_id 
_atom_site_anisotrop.pdbx_PDB_ins_code 
_atom_site_anisotrop.U[1][1] 
_atom_site_anisotrop.U[2][2] 
_atom_site_anisotrop.U[3][3] 
_atom_site_anisotrop.U[1][2] 
_atom_site_anisotrop.U[1][3] 
_atom_site_anisotrop.U[2][3] 
_atom_site_anisotrop.pdbx_auth_seq_id 
_atom_site_anisotrop.pdbx_auth_comp_id 
_atom_site_anisotrop.pdbx_auth_asym_id 
_atom_site_anisotrop.pdbx_auth_atom_id 
1   P P     . DT A 1  ? 11.81789 12.51321 11.19074 1.05967  -0.87808 2.13991  1   DT A P     
2   O OP1   . DT A 1  ? 11.90935 12.48625 11.13045 1.10189  -0.92162 2.17261  1   DT A OP1   
3   O OP2   . DT A 1  ? 11.69104 12.61198 11.22818 1.00639  -0.82176 2.06118  1   DT A OP2   
4   O "O5'" . DT A 1  ? 11.93117 12.39344 11.19579 1.08559  -0.91807 2.22361  1   DT A "O5'" 
5   C "C5'" . DT A 1  ? 11.96451 12.37442 11.19766 1.08192  -0.92204 2.23759  1   DT A "C5'" 
6   C "C4'" . DT A 1  ? 12.05120 12.25493 11.21336 1.10005  -0.94831 2.31388  1   DT A "C4'" 
7   O "O4'" . DT A 1  ? 11.98557 12.24826 11.25387 1.07614  -0.92188 2.30642  1   DT A "O4'" 
8   C "C3'" . DT A 1  ? 12.03537 12.25167 11.23870 1.07407  -0.92911 2.31040  1   DT A "C3'" 
9   O "O3'" . DT A 1  ? 12.18772 12.11583 11.21669 1.12146  -0.98216 2.40409  1   DT A "O3'" 
10  C "C2'" . DT A 1  ? 11.91285 12.28259 11.30137 1.01806  -0.87779 2.27297  1   DT A "C2'" 
11  C "C1'" . DT A 1  ? 11.94854 12.22034 11.29837 1.04217  -0.89602 2.31252  1   DT A "C1'" 
12  N N1    . DT A 1  ? 11.80602 12.28307 11.35285 0.98694  -0.84661 2.25639  1   DT A N1    
13  C C2    . DT A 1  ? 11.83082 12.19353 11.37205 0.98968  -0.85237 2.30665  1   DT A C2    
14  O O2    . DT A 1  ? 11.96738 12.05812 11.34699 1.03763  -0.89473 2.39720  1   DT A O2    
15  N N3    . DT A 1  ? 11.68944 12.26204 11.42395 0.93317  -0.80824 2.24776  1   DT A N3    
16  C C4    . DT A 1  ? 11.53164 12.40546 11.46079 0.87782  -0.76328 2.14566  1   DT A C4    
17  O O4    . DT A 1  ? 11.41214 12.45575 11.51038 0.82899  -0.73157 2.09807  1   DT A O4    
18  C C5    . DT A 1  ? 11.51740 12.48579 11.43880 0.88064  -0.75819 2.09976  1   DT A C5    
19  C C7    . DT A 1  ? 11.35581 12.62795 11.47764 0.82539  -0.71165 1.99301  1   DT A C7    
20  C C6    . DT A 1  ? 11.65225 12.42291 11.38519 0.93307  -0.79799 2.15655  1   DT A C6    
21  P P     . DC A 2  ? 12.36863 12.25197 11.38004 1.11145  -0.97897 2.41560  2   DC A P     
22  O OP1   . DC A 2  ? 12.35140 12.34116 11.34926 1.10911  -0.97923 2.36871  2   DC A OP1   
23  O OP2   . DC A 2  ? 12.25847 12.27511 11.43899 1.05269  -0.92457 2.38387  2   DC A OP2   
24  O "O5'" . DC A 2  ? 12.55363 12.07812 11.35416 1.17607  -1.04745 2.53039  2   DC A "O5'" 
25  C "C5'" . DC A 2  ? 12.62368 11.95547 11.36243 1.20402  -1.07064 2.59976  2   DC A "C5'" 
26  C "C4'" . DC A 2  ? 12.62457 11.86070 11.40437 1.18356  -1.04498 2.63938  2   DC A "C4'" 
27  O "O4'" . DC A 2  ? 12.52367 11.87551 11.44450 1.14248  -1.00057 2.61590  2   DC A "O4'" 
28  C "C3'" . DC A 2  ? 12.54850 11.92161 11.43019 1.13591  -1.00350 2.59631  2   DC A "C3'" 
29  O "O3'" . DC A 2  ? 12.67322 11.79510 11.42041 1.17049  -1.03710 2.67127  2   DC A "O3'" 
30  C "C2'" . DC A 2  ? 12.40028 11.96075 11.49112 1.06277  -0.93803 2.55223  2   DC A "C2'" 
31  C "C1'" . DC A 2  ? 12.42005 11.89061 11.49637 1.07882  -0.94630 2.58870  2   DC A "C1'" 
32  N N1    . DC A 2  ? 12.25511 12.00546 11.53639 1.01629  -0.89526 2.50947  2   DC A N1    
33  C C2    . DC A 2  ? 12.17374 11.95986 11.59123 0.96091  -0.85794 2.51412  2   DC A C2    
34  O O2    . DC A 2  ? 12.23994 11.81467 11.60528 0.96324  -0.86279 2.58687  2   DC A O2    
35  N N3    . DC A 2  ? 12.02023 12.06924 11.63071 0.90188  -0.81795 2.43802  2   DC A N3    
36  C C4    . DC A 2  ? 11.95391 12.21076 11.61678 0.90203  -0.81099 2.36243  2   DC A C4    
37  N N4    . DC A 2  ? 11.80533 12.31014 11.65988 0.84585  -0.77347 2.28855  2   DC A N4    
38  C C5    . DC A 2  ? 12.03377 12.24840 11.56089 0.95585  -0.84284 2.35960  2   DC A C5    
39  C C6    . DC A 2  ? 12.18094 12.14645 11.52228 1.00955  -0.88604 2.43318  2   DC A C6    
40  P P     . DT A 3  ? 11.16887 9.96321  9.81361  1.20363  -1.05891 2.77861  3   DT A P     
41  O OP1   . DT A 3  ? 11.11725 9.92086  9.84331  1.18201  -1.03146 2.78799  3   DT A OP1   
42  O OP2   . DT A 3  ? 11.34708 9.85784  9.76749  1.28313  -1.14034 2.85360  3   DT A OP2   
43  O "O5'" . DT A 3  ? 11.13191 9.92445  9.85115  1.16051  -1.01901 2.78372  3   DT A "O5'" 
44  C "C5'" . DT A 3  ? 10.95312 10.04138 9.89866  1.07257  -0.95004 2.70336  3   DT A "C5'" 
45  C "C4'" . DT A 3  ? 10.91424 9.91315  9.95414  1.02368  -0.91248 2.74504  3   DT A "C4'" 
46  O "O4'" . DT A 3  ? 10.78640 9.96017  9.99207  0.96845  -0.87538 2.70396  3   DT A "O4'" 
47  C "C3'" . DT A 3  ? 10.82432 9.93619  9.99423  0.95410  -0.87267 2.71554  3   DT A "C3'" 
48  O "O3'" . DT A 3  ? 10.86681 9.73576  10.02990 0.93680  -0.86198 2.79561  3   DT A "O3'" 
49  C "C2'" . DT A 3  ? 10.62559 10.09278 10.03847 0.86583  -0.82384 2.61607  3   DT A "C2'" 
50  C "C1'" . DT A 3  ? 10.62602 10.01934 10.05098 0.87079  -0.82344 2.64685  3   DT A "C1'" 
51  N N1    . DT A 3  ? 10.46986 10.17364 10.07704 0.81710  -0.79370 2.55638  3   DT A N1    
52  C C2    . DT A 3  ? 10.34916 10.14323 10.13833 0.73665  -0.76005 2.54165  3   DT A C2    
53  O O2    . DT A 3  ? 10.35650 9.98763  10.17419 0.69914  -0.75095 2.59855  3   DT A O2    
54  N N3    . DT A 3  ? 10.21477 10.29185 10.15978 0.69583  -0.73890 2.45573  3   DT A N3    
55  C C4    . DT A 3  ? 10.18908 10.45225 10.12817 0.72659  -0.74316 2.38660  3   DT A C4    
56  O O4    . DT A 3  ? 10.06533 10.56797 10.15474 0.68689  -0.72145 2.31183  3   DT A O4    
57  C C5    . DT A 3  ? 10.31522 10.46359 10.06492 0.80413  -0.77652 2.40802  3   DT A C5    
58  C C7    . DT A 3  ? 10.29193 10.60973 10.02994 0.83142  -0.78230 2.33962  3   DT A C7    
59  C C6    . DT A 3  ? 10.44861 10.33043 10.04207 0.84548  -0.80259 2.49005  3   DT A C6    
60  P P     . DC A 4  ? 10.79366 9.67011  10.05424 0.86999  -0.83159 2.79613  4   DC A P     
61  O OP1   . DC A 4  ? 10.96857 9.52543  10.02183 0.94496  -0.86833 2.88072  4   DC A OP1   
62  O OP2   . DC A 4  ? 10.64295 9.87824  10.06867 0.80435  -0.80391 2.68966  4   DC A OP2   
63  O "O5'" . DC A 4  ? 10.70769 9.51364  10.12465 0.78516  -0.79523 2.82681  4   DC A "O5'" 
64  C "C5'" . DC A 4  ? 10.56269 9.59162  10.16199 0.71701  -0.76900 2.76927  4   DC A "C5'" 
65  C "C4'" . DC A 4  ? 10.42242 9.49710  10.24154 0.59048  -0.73446 2.75776  4   DC A "C4'" 
66  O "O4'" . DC A 4  ? 10.24853 9.64737  10.27889 0.51110  -0.71240 2.66692  4   DC A "O4'" 
67  C "C3'" . DC A 4  ? 10.36430 9.51392  10.26675 0.52846  -0.72268 2.73082  4   DC A "C3'" 
68  O "O3'" . DC A 4  ? 10.26184 9.35669  10.34080 0.40969  -0.70424 2.73896  4   DC A "O3'" 
69  C "C2'" . DC A 4  ? 10.23485 9.78206  10.26292 0.49784  -0.71122 2.61578  4   DC A "C2'" 
70  C "C1'" . DC A 4  ? 10.13154 9.82763  10.29278 0.45607  -0.69903 2.57630  4   DC A "C1'" 
71  N N1    . DC A 4  ? 10.09325 10.04848 10.25913 0.49680  -0.69985 2.49828  4   DC A N1    
72  C C2    . DC A 4  ? 9.94795  10.15201 10.29813 0.43434  -0.68212 2.42534  4   DC A C2    
73  O O2    . DC A 4  ? 9.85184  10.06563 10.35895 0.34273  -0.66987 2.42472  4   DC A O2    
74  N N3    . DC A 4  ? 9.91446  10.33387 10.27062 0.47149  -0.68134 2.35474  4   DC A N3    
75  C C4    . DC A 4  ? 10.01561 10.40310 10.20751 0.55839  -0.69932 2.35503  4   DC A C4    
76  N N4    . DC A 4  ? 9.97261  10.55887 10.18654 0.58274  -0.69736 2.28396  4   DC A N4    
77  C C5    . DC A 4  ? 10.16355 10.30520 10.16573 0.61977  -0.72243 2.42705  4   DC A C5    
78  C C6    . DC A 4  ? 10.19990 10.13400 10.19292 0.59092  -0.72095 2.49724  4   DC A C6    
79  P P     . DT A 5  ? 10.30045 9.16654  10.36669 0.37074  -0.70444 2.79095  5   DT A P     
80  O OP1   . DT A 5  ? 10.45221 8.90233  10.35898 0.43088  -0.71588 2.90189  5   DT A OP1   
81  O OP2   . DT A 5  ? 10.32531 9.32758  10.32807 0.40918  -0.70926 2.75653  5   DT A OP2   
82  O "O5'" . DT A 5  ? 10.10354 9.10748  10.45364 0.19765  -0.68904 2.73212  5   DT A "O5'" 
83  C "C5'" . DT A 5  ? 9.96632  9.27466  10.47686 0.11456  -0.68246 2.64120  5   DT A "C5'" 
84  C "C4'" . DT A 5  ? 9.80799  9.47261  10.50172 0.05398  -0.67402 2.54186  5   DT A "C4'" 
85  O "O4'" . DT A 5  ? 9.86736  9.67926  10.43852 0.16932  -0.67279 2.51934  5   DT A "O4'" 
86  C "C3'" . DT A 5  ? 9.63898  9.61026  10.54435 -0.06125 -0.67080 2.44028  5   DT A "C3'" 
87  O "O3'" . DT A 5  ? 9.48046  9.64257  10.60219 -0.16855 -0.67068 2.37090  5   DT A "O3'" 
88  C "C2'" . DT A 5  ? 9.66438  9.86900  10.48673 0.02903  -0.66490 2.38929  5   DT A "C2'" 
89  C "C1'" . DT A 5  ? 9.74667  9.91505  10.44316 0.13299  -0.66477 2.41379  5   DT A "C1'" 
90  N N1    . DT A 5  ? 9.84995  10.07080 10.36820 0.25633  -0.66993 2.40514  5   DT A N1    
91  C C2    . DT A 5  ? 9.79949  10.25514 10.35021 0.28642  -0.66526 2.33462  5   DT A C2    
92  O O2    . DT A 5  ? 9.67593  10.31129 10.39234 0.22396  -0.65500 2.27972  5   DT A O2    
93  N N3    . DT A 5  ? 9.89743  10.36193 10.28299 0.38812  -0.67597 2.32754  5   DT A N3    
94  C C4    . DT A 5  ? 10.04064 10.31419 10.23128 0.46357  -0.69391 2.38216  5   DT A C4    
95  O O4    . DT A 5  ? 10.11672 10.40905 10.17381 0.54305  -0.70906 2.36686  5   DT A O4    
96  C C5    . DT A 5  ? 10.09154 10.13264 10.25248 0.43621  -0.69640 2.45638  5   DT A C5    
97  C C7    . DT A 5  ? 10.24803 10.06760 10.20219 0.51580  -0.71731 2.51875  5   DT A C7    
98  C C6    . DT A 5  ? 9.99233  10.01575 10.32036 0.33282  -0.68280 2.46402  5   DT A C6    
99  P P     . DA A 6  ? 9.30204  9.61099  10.67799 -0.34311 -0.68260 2.29269  6   DA A P     
100 O OP1   . DA A 6  ? 9.23741  9.41326  10.73536 -0.44319 -0.69477 2.30064  6   DA A OP1   
101 O OP2   . DA A 6  ? 9.34171  9.55064  10.67010 -0.35617 -0.68755 2.31363  6   DA A OP2   
102 O "O5'" . DA A 6  ? 9.16598  9.90460  10.68547 -0.36441 -0.67675 2.17294  6   DA A "O5'" 
103 C "C5'" . DA A 6  ? 9.20167  10.08666 10.64159 -0.25652 -0.66232 2.15424  6   DA A "C5'" 
104 C "C4'" . DA A 6  ? 9.05086  10.32195 10.66689 -0.30248 -0.65932 2.03106  6   DA A "C4'" 
105 O "O4'" . DA A 6  ? 9.10681  10.49552 10.61297 -0.18199 -0.64506 2.01156  6   DA A "O4'" 
106 C "C3'" . DA A 6  ? 8.97999  10.41055 10.68055 -0.35803 -0.66436 1.96991  6   DA A "C3'" 
107 O "O3'" . DA A 6  ? 8.80566  10.54815 10.73557 -0.45223 -0.67161 1.85546  6   DA A "O3'" 
108 C "C2'" . DA A 6  ? 9.09238  10.54638 10.60719 -0.22140 -0.65028 1.98021  6   DA A "C2'" 
109 C "C1'" . DA A 6  ? 9.09769  10.64839 10.58865 -0.15250 -0.64061 1.95819  6   DA A "C1'" 
110 N N9    . DA A 6  ? 9.24537  10.70093 10.51063 -0.01050 -0.63421 1.99814  6   DA A N9    
111 C C8    . DA A 6  ? 9.41292  10.59521 10.45410 0.07568  -0.64014 2.09136  6   DA A C8    
112 N N7    . DA A 6  ? 9.51837  10.66999 10.38940 0.18928  -0.64170 2.10123  6   DA A N7    
113 C C5    . DA A 6  ? 9.41055  10.82749 10.40590 0.17575  -0.63176 2.01038  6   DA A C5    
114 C C6    . DA A 6  ? 9.43846  10.94750 10.36408 0.25254  -0.62914 1.97231  6   DA A C6    
115 N N6    . DA A 6  ? 9.58970  10.92993 10.29194 0.35804  -0.64171 2.02198  6   DA A N6    
116 N N1    . DA A 6  ? 9.30293  11.07458 10.40220 0.21133  -0.61695 1.88005  6   DA A N1    
117 C C2    . DA A 6  ? 9.15278  11.09023 10.47593 0.10300  -0.61266 1.82705  6   DA A C2    
118 N N3    . DA A 6  ? 9.10953  10.98745 10.51944 0.01684  -0.61928 1.85179  6   DA A N3    
119 C C4    . DA A 6  ? 9.24415  10.85302 10.48094 0.05815  -0.62655 1.94652  6   DA A C4    
120 P P     . DC A 7  ? 8.67927  10.57861 10.78276 -0.57438 -0.68991 1.77998  7   DC A P     
121 O OP1   . DC A 7  ? 8.62557  10.36501 10.83620 -0.70695 -0.71439 1.79984  7   DC A OP1   
122 O OP2   . DC A 7  ? 8.76033  10.64478 10.73286 -0.50132 -0.67981 1.79623  7   DC A OP2   
123 O "O5'" . DC A 7  ? 8.52214  10.78205 10.82549 -0.61785 -0.69429 1.65313  7   DC A "O5'" 
124 C "C5'" . DC A 7  ? 8.46060  10.94749 10.82720 -0.61511 -0.69395 1.57320  7   DC A "C5'" 
125 C "C4'" . DC A 7  ? 8.46134  11.12804 10.80460 -0.51659 -0.67485 1.52384  7   DC A "C4'" 
126 O "O4'" . DC A 7  ? 8.61782  11.09231 10.73661 -0.38901 -0.65402 1.61000  7   DC A "O4'" 
127 C "C3'" . DC A 7  ? 8.44247  11.27161 10.78958 -0.47895 -0.66903 1.46342  7   DC A "C3'" 
128 O "O3'" . DC A 7  ? 8.27375  11.36841 10.85944 -0.57244 -0.68803 1.35067  7   DC A "O3'" 
129 C "C2'" . DC A 7  ? 8.53222  11.35942 10.73415 -0.34487 -0.64494 1.47487  7   DC A "C2'" 
130 C "C1'" . DC A 7  ? 8.65003  11.23835 10.69749 -0.29114 -0.63796 1.57331  7   DC A "C1'" 
131 N N1    . DC A 7  ? 8.83219  11.18682 10.61495 -0.17255 -0.62706 1.66400  7   DC A N1    
132 C C2    . DC A 7  ? 8.90880  11.27057 10.56089 -0.06267 -0.61449 1.66063  7   DC A C2    
133 O O2    . DC A 7  ? 8.82259  11.38367 10.58346 -0.06385 -0.60791 1.58422  7   DC A O2    
134 N N3    . DC A 7  ? 9.07582  11.21466 10.48681 0.03824  -0.61359 1.74038  7   DC A N3    
135 C C4    . DC A 7  ? 9.16730  11.08371 10.46859 0.03982  -0.62195 1.82296  7   DC A C4    
136 N N4    . DC A 7  ? 9.33471  11.03061 10.39749 0.14337  -0.62671 1.89782  7   DC A N4    
137 C C5    . DC A 7  ? 9.09062  10.98840 10.52481 -0.06971 -0.62978 1.83149  7   DC A C5    
138 C C6    . DC A 7  ? 8.92358  11.04216 10.59528 -0.17652 -0.63347 1.75014  7   DC A C6    
139 P P     . DT A 8  ? 8.17942  11.35861 10.90049 -0.68275 -0.71400 1.30028  8   DT A P     
140 O OP1   . DT A 8  ? 8.01587  11.47167 10.97069 -0.75362 -0.73577 1.18081  8   DT A OP1   
141 O OP2   . DT A 8  ? 8.20064  11.17898 10.90923 -0.76657 -0.72950 1.36358  8   DT A OP2   
142 O "O5'" . DT A 8  ? 8.27347  11.41282 10.84146 -0.59308 -0.69626 1.32303  8   DT A "O5'" 
143 C "C5'" . DT A 8  ? 8.25012  11.55776 10.83403 -0.52884 -0.68540 1.25967  8   DT A "C5'" 
144 C "C4'" . DT A 8  ? 8.37513  11.58472 10.76930 -0.39558 -0.65670 1.30834  8   DT A "C4'" 
145 O "O4'" . DT A 8  ? 8.52977  11.47304 10.70680 -0.33750 -0.64709 1.41767  8   DT A "O4'" 
146 C "C3'" . DT A 8  ? 8.40864  11.68704 10.73275 -0.31124 -0.64101 1.27734  8   DT A "C3'" 
147 O "O3'" . DT A 8  ? 8.34020  11.77141 10.75866 -0.29153 -0.63466 1.21606  8   DT A "O3'" 
148 C "C2'" . DT A 8  ? 8.59680  11.63105 10.64164 -0.19824 -0.62315 1.37491  8   DT A "C2'" 
149 C "C1'" . DT A 8  ? 8.64847  11.51259 10.63971 -0.21375 -0.62747 1.44957  8   DT A "C1'" 
150 N N1    . DT A 8  ? 8.81729  11.40121 10.57322 -0.14601 -0.62422 1.55892  8   DT A N1    
151 C C2    . DT A 8  ? 8.95691  11.40382 10.50171 -0.02782 -0.61402 1.60776  8   DT A C2    
152 O O2    . DT A 8  ? 8.94870  11.49113 10.48650 0.02140  -0.60456 1.56606  8   DT A O2    
153 N N3    . DT A 8  ? 9.10774  11.28906 10.44963 0.02754  -0.61880 1.70765  8   DT A N3    
154 C C4    . DT A 8  ? 9.13155  11.16480 10.46384 -0.02196 -0.62794 1.76657  8   DT A C4    
155 O O4    . DT A 8  ? 9.27498  11.05590 10.41755 0.03874  -0.63280 1.85803  8   DT A O4    
156 C C5    . DT A 8  ? 8.97544  11.15947 10.53939 -0.15419 -0.63560 1.71195  8   DT A C5    
157 C C7    . DT A 8  ? 8.97981  11.00678 10.56338 -0.23105 -0.64760 1.76703  8   DT A C7    
158 C C6    . DT A 8  ? 8.82832  11.28010 10.58900 -0.20933 -0.63576 1.61053  8   DT A C6    
159 P P     . DG A 9  ? 8.17854  11.87020 10.83066 -0.35293 -0.64949 1.10430  9   DG A P     
160 O OP1   . DG A 9  ? 8.18364  11.94185 10.81533 -0.27880 -0.63018 1.07569  9   DG A OP1   
161 O OP2   . DG A 9  ? 8.04478  11.85517 10.91101 -0.46820 -0.67866 1.05429  9   DG A OP2   
162 O "O5'" . DG A 9  ? 8.18783  11.87658 10.81700 -0.36666 -0.65576 1.09900  9   DG A "O5'" 
163 C "C5'" . DG A 9  ? 8.16871  11.95114 10.81036 -0.32861 -0.64831 1.05487  9   DG A "C5'" 
164 C "C4'" . DG A 9  ? 8.32524  11.94216 10.71871 -0.21592 -0.62031 1.11930  9   DG A "C4'" 
165 O "O4'" . DG A 9  ? 8.45507  11.85791 10.66525 -0.17840 -0.61455 1.20975  9   DG A "O4'" 
166 C "C3'" . DG A 9  ? 8.36067  11.95642 10.68807 -0.19917 -0.61885 1.12046  9   DG A "C3'" 
167 O "O3'" . DG A 9  ? 8.28736  12.02981 10.70861 -0.19111 -0.61439 1.05594  9   DG A "O3'" 
168 C "C2'" . DG A 9  ? 8.54332  11.90768 10.59297 -0.10047 -0.60044 1.20935  9   DG A "C2'" 
169 C "C1'" . DG A 9  ? 8.59608  11.84217 10.58508 -0.09182 -0.60092 1.26485  9   DG A "C1'" 
170 N N9    . DG A 9  ? 8.70113  11.74833 10.54976 -0.08569 -0.60732 1.34702  9   DG A N9    
171 C C8    . DG A 9  ? 8.65028  11.68989 10.59070 -0.17114 -0.62340 1.35687  9   DG A C8    
172 N N7    . DG A 9  ? 8.77051  11.59272 10.54714 -0.14310 -0.62437 1.44440  9   DG A N7    
173 C C5    . DG A 9  ? 8.91302  11.59347 10.47217 -0.02886 -0.61238 1.49268  9   DG A C5    
174 C C6    . DG A 9  ? 9.08403  11.50574 10.40342 0.04929  -0.61418 1.58904  9   DG A C6    
175 O O6    . DG A 9  ? 9.14552  11.40274 10.39676 0.03584  -0.62264 1.65661  9   DG A O6    
176 N N1    . DG A 9  ? 9.18651  11.53488 10.34044 0.14767  -0.60842 1.60474  9   DG A N1    
177 C C2    . DG A 9  ? 9.12822  11.62887 10.34299 0.16464  -0.59689 1.53927  9   DG A C2    
178 N N2    . DG A 9  ? 9.23992  11.63073 10.27606 0.25275  -0.59474 1.56752  9   DG A N2    
179 N N3    . DG A 9  ? 8.96967  11.70642 10.40874 0.09627  -0.59098 1.45305  9   DG A N3    
180 C C4    . DG A 9  ? 8.87070  11.68703 10.47122 0.00340  -0.60152 1.43311  9   DG A C4    
181 P P     . DT A 10 ? 8.12302  12.07551 10.79322 -0.28338 -0.64189 0.96915  10  DT A P     
182 O OP1   . DT A 10 ? 8.01825  12.12874 10.84577 -0.29296 -0.64412 0.90585  10  DT A OP1   
183 O OP2   . DT A 10 ? 8.07656  12.03092 10.83219 -0.37102 -0.66838 0.96987  10  DT A OP2   
184 O "O5'" . DT A 10 ? 8.15967  12.09711 10.75609 -0.25129 -0.63467 0.96851  10  DT A "O5'" 
185 C "C5'" . DT A 10 ? 8.25805  12.05528 10.70503 -0.23613 -0.63303 1.02249  10  DT A "C5'" 
186 C "C4'" . DT A 10 ? 8.43000  12.01723 10.61380 -0.13804 -0.60770 1.10423  10  DT A "C4'" 
187 O "O4'" . DT A 10 ? 8.50756  11.94522 10.59260 -0.14538 -0.61424 1.16861  10  DT A "O4'" 
188 C "C3'" . DT A 10 ? 8.53024  12.02544 10.54347 -0.06909 -0.59239 1.13039  10  DT A "C3'" 
189 O "O3'" . DT A 10 ? 8.58754  12.04192 10.49776 0.00322  -0.57042 1.14093  10  DT A "O3'" 
190 C "C2'" . DT A 10 ? 8.66601  11.95747 10.48716 -0.03970 -0.59538 1.20958  10  DT A "C2'" 
191 C "C1'" . DT A 10 ? 8.66966  11.90955 10.50705 -0.05913 -0.60100 1.24018  10  DT A "C1'" 
192 N N1    . DT A 10 ? 8.74045  11.82909 10.49172 -0.07519 -0.61155 1.30513  10  DT A N1    
193 C C2    . DT A 10 ? 8.90895  11.76809 10.41533 0.00573  -0.60669 1.39014  10  DT A C2    
194 O O2    . DT A 10 ? 9.00510  11.77986 10.35595 0.08771  -0.59693 1.41183  10  DT A O2    
195 N N3    . DT A 10 ? 8.95891  11.68327 10.41253 -0.01840 -0.61724 1.44961  10  DT A N3    
196 C C4    . DT A 10 ? 8.85469  11.64977 10.47535 -0.12116 -0.63015 1.43229  10  DT A C4    
197 O O4    . DT A 10 ? 8.90741  11.55673 10.46825 -0.14189 -0.63728 1.49373  10  DT A O4    
198 C C5    . DT A 10 ? 8.67823  11.72035 10.55170 -0.20725 -0.63834 1.33728  10  DT A C5    
199 C C7    . DT A 10 ? 8.55041  11.68406 10.62355 -0.33311 -0.66042 1.30536  10  DT A C7    
200 C C6    . DT A 10 ? 8.63269  11.80654 10.55731 -0.17619 -0.62944 1.28002  10  DT A C6    
201 P P     . DG A 11 ? 8.48247  12.08434 10.54641 -0.01084 -0.56356 1.08762  11  DG A P     
202 O OP1   . DG A 11 ? 8.51287  12.05019 10.54835 -0.00348 -0.56439 1.11945  11  DG A OP1   
203 O OP2   . DG A 11 ? 8.32358  12.13149 10.62805 -0.08551 -0.57985 1.00945  11  DG A OP2   
204 O "O5'" . DG A 11 ? 8.54805  12.10208 10.48318 0.06365  -0.53741 1.09765  11  DG A "O5'" 
205 C "C5'" . DG A 11 ? 8.56704  12.10275 10.46611 0.10269  -0.52189 1.10557  11  DG A "C5'" 
206 C "C4'" . DG A 11 ? 8.43220  12.15579 10.52312 0.07315  -0.51457 1.03663  11  DG A "C4'" 
207 O "O4'" . DG A 11 ? 8.38798  12.18617 10.52586 0.06288  -0.51082 1.00411  11  DG A "O4'" 
208 C "C3'" . DG A 11 ? 8.29331  12.17660 10.61901 -0.00198 -0.53612 0.98323  11  DG A "C3'" 
209 O "O3'" . DG A 11 ? 8.24254  12.19423 10.64385 0.00540  -0.52636 0.96088  11  DG A "O3'" 
210 C "C2'" . DG A 11 ? 8.17891  12.21291 10.67577 -0.05858 -0.55266 0.92398  11  DG A "C2'" 
211 C "C1'" . DG A 11 ? 8.23473  12.22331 10.61499 -0.00681 -0.52935 0.93596  11  DG A "C1'" 
212 N N9    . DG A 11 ? 8.21250  12.23190 10.62232 -0.03365 -0.54170 0.92094  11  DG A N9    
213 C C8    . DG A 11 ? 8.26566  12.20595 10.60665 -0.04744 -0.55573 0.94883  11  DG A C8    
214 N N7    . DG A 11 ? 8.22838  12.22163 10.61741 -0.07062 -0.56463 0.92578  11  DG A N7    
215 C C5    . DG A 11 ? 8.14730  12.25792 10.64118 -0.07128 -0.55661 0.88216  11  DG A C5    
216 C C6    . DG A 11 ? 8.07920  12.28385 10.66109 -0.09078 -0.56217 0.84567  11  DG A C6    
217 O O6    . DG A 11 ? 8.07619  12.28266 10.66177 -0.11193 -0.57573 0.84216  11  DG A O6    
218 N N1    . DG A 11 ? 8.00950  12.31073 10.68115 -0.08363 -0.55059 0.81286  11  DG A N1    
219 C C2    . DG A 11 ? 8.00480  12.31414 10.68178 -0.06107 -0.53444 0.81327  11  DG A C2    
220 N N2    . DG A 11 ? 7.93177  12.33900 10.70205 -0.05822 -0.52408 0.78077  11  DG A N2    
221 N N3    . DG A 11 ? 8.06690  12.29232 10.66378 -0.04277 -0.52939 0.84500  11  DG A N3    
222 C C4    . DG A 11 ? 8.13672  12.26415 10.64408 -0.04885 -0.54162 0.87911  11  DG A C4    
223 P P     . DG A 12 ? 8.17373  12.23551 10.65377 0.02075  -0.50738 0.91834  12  DG A P     
224 O OP1   . DG A 12 ? 8.26197  12.23007 10.57533 0.07702  -0.48322 0.94818  12  DG A OP1   
225 O OP2   . DG A 12 ? 8.14511  12.23956 10.67394 0.02893  -0.50014 0.91051  12  DG A OP2   
226 O "O5'" . DG A 12 ? 8.01915  12.27392 10.74456 -0.05350 -0.53354 0.84590  12  DG A "O5'" 
227 C "C5'" . DG A 12 ? 7.89233  12.30232 10.82363 -0.09475 -0.54752 0.79023  12  DG A "C5'" 
228 C "C4'" . DG A 12 ? 7.82318  12.33430 10.83733 -0.08629 -0.53626 0.75340  12  DG A "C4'" 
229 O "O4'" . DG A 12 ? 7.83968  12.33741 10.81159 -0.08365 -0.53535 0.75567  12  DG A "O4'" 
230 C "C3'" . DG A 12 ? 7.66718  12.36540 10.93813 -0.14747 -0.56740 0.68389  12  DG A "C3'" 
231 O "O3'" . DG A 12 ? 7.62541  12.38615 10.93724 -0.12227 -0.54769 0.66515  12  DG A "O3'" 
232 C "C2'" . DG A 12 ? 7.60939  12.37112 10.97959 -0.20287 -0.60255 0.65488  12  DG A "C2'" 
233 C "C1'" . DG A 12 ? 7.71574  12.35865 10.89395 -0.15225 -0.57376 0.69945  12  DG A "C1'" 
234 N N9    . DG A 12 ? 7.75297  12.34152 10.88372 -0.17653 -0.59148 0.71519  12  DG A N9    
235 C C8    . DG A 12 ? 7.82797  12.31112 10.85990 -0.17902 -0.59522 0.75349  12  DG A C8    
236 N N7    . DG A 12 ? 7.84718  12.29882 10.85317 -0.20288 -0.61023 0.76193  12  DG A N7    
237 C C5    . DG A 12 ? 7.78146  12.32422 10.87376 -0.21605 -0.61777 0.72597  12  DG A C5    
238 C C6    . DG A 12 ? 7.76729  12.32489 10.87722 -0.24237 -0.63470 0.71670  12  DG A C6    
239 O O6    . DG A 12 ? 7.81072  12.30300 10.86213 -0.26055 -0.64538 0.73842  12  DG A O6    
240 N N1    . DG A 12 ? 7.69421  12.35167 10.90020 -0.24712 -0.63890 0.68000  12  DG A N1    
241 C C2    . DG A 12 ? 7.64158  12.37302 10.91706 -0.22949 -0.62719 0.65695  12  DG A C2    
242 N N2    . DG A 12 ? 7.57488  12.39258 10.93729 -0.23801 -0.63437 0.62670  12  DG A N2    
243 N N3    . DG A 12 ? 7.65320  12.37301 10.91378 -0.20548 -0.60983 0.66462  12  DG A N3    
244 C C4    . DG A 12 ? 7.72416  12.34907 10.89206 -0.19971 -0.60649 0.69863  12  DG A C4    
245 P P     . DA A 13 ? 7.46827  12.41676 11.03636 -0.17339 -0.57918 0.59652  13  DA A P     
246 O OP1   . DA A 13 ? 7.46027  12.42707 11.01600 -0.13138 -0.54658 0.59731  13  DA A OP1   
247 O OP2   . DA A 13 ? 7.40086  12.41725 11.11175 -0.23304 -0.62039 0.56539  13  DA A OP2   
248 O "O5'" . DA A 13 ? 7.41146  12.42834 11.06115 -0.20474 -0.60278 0.56895  13  DA A "O5'" 
249 C "C5'" . DA A 13 ? 7.27484  12.44689 11.15913 -0.27090 -0.65416 0.50726  13  DA A "C5'" 
250 C "C4'" . DA A 13 ? 7.23861  12.45482 11.16512 -0.28506 -0.66879 0.49092  13  DA A "C4'" 
251 O "O4'" . DA A 13 ? 7.32020  12.43786 11.11576 -0.28151 -0.66366 0.52313  13  DA A "O4'" 
252 C "C3'" . DA A 13 ? 7.09608  12.46979 11.27010 -0.35894 -0.73354 0.42541  13  DA A "C3'" 
253 O "O3'" . DA A 13 ? 7.05152  12.48120 11.27524 -0.35467 -0.73831 0.41014  13  DA A "O3'" 
254 C "C2'" . DA A 13 ? 7.10407  12.45610 11.28517 -0.40724 -0.76536 0.42172  13  DA A "C2'" 
255 C "C1'" . DA A 13 ? 7.23511  12.44136 11.18417 -0.35107 -0.71770 0.48135  13  DA A "C1'" 
256 N N9    . DA A 13 ? 7.30106  12.41971 11.15954 -0.36706 -0.72183 0.50748  13  DA A N9    
257 C C8    . DA A 13 ? 7.36909  12.40153 11.13390 -0.35623 -0.70696 0.53908  13  DA A C8    
258 N N7    . DA A 13 ? 7.41964  12.37976 11.11353 -0.37630 -0.71478 0.56154  13  DA A N7    
259 C C5    . DA A 13 ? 7.38107  12.38611 11.12712 -0.40193 -0.73573 0.54110  13  DA A C5    
260 C C6    . DA A 13 ? 7.40206  12.37043 11.11655 -0.43184 -0.75178 0.54944  13  DA A C6    
261 N N6    . DA A 13 ? 7.47087  12.34182 11.08811 -0.44186 -0.74820 0.58412  13  DA A N6    
262 N N1    . DA A 13 ? 7.34928  12.38239 11.13572 -0.45162 -0.77194 0.52278  13  DA A N1    
263 C C2    . DA A 13 ? 7.28171  12.40626 11.16313 -0.44196 -0.77629 0.49236  13  DA A C2    
264 N N3    . DA A 13 ? 7.25627  12.42076 11.17465 -0.41524 -0.76179 0.48349  13  DA A N3    
265 C C4    . DA A 13 ? 7.30850  12.41055 11.15554 -0.39609 -0.74119 0.50805  13  DA A C4    
266 P P     . DT A 14 ? 8.24713  13.83874 12.70931 -0.39676 -0.78788 0.35015  14  DT A P     
267 O OP1   . DT A 14 ? 8.25801  13.84669 12.66925 -0.34506 -0.74695 0.36615  14  DT A OP1   
268 O OP2   . DT A 14 ? 8.18356  13.84101 12.78160 -0.43954 -0.82513 0.31633  14  DT A OP2   
269 O "O5'" . DT A 14 ? 8.17933  13.83984 12.75690 -0.45154 -0.84290 0.31573  14  DT A "O5'" 
270 C "C5'" . DT A 14 ? 8.20819  13.82665 12.75281 -0.48547 -0.86154 0.31949  14  DT A "C5'" 
271 C "C4'" . DT A 14 ? 8.14927  13.82810 12.78521 -0.52579 -0.90493 0.29119  14  DT A "C4'" 
272 O "O4'" . DT A 14 ? 8.20880  13.81244 12.75165 -0.54118 -0.90325 0.31143  14  DT A "O4'" 
273 C "C3'" . DT A 14 ? 8.00633  13.83420 12.89828 -0.60466 -0.98841 0.22054  14  DT A "C3'" 
274 O "O3'" . DT A 14 ? 7.95343  13.83825 12.91970 -0.62337 -1.02083 0.19899  14  DT A "O3'" 
275 C "C2'" . DT A 14 ? 8.00406  13.81900 12.92302 -0.66148 -1.01816 0.20664  14  DT A "C2'" 
276 C "C1'" . DT A 14 ? 8.12034  13.80636 12.83251 -0.62466 -0.96980 0.26137  14  DT A "C1'" 
277 N N1    . DT A 14 ? 8.19359  13.78775 12.79958 -0.63199 -0.95094 0.28976  14  DT A N1    
278 C C2    . DT A 14 ? 8.21918  13.77037 12.78407 -0.66530 -0.96289 0.29715  14  DT A C2    
279 O O2    . DT A 14 ? 8.18268  13.77076 12.79767 -0.69006 -0.98925 0.27912  14  DT A O2    
280 N N3    . DT A 14 ? 8.28937  13.75021 12.75117 -0.66922 -0.94295 0.32816  14  DT A N3    
281 C C4    . DT A 14 ? 8.33569  13.74651 12.73320 -0.64255 -0.91438 0.35165  14  DT A C4    
282 O O4    . DT A 14 ? 8.39895  13.72452 12.70300 -0.64857 -0.89956 0.38204  14  DT A O4    
283 C C5    . DT A 14 ? 8.30477  13.76741 12.75128 -0.60751 -0.90322 0.34024  14  DT A C5    
284 C C7    . DT A 14 ? 8.34871  13.76502 12.73424 -0.57687 -0.87315 0.36296  14  DT A C7    
285 C C6    . DT A 14 ? 8.23626  13.78624 12.78261 -0.60430 -0.92090 0.31073  14  DT A C6    
286 P P     . DG A 15 ? 7.26473  13.30248 12.47648 -0.67459 -1.09778 0.13412  15  DG A P     
287 O OP1   . DG A 15 ? 7.26324  13.31076 12.44967 -0.63839 -1.08188 0.14645  15  DG A OP1   
288 O OP2   . DG A 15 ? 7.21682  13.30793 12.52864 -0.68633 -1.11509 0.11035  15  DG A OP2   
289 O "O5'" . DG A 15 ? 7.18986  13.29140 12.54367 -0.76048 -1.17469 0.08426  15  DG A "O5'" 
290 C "C5'" . DG A 15 ? 7.24383  13.28049 12.49653 -0.76440 -1.16041 0.10622  15  DG A "C5'" 
291 C "C4'" . DG A 15 ? 7.19827  13.26396 12.54625 -0.84524 -1.21373 0.06822  15  DG A "C4'" 
292 O "O4'" . DG A 15 ? 7.30025  13.25184 12.48170 -0.82396 -1.16040 0.11391  15  DG A "O4'" 
293 C "C3'" . DG A 15 ? 7.08876  13.26283 12.64549 -0.91275 -1.28422 0.00434  15  DG A "C3'" 
294 O "O3'" . DG A 15 ? 6.96841  13.26442 12.73070 -0.96984 -1.36864 -0.05885 15  DG A "O3'" 
295 C "C2'" . DG A 15 ? 7.10416  13.24195 12.64749 -0.96704 -1.29296 -0.00300 15  DG A "C2'" 
296 C "C1'" . DG A 15 ? 7.24213  13.23541 12.53890 -0.90600 -1.21187 0.07163  15  DG A "C1'" 
297 N N9    . DG A 15 ? 7.32107  13.22620 12.49660 -0.88607 -1.16624 0.10845  15  DG A N9    
298 C C8    . DG A 15 ? 7.35076  13.23638 12.48564 -0.84179 -1.13272 0.12723  15  DG A C8    
299 N N7    . DG A 15 ? 7.42239  13.22269 12.44670 -0.83415 -1.09867 0.15987  15  DG A N7    
300 C C5    . DG A 15 ? 7.44029  13.20042 12.43133 -0.87865 -1.11039 0.16349  15  DG A C5    
301 C C6    . DG A 15 ? 7.51080  13.17416 12.38962 -0.89414 -1.08715 0.19668  15  DG A C6    
302 O O6    . DG A 15 ? 7.57420  13.16604 12.35780 -0.86914 -1.05220 0.23049  15  DG A O6    
303 N N1    . DG A 15 ? 7.50333  13.15307 12.38547 -0.94491 -1.10898 0.19005  15  DG A N1    
304 C C2    . DG A 15 ? 7.43488  13.15891 12.41871 -0.97575 -1.14945 0.15349  15  DG A C2    
305 N N2    . DG A 15 ? 7.43684  13.13431 12.40786 -1.02510 -1.16476 0.15213  15  DG A N2    
306 N N3    . DG A 15 ? 7.36938  13.18402 12.45866 -0.96002 -1.17359 0.12250  15  DG A N3    
307 C C4    . DG A 15 ? 7.37707  13.20284 12.46200 -0.91158 -1.15147 0.13067  15  DG A C4    
308 P P     . DA A 16 ? 6.87775  13.22905 12.76654 -1.06109 -1.44269 -0.11235 16  DA A P     
309 O OP1   . DA A 16 ? 6.96765  13.22061 12.68506 -1.03602 -1.39022 -0.06379 16  DA A OP1   
310 O OP2   . DA A 16 ? 6.76670  13.23482 12.84594 -1.09601 -1.52151 -0.16846 16  DA A OP2   
311 O "O5'" . DA A 16 ? 6.82714  13.21146 12.82415 -1.13933 -1.48789 -0.15871 16  DA A "O5'" 
312 C "C5'" . DA A 16 ? 6.76489  13.18611 12.86701 -1.23474 -1.54892 -0.21032 16  DA A "C5'" 
313 C "C4'" . DA A 16 ? 6.85844  13.17013 12.78519 -1.22566 -1.49121 -0.16051 16  DA A "C4'" 
314 O "O4'" . DA A 16 ? 6.97253  13.17393 12.71092 -1.16024 -1.40827 -0.09392 16  DA A "O4'" 
315 C "C3'" . DA A 16 ? 6.80613  13.13582 12.81812 -1.33105 -1.54047 -0.20778 16  DA A "C3'" 
316 O "O3'" . DA A 16 ? 6.85819  13.12348 12.76045 -1.32704 -1.51223 -0.17512 16  DA A "O3'" 
317 C "C2'" . DA A 16 ? 6.85900  13.12388 12.79347 -1.33461 -1.50269 -0.18505 16  DA A "C2'" 
318 C "C1'" . DA A 16 ? 6.99400  13.14554 12.69758 -1.21537 -1.40501 -0.09391 16  DA A "C1'" 
319 N N9    . DA A 16 ? 7.05775  13.14791 12.66812 -1.17856 -1.35722 -0.05875 16  DA A N9    
320 C C8    . DA A 16 ? 7.06887  13.17254 12.67237 -1.11818 -1.33466 -0.04558 16  DA A C8    
321 N N7    . DA A 16 ? 7.13255  13.16856 12.63898 -1.09351 -1.29099 -0.01199 16  DA A N7    
322 C C5    . DA A 16 ? 7.16835  13.13757 12.60950 -1.14097 -1.28408 0.00058  16  DA A C5    
323 C C6    . DA A 16 ? 7.23969  13.11510 12.56646 -1.14511 -1.24619 0.03775  16  DA A C6    
324 N N6    . DA A 16 ? 7.28777  13.12497 12.54706 -1.09593 -1.20802 0.06716  16  DA A N6    
325 N N1    . DA A 16 ? 7.25965  13.07813 12.54275 -1.20322 -1.24934 0.04563  16  DA A N1    
326 C C2    . DA A 16 ? 7.20868  13.06736 12.56203 -1.25331 -1.28763 0.01466  16  DA A C2    
327 N N3    . DA A 16 ? 7.13897  13.08925 12.60363 -1.25293 -1.32669 -0.02381 16  DA A N3    
328 C C4    . DA A 16 ? 7.12312  13.12360 12.62573 -1.19468 -1.32300 -0.02764 16  DA A C4    
329 P P     . DA A 17 ? 6.42315  12.76147 12.47405 -1.42390 -1.58812 -0.23954 17  DA A P     
330 O OP1   . DA A 17 ? 6.49362  12.76506 12.40483 -1.37561 -1.54350 -0.18797 17  DA A OP1   
331 O OP2   . DA A 17 ? 6.29496  12.76866 12.57416 -1.47229 -1.67856 -0.31891 17  DA A OP2   
332 O "O5'" . DA A 17 ? 6.40512  12.71849 12.48248 -1.52096 -1.60526 -0.26728 17  DA A "O5'" 
333 C "C5'" . DA A 17 ? 6.31551  12.70257 12.55873 -1.60201 -1.66702 -0.33739 17  DA A "C5'" 
334 C "C4'" . DA A 17 ? 6.35250  12.66355 12.52783 -1.65763 -1.64154 -0.32640 17  DA A "C4'" 
335 O "O4'" . DA A 17 ? 6.45372  12.68208 12.47472 -1.57412 -1.56768 -0.25822 17  DA A "O4'" 
336 C "C3'" . DA A 17 ? 6.23833  12.62724 12.60888 -1.78540 -1.72255 -0.42028 17  DA A "C3'" 
337 O "O3'" . DA A 17 ? 6.23956  12.57063 12.58177 -1.87785 -1.72191 -0.42925 17  DA A "O3'" 
338 C "C2'" . DA A 17 ? 6.26829  12.64301 12.61400 -1.74907 -1.69749 -0.40433 17  DA A "C2'" 
339 C "C1'" . DA A 17 ? 6.41745  12.65611 12.50875 -1.64478 -1.59114 -0.29487 17  DA A "C1'" 
340 N N9    . DA A 17 ? 6.47557  12.68662 12.49194 -1.56283 -1.54491 -0.25358 17  DA A N9    
341 C C8    . DA A 17 ? 6.46254  12.72977 12.51894 -1.49042 -1.54678 -0.25291 17  DA A C8    
342 N N7    . DA A 17 ? 6.52289  12.74613 12.49295 -1.42906 -1.49804 -0.21231 17  DA A N7    
343 C C5    . DA A 17 ? 6.58040  12.71254 12.44726 -1.46207 -1.46403 -0.18377 17  DA A C5    
344 C C6    . DA A 17 ? 6.65876  12.70757 12.40329 -1.42773 -1.40937 -0.13514 17  DA A C6    
345 N N6    . DA A 17 ? 6.69060  12.74081 12.39921 -1.34909 -1.37769 -0.10997 17  DA A N6    
346 N N1    . DA A 17 ? 6.70297  12.66176 12.36199 -1.47987 -1.38895 -0.11141 17  DA A N1    
347 C C2    . DA A 17 ? 6.66899  12.62214 12.36380 -1.56321 -1.41934 -0.13624 17  DA A C2    
348 N N3    . DA A 17 ? 6.59375  12.62485 12.40318 -1.60255 -1.47025 -0.18553 17  DA A N3    
349 C C4    . DA A 17 ? 6.55290  12.67294 12.44487 -1.54624 -1.49143 -0.20701 17  DA A C4    
350 P P     . DG B 1  ? 10.97092 9.89478  7.64295  1.82689  -0.30488 2.32240  1   DG B P     
351 O OP1   . DG B 1  ? 10.81193 9.78227  7.72315  1.99097  -0.24140 2.17027  1   DG B OP1   
352 O OP2   . DG B 1  ? 11.15178 10.19696 7.63369  1.59478  -0.24242 2.23815  1   DG B OP2   
353 O "O5'" . DG B 1  ? 10.97379 9.83677  7.67933  1.85938  -0.41195 2.41000  1   DG B "O5'" 
354 C "C5'" . DG B 1  ? 10.85977 9.54549  7.64075  2.03342  -0.51338 2.58938  1   DG B "C5'" 
355 C "C4'" . DG B 1  ? 10.92892 9.54675  7.63321  1.99078  -0.61817 2.71383  1   DG B "C4'" 
356 O "O4'" . DG B 1  ? 11.11200 9.71139  7.54114  1.79100  -0.63224 2.80816  1   DG B "O4'" 
357 C "C3'" . DG B 1  ? 10.93688 9.68824  7.76608  1.96681  -0.60898 2.55283  1   DG B "C3'" 
358 O "O3'" . DG B 1  ? 10.87279 9.51711  7.78378  2.07941  -0.71547 2.66836  1   DG B "O3'" 
359 C "C2'" . DG B 1  ? 11.13723 9.98352  7.75234  1.72605  -0.58252 2.51041  1   DG B "C2'" 
360 C "C1'" . DG B 1  ? 11.22184 9.90414  7.60316  1.66845  -0.65050 2.74391  1   DG B "C1'" 
361 N N9    . DG B 1  ? 11.41383 10.14716 7.54840  1.44379  -0.60842 2.72851  1   DG B N9    
362 C C8    . DG B 1  ? 11.47458 10.31612 7.54123  1.33601  -0.50094 2.60516  1   DG B C8    
363 N N7    . DG B 1  ? 11.65977 10.51217 7.48814  1.13623  -0.48482 2.62006  1   DG B N7    
364 C C5    . DG B 1  ? 11.72805 10.47094 7.45691  1.10967  -0.58799 2.75984  1   DG B C5    
365 C C6    . DG B 1  ? 11.92572 10.61083 7.39415  0.92839  -0.61908 2.83214  1   DG B C6    
366 O O6    . DG B 1  ? 12.08520 10.80273 7.35428  0.75042  -0.55820 2.78484  1   DG B O6    
367 N N1    . DG B 1  ? 11.93411 10.49998 7.37786  0.97021  -0.73140 2.96981  1   DG B N1    
368 C C2    . DG B 1  ? 11.77063 10.28322 7.41895  1.16160  -0.80486 3.03235  1   DG B C2    
369 N N2    . DG B 1  ? 11.81015 10.20508 7.39378  1.17080  -0.91007 3.16601  1   DG B N2    
370 N N3    . DG B 1  ? 11.58602 10.14548 7.47895  1.33396  -0.77578 2.96616  1   DG B N3    
371 C C4    . DG B 1  ? 11.57703 10.25018 7.49370  1.29645  -0.66617 2.82955  1   DG B C4    
372 P P     . DA B 2  ? 10.79136 9.53285  7.92985  2.16027  -0.71294 2.51417  2   DA B P     
373 O OP1   . DA B 2  ? 10.61390 9.22700  7.94482  2.39324  -0.76955 2.58934  2   DA B OP1   
374 O OP2   . DA B 2  ? 10.80874 9.74236  8.02020  2.08787  -0.58882 2.26241  2   DA B OP2   
375 O "O5'" . DA B 2  ? 10.92609 9.67675  7.93695  2.02511  -0.78555 2.57455  2   DA B "O5'" 
376 C "C5'" . DA B 2  ? 10.95736 9.53405  7.84760  2.04313  -0.90548 2.80887  2   DA B "C5'" 
377 C "C4'" . DA B 2  ? 11.12485 9.73338  7.84713  1.86682  -0.94833 2.83235  2   DA B "C4'" 
378 O "O4'" . DA B 2  ? 11.29451 9.94697  7.77889  1.66434  -0.89410 2.81743  2   DA B "O4'" 
379 C "C3'" . DA B 2  ? 11.13326 9.90179  7.98539  1.82775  -0.91864 2.64667  2   DA B "C3'" 
380 O "O3'" . DA B 2  ? 11.20868 9.92024  7.98331  1.77891  -1.01519 2.74756  2   DA B "O3'" 
381 C "C2'" . DA B 2  ? 11.26646 10.19151 8.00479  1.63562  -0.80877 2.47900  2   DA B "C2'" 
382 C "C1'" . DA B 2  ? 11.40675 10.21914 7.86398  1.51063  -0.84104 2.64686  2   DA B "C1'" 
383 N N9    . DA B 2  ? 11.52097 10.42699 7.83727  1.35176  -0.73834 2.54229  2   DA B N9    
384 C C8    . DA B 2  ? 11.45339 10.44842 7.85933  1.38424  -0.63665 2.41256  2   DA B C8    
385 N N7    . DA B 2  ? 11.58944 10.65316 7.82659  1.21322  -0.55885 2.34100  2   DA B N7    
386 C C5    . DA B 2  ? 11.76238 10.77131 7.77919  1.05743  -0.61162 2.42782  2   DA B C5    
387 C C6    . DA B 2  ? 11.96692 10.98755 7.72808  0.84190  -0.57144 2.40941  2   DA B C6    
388 N N6    . DA B 2  ? 12.02796 11.13276 7.71829  0.74244  -0.46528 2.29521  2   DA B N6    
389 N N1    . DA B 2  ? 12.11216 11.04151 7.68637  0.73417  -0.64342 2.51073  2   DA B N1    
390 C C2    . DA B 2  ? 12.05146 10.89544 7.69560  0.83410  -0.74980 2.62446  2   DA B C2    
391 N N3    . DA B 2  ? 11.86144 10.69156 7.74336  1.03399  -0.79781 2.65607  2   DA B N3    
392 C C4    . DA B 2  ? 11.72370 10.63603 7.78391  1.13926  -0.72273 2.55184  2   DA B C4    
393 P P     . DG B 3  ? 11.29172 10.07482 8.26901  1.85277  -1.04436 2.65476  3   DG B P     
394 O OP1   . DG B 3  ? 11.19085 9.80664  8.23863  2.01561  -1.16128 2.83810  3   DG B OP1   
395 O OP2   . DG B 3  ? 11.20318 10.14634 8.38012  1.89734  -0.93356 2.42144  3   DG B OP2   
396 O "O5'" . DG B 3  ? 11.48155 10.32481 8.28211  1.64604  -1.06305 2.63095  3   DG B "O5'" 
397 C "C5'" . DG B 3  ? 11.60689 10.30512 8.17580  1.56327  -1.15675 2.82633  3   DG B "C5'" 
398 C "C4'" . DG B 3  ? 11.82258 10.58034 8.15162  1.32487  -1.11585 2.76770  3   DG B "C4'" 
399 O "O4'" . DG B 3  ? 11.86373 10.68414 8.11678  1.24730  -1.01239 2.68446  3   DG B "O4'" 
400 C "C3'" . DG B 3  ? 11.88548 10.80370 8.27586  1.22409  -1.07345 2.58003  3   DG B "C3'" 
401 O "O3'" . DG B 3  ? 12.09423 10.96894 8.23389  1.03633  -1.10701 2.62245  3   DG B "O3'" 
402 C "C2'" . DG B 3  ? 11.87654 10.95033 8.32945  1.17443  -0.93719 2.37621  3   DG B "C2'" 
403 C "C1'" . DG B 3  ? 11.97001 10.95107 8.19867  1.09443  -0.92517 2.48491  3   DG B "C1'" 
404 N N9    . DG B 3  ? 11.97048 11.05175 8.20372  1.04920  -0.80651 2.34955  3   DG B N9    
405 C C8    . DG B 3  ? 11.81066 10.95767 8.24541  1.18375  -0.74084 2.25601  3   DG B C8    
406 N N7    . DG B 3  ? 11.86454 11.09211 8.23494  1.09303  -0.63706 2.14312  3   DG B N7    
407 C C5    . DG B 3  ? 12.07481 11.28580 8.18508  0.88512  -0.63357 2.16368  3   DG B C5    
408 C C6    . DG B 3  ? 12.22413 11.48492 8.15319  0.71090  -0.54218 2.07716  3   DG B C6    
409 O O6    . DG B 3  ? 12.19579 11.53885 8.16310  0.70302  -0.44389 1.96229  3   DG B O6    
410 N N1    . DG B 3  ? 12.43123 11.62142 8.10357  0.53340  -0.57296 2.13502  3   DG B N1    
411 C C2    . DG B 3  ? 12.48561 11.57439 8.08582  0.52552  -0.67894 2.25822  3   DG B C2    
412 N N2    . DG B 3  ? 12.70308 11.71237 8.03420  0.34607  -0.69057 2.29126  3   DG B N2    
413 N N3    . DG B 3  ? 12.34353 11.39633 8.11528  0.68466  -0.76605 2.34121  3   DG B N3    
414 C C4    . DG B 3  ? 12.14291 11.25985 8.16490  0.85800  -0.73659 2.28801  3   DG B C4    
415 P P     . DT B 4  ? 12.31100 11.32914 8.36040  0.83359  -1.01381 2.41984  4   DT B P     
416 O OP1   . DT B 4  ? 12.20713 11.38408 8.50646  0.89186  -0.96614 2.23663  4   DT B OP1   
417 O OP2   . DT B 4  ? 12.40981 11.43302 8.29143  0.72029  -0.92988 2.38554  4   DT B OP2   
418 O "O5'" . DT B 4  ? 12.50785 11.41816 8.31553  0.69027  -1.09107 2.51124  4   DT B "O5'" 
419 C "C5'" . DT B 4  ? 12.60906 11.60721 8.41177  0.57727  -1.06972 2.37308  4   DT B "C5'" 
420 C "C4'" . DT B 4  ? 12.69091 11.81332 8.40585  0.44327  -0.90918 2.17933  4   DT B "C4'" 
421 O "O4'" . DT B 4  ? 12.71124 11.82424 8.37000  0.41604  -0.86119 2.17677  4   DT B "O4'" 
422 C "C3'" . DT B 4  ? 12.71087 11.98182 8.55895  0.38404  -0.84389 1.96453  4   DT B "C3'" 
423 O "O3'" . DT B 4  ? 12.71896 12.03399 8.56899  0.36342  -0.82200 1.90413  4   DT B "O3'" 
424 C "C2'" . DT B 4  ? 12.76275 12.11832 8.55234  0.29267  -0.69920 1.80973  4   DT B "C2'" 
425 C "C1'" . DT B 4  ? 12.75734 12.01180 8.43719  0.31998  -0.72524 1.95836  4   DT B "C1'" 
426 N N1    . DT B 4  ? 12.64071 11.97201 8.47762  0.39910  -0.67361 1.89096  4   DT B N1    
427 C C2    . DT B 4  ? 12.71077 12.07595 8.44526  0.30861  -0.57208 1.80823  4   DT B C2    
428 O O2    . DT B 4  ? 12.81940 12.17505 8.38258  0.19887  -0.50357 1.77449  4   DT B O2    
429 N N3    . DT B 4  ? 12.54117 11.99570 8.47172  0.43347  -0.50877 1.73464  4   DT B N3    
430 C C4    . DT B 4  ? 12.32168 11.81693 8.52519  0.63724  -0.53377 1.73235  4   DT B C4    
431 O O4    . DT B 4  ? 12.19070 11.74430 8.54315  0.74127  -0.47035 1.65842  4   DT B O4    
432 C C5    . DT B 4  ? 12.26252 11.71178 8.55710  0.72254  -0.63866 1.82153  4   DT B C5    
433 C C7    . DT B 4  ? 12.03742 11.50461 8.61586  0.94470  -0.66994 1.82381  4   DT B C7    
434 C C6    . DT B 4  ? 12.41945 11.79800 8.53291  0.59970  -0.70355 1.89626  4   DT B C6    
435 P P     . DT B 5  ? 12.84812 12.28533 8.68148  0.26588  -0.67213 1.69003  5   DT B P     
436 O OP1   . DT B 5  ? 12.87482 12.29171 8.55915  0.22877  -0.58937 1.70586  5   DT B OP1   
437 O OP2   . DT B 5  ? 12.83688 12.29721 8.72688  0.27715  -0.70318 1.66603  5   DT B OP2   
438 O "O5'" . DT B 5  ? 12.86571 12.40577 8.81961  0.21981  -0.60368 1.50530  5   DT B "O5'" 
439 C "C5'" . DT B 5  ? 12.90089 12.53931 8.87448  0.14820  -0.46488 1.30042  5   DT B "C5'" 
440 C "C4'" . DT B 5  ? 12.92127 12.56352 8.79190  0.11280  -0.36834 1.27458  5   DT B "C4'" 
441 O "O4'" . DT B 5  ? 12.91629 12.51597 8.74920  0.12826  -0.39745 1.35691  5   DT B "O4'" 
442 C "C3'" . DT B 5  ? 12.94072 12.67646 8.86774  0.06037  -0.23170 1.06466  5   DT B "C3'" 
443 O "O3'" . DT B 5  ? 12.94721 12.68237 8.79281  0.04248  -0.16632 1.06286  5   DT B "O3'" 
444 C "C2'" . DT B 5  ? 12.94466 12.70394 8.89734  0.04797  -0.19329 1.00688  5   DT B "C2'" 
445 C "C1'" . DT B 5  ? 12.93504 12.60535 8.78477  0.08098  -0.28008 1.20539  5   DT B "C1'" 
446 N N1    . DT B 5  ? 12.92909 12.58903 8.82019  0.09508  -0.32005 1.22805  5   DT B N1    
447 C C2    . DT B 5  ? 12.94101 12.63408 8.80508  0.06413  -0.23099 1.15182  5   DT B C2    
448 O O2    . DT B 5  ? 12.95018 12.68081 8.76838  0.03169  -0.12409 1.06903  5   DT B O2    
449 N N3    . DT B 5  ? 12.76574 12.51672 8.82792  0.20871  -0.23193 1.14583  5   DT B N3    
450 C C4    . DT B 5  ? 12.57019 12.34068 8.86320  0.39527  -0.30586 1.20521  5   DT B C4    
451 O O4    . DT B 5  ? 12.38685 12.19914 8.87715  0.55728  -0.28591 1.18327  5   DT B O4    
452 C C5    . DT B 5  ? 12.60355 12.32365 8.88159  0.38971  -0.40779 1.29481  5   DT B C5    
453 C C7    . DT B 5  ? 12.40882 12.13196 8.92065  0.58418  -0.49141 1.36505  5   DT B C7    
454 C C6    . DT B 5  ? 12.81781 12.47280 8.86285  0.21076  -0.42316 1.31043  5   DT B C6    
455 P P     . DC B 6  ? 12.66323 12.45916 8.57152  0.01922  -0.08571 0.91798  6   DC B P     
456 O OP1   . DC B 6  ? 12.66319 12.42322 8.46993  0.02106  -0.08771 1.00717  6   DC B OP1   
457 O OP2   . DC B 6  ? 12.66203 12.49007 8.68882  0.02287  -0.10902 0.83404  6   DC B OP2   
458 O "O5'" . DC B 6  ? 12.66489 12.51524 8.61124  -0.00436 0.02268  0.77921  6   DC B "O5'" 
459 C "C5'" . DC B 6  ? 12.66419 12.55453 8.70430  -0.00961 0.05753  0.66153  6   DC B "C5'" 
460 C "C4'" . DC B 6  ? 12.66053 12.57099 8.67579  -0.02055 0.13382  0.61247  6   DC B "C4'" 
461 O "O4'" . DC B 6  ? 12.66274 12.54995 8.64548  -0.01619 0.09566  0.68009  6   DC B "O4'" 
462 C "C3'" . DC B 6  ? 12.65183 12.61733 8.76844  -0.02508 0.22673  0.43106  6   DC B "C3'" 
463 O "O3'" . DC B 6  ? 12.64305 12.62425 8.72590  -0.02992 0.29412  0.40075  6   DC B "O3'" 
464 C "C2'" . DC B 6  ? 12.65008 12.62724 8.80501  -0.02377 0.24016  0.38193  6   DC B "C2'" 
465 C "C1'" . DC B 6  ? 12.65733 12.59052 8.70638  -0.02392 0.17440  0.54306  6   DC B "C1'" 
466 N N1    . DC B 6  ? 12.66145 12.58040 8.73220  -0.01738 0.11847  0.57688  6   DC B N1    
467 C C2    . DC B 6  ? 12.65773 12.59555 8.73368  -0.02250 0.16929  0.52263  6   DC B C2    
468 O O2    . DC B 6  ? 12.64746 12.61550 8.71389  -0.02949 0.26344  0.44233  6   DC B O2    
469 N N3    . DC B 6  ? 12.59751 12.54332 8.75699  0.03519  0.11342  0.56072  6   DC B N3    
470 C C4    . DC B 6  ? 12.51221 12.45442 8.77941  0.12258  0.00791  0.65408  6   DC B C4    
471 N N4    . DC B 6  ? 12.28453 12.27839 8.80181  0.32367  -0.02986 0.68091  6   DC B N4    
472 C C5    . DC B 6  ? 12.66403 12.53057 8.77977  0.01154  -0.06203 0.72274  6   DC B C5    
473 C C6    . DC B 6  ? 12.66498 12.55113 8.75296  -0.00211 0.01236  0.66752  6   DC B C6    
474 P P     . DA B 7  ? 12.63406 12.64320 8.78096  -0.02599 0.34676  0.29115  7   DA B P     
475 O OP1   . DA B 7  ? 12.61985 12.65086 8.75254  -0.02529 0.42039  0.23540  7   DA B OP1   
476 O OP2   . DA B 7  ? 12.64166 12.63097 8.75559  -0.02821 0.30217  0.36488  7   DA B OP2   
477 O "O5'" . DA B 7  ? 12.63178 12.65708 8.89283  -0.01624 0.35413  0.17303  7   DA B "O5'" 
478 C "C5'" . DA B 7  ? 12.61699 12.66460 8.94239  -0.00447 0.42286  0.03944  7   DA B "C5'" 
479 C "C4'" . DA B 7  ? 12.60415 12.66497 8.93073  0.00175  0.47681  -0.01367 7   DA B "C4'" 
480 O "O4'" . DA B 7  ? 12.61408 12.66441 8.92319  -0.00559 0.43661  0.04792  7   DA B "O4'" 
481 C "C3'" . DA B 7  ? 12.58618 12.65805 8.99035  0.02345  0.53828  -0.16009 7   DA B "C3'" 
482 O "O3'" . DA B 7  ? 12.56729 12.65269 8.95286  0.03472  0.60233  -0.21396 7   DA B "O3'" 
483 C "C2'" . DA B 7  ? 12.58349 12.65525 9.01947  0.02823  0.54519  -0.18874 7   DA B "C2'" 
484 C "C1'" . DA B 7  ? 12.59941 12.66426 8.95830  0.00707  0.49316  -0.05312 7   DA B "C1'" 
485 N N9    . DA B 7  ? 12.61151 12.66497 8.98242  0.00162  0.44390  -0.01345 7   DA B N9    
486 C C8    . DA B 7  ? 12.63004 12.66387 9.00298  -0.00635 0.35797  0.06504  7   DA B C8    
487 N N7    . DA B 7  ? 12.63788 12.66220 9.01665  -0.00875 0.31463  0.10147  7   DA B N7    
488 C C5    . DA B 7  ? 12.62370 12.66479 9.00872  -0.00311 0.38873  0.02923  7   DA B C5    
489 C C6    . DA B 7  ? 12.56893 12.63096 9.01683  0.04062  0.38818  0.02330  7   DA B C6    
490 N N6    . DA B 7  ? 12.40500 12.50648 9.03265  0.18266  0.28456  0.11702  7   DA B N6    
491 N N1    . DA B 7  ? 12.49645 12.59700 9.00589  0.09275  0.47902  -0.06600 7   DA B N1    
492 C C2    . DA B 7  ? 12.57741 12.65940 8.98693  0.02218  0.56769  -0.14375 7   DA B C2    
493 N N3    . DA B 7  ? 12.58118 12.66070 8.97254  0.01903  0.55640  -0.12633 7   DA B N3    
494 C C4    . DA B 7  ? 12.60479 12.66449 8.98719  0.00564  0.47064  -0.04407 7   DA B C4    
495 P P     . DT B 8  ? 12.54709 12.63204 8.98103  0.06237  0.65915  -0.34860 8   DT B P     
496 O OP1   . DT B 8  ? 12.53438 12.63044 8.92523  0.06722  0.69899  -0.35964 8   DT B OP1   
497 O OP2   . DT B 8  ? 12.55834 12.62726 9.03559  0.06347  0.62225  -0.37020 8   DT B OP2   
498 O "O5'" . DT B 8  ? 12.52725 12.61349 9.00049  0.08426  0.71056  -0.43457 8   DT B "O5'" 
499 C "C5'" . DT B 8  ? 12.51640 12.61836 8.96311  0.08328  0.74176  -0.41565 8   DT B "C5'" 
500 C "C4'" . DT B 8  ? 12.49420 12.59456 8.99861  0.10972  0.79139  -0.50830 8   DT B "C4'" 
501 O "O4'" . DT B 8  ? 12.51370 12.60948 9.03434  0.09168  0.74121  -0.44905 8   DT B "O4'" 
502 C "C3'" . DT B 8  ? 12.47380 12.55375 9.03383  0.14586  0.83328  -0.63564 8   DT B "C3'" 
503 O "O3'" . DT B 8  ? 12.43389 12.51434 9.01244  0.18662  0.91882  -0.74188 8   DT B "O3'" 
504 C "C2'" . DT B 8  ? 12.48480 12.55099 9.09920  0.14336  0.80164  -0.63765 8   DT B "C2'" 
505 C "C1'" . DT B 8  ? 12.49553 12.57887 9.09418  0.12084  0.77797  -0.55465 8   DT B "C1'" 
506 N N1    . DT B 8  ? 12.52318 12.59765 9.13805  0.09776  0.70731  -0.48747 8   DT B N1    
507 C C2    . DT B 8  ? 12.51475 12.59129 9.16802  0.10526  0.72492  -0.50777 8   DT B C2    
508 O O2    . DT B 8  ? 12.47907 12.56578 9.16868  0.13584  0.80632  -0.58904 8   DT B O2    
509 N N3    . DT B 8  ? 12.54524 12.61155 9.19839  0.08003  0.64440  -0.43055 8   DT B N3    
510 C C4    . DT B 8  ? 12.57676 12.63153 9.20291  0.05437  0.55278  -0.34053 8   DT B C4    
511 O O4    . DT B 8  ? 12.59947 12.64436 9.22466  0.03681  0.47491  -0.26662 8   DT B O4    
512 C C5    . DT B 8  ? 12.57689 12.63201 9.17946  0.05394  0.55424  -0.33922 8   DT B C5    
513 C C7    . DT B 8  ? 12.59988 12.64519 9.18944  0.03595  0.47583  -0.26256 8   DT B C7    
514 C C6    . DT B 8  ? 12.55285 12.61735 9.14792  0.07312  0.62809  -0.40946 8   DT B C6    
515 P P     . DC B 9  ? 12.41110 12.46983 8.97860  0.22263  0.96750  -0.84828 9   DC B P     
516 O OP1   . DC B 9  ? 12.39130 12.46804 8.91571  0.23220  1.01305  -0.85939 9   DC B OP1   
517 O OP2   . DC B 9  ? 12.43933 12.48202 8.99062  0.20323  0.91065  -0.82001 9   DC B OP2   
518 O "O5'" . DC B 9  ? 12.37461 12.40551 9.00626  0.27453  1.03082  -0.97442 9   DC B "O5'" 
519 C "C5'" . DC B 9  ? 12.38188 12.39864 9.07263  0.27463  1.00854  -0.97824 9   DC B "C5'" 
520 C "C4'" . DC B 9  ? 12.34925 12.37588 9.11190  0.30217  1.05923  -1.01359 9   DC B "C4'" 
521 O "O4'" . DC B 9  ? 12.38327 12.42652 9.16121  0.25922  0.99359  -0.91412 9   DC B "O4'" 
522 C "C3'" . DC B 9  ? 12.29920 12.28917 9.14433  0.37081  1.13488  -1.15032 9   DC B "C3'" 
523 O "O3'" . DC B 9  ? 12.24150 12.24066 9.15729  0.42394  1.21886  -1.22006 9   DC B "O3'" 
524 C "C2'" . DC B 9  ? 12.32110 12.30338 9.21812  0.35267  1.08880  -1.11650 9   DC B "C2'" 
525 C "C1'" . DC B 9  ? 12.36173 12.38533 9.22963  0.29126  1.02075  -0.98024 9   DC B "C1'" 
526 N N1    . DC B 9  ? 12.41295 12.43558 9.26537  0.24049  0.92572  -0.88319 9   DC B N1    
527 C C2    . DC B 9  ? 12.41365 12.43708 9.32950  0.23938  0.91568  -0.87196 9   DC B C2    
528 O O2    . DC B 9  ? 12.26546 12.33472 9.34504  0.36145  0.94699  -0.91656 9   DC B O2    
529 N N3    . DC B 9  ? 12.46259 12.48391 9.35003  0.19148  0.81920  -0.77485 9   DC B N3    
530 C C4    . DC B 9  ? 12.49857 12.51758 9.32095  0.15666  0.74610  -0.70217 9   DC B C4    
531 N N4    . DC B 9  ? 12.53634 12.55282 9.34464  0.12016  0.65367  -0.61037 9   DC B N4    
532 C C5    . DC B 9  ? 12.49156 12.51077 9.26914  0.16358  0.76752  -0.72375 9   DC B C5    
533 C C6    . DC B 9  ? 12.45296 12.47381 9.23854  0.20137  0.85242  -0.80943 9   DC B C6    
534 P P     . DC B 10 ? 12.16460 12.11921 9.15621  0.52263  1.32510  -1.38388 10  DC B P     
535 O OP1   . DC B 10 ? 12.14103 12.13822 9.15500  0.52540  1.35618  -1.35981 10  DC B OP1   
536 O OP2   . DC B 10 ? 12.20841 12.14048 9.08633  0.48940  1.27831  -1.37010 10  DC B OP2   
537 O "O5'" . DC B 10 ? 12.14177 12.07602 9.25701  0.55516  1.33540  -1.41680 10  DC B "O5'" 
538 C "C5'" . DC B 10 ? 12.06443 11.94874 9.28917  0.65590  1.42391  -1.55501 10  DC B "C5'" 
539 C "C4'" . DC B 10 ? 11.98260 11.88706 9.39711  0.72551  1.41806  -1.55379 10  DC B "C4'" 
540 O "O4'" . DC B 10 ? 12.02698 11.98044 9.40742  0.65585  1.29436  -1.41164 10  DC B "O4'" 
541 C "C3'" . DC B 10 ? 11.91353 11.76164 9.42604  0.81882  1.46266  -1.66001 10  DC B "C3'" 
542 O "O3'" . DC B 10 ? 11.66163 11.59548 9.44791  1.01917  1.38802  -1.62095 10  DC B "O3'" 
543 C "C2'" . DC B 10 ? 12.04862 11.86122 9.43938  0.70390  1.41008  -1.61021 10  DC B "C2'" 
544 C "C1'" . DC B 10 ? 12.02589 11.94628 9.44326  0.67111  1.27667  -1.43769 10  DC B "C1'" 
545 N N1    . DC B 10 ? 12.20515 12.09279 9.43511  0.51299  1.21875  -1.35950 10  DC B N1    
546 C C2    . DC B 10 ? 12.17579 12.10997 9.47156  0.51556  1.11236  -1.26055 10  DC B C2    
547 O O2    . DC B 10 ? 11.96147 11.97910 9.49059  0.68089  1.04204  -1.21819 10  DC B O2    
548 N N3    . DC B 10 ? 12.32214 12.22762 9.45925  0.38726  1.04843  -1.18414 10  DC B N3    
549 C C4    . DC B 10 ? 12.35135 12.25743 9.37815  0.35756  1.01539  -1.15745 10  DC B C4    
550 N N4    . DC B 10 ? 12.40841 12.32245 9.36377  0.29649  0.92041  -1.06344 10  DC B N4    
551 C C5    . DC B 10 ? 12.31537 12.21321 9.31511  0.39746  1.08227  -1.23025 10  DC B C5    
552 C C6    . DC B 10 ? 12.24768 12.13640 9.33837  0.46970  1.17829  -1.32610 10  DC B C6    
553 P P     . DT B 11 ? 6.86420  6.86420  6.86420  0.00000  0.00000  0.00000  11  DT B P     
554 O OP1   . DT B 11 ? 6.86420  6.86420  6.86420  0.00000  0.00000  0.00000  11  DT B OP1   
555 O OP2   . DT B 11 ? 6.86420  6.86420  6.86420  0.00000  0.00000  0.00000  11  DT B OP2   
556 O "O5'" . DT B 11 ? 6.86420  6.86420  6.86420  0.00000  0.00000  0.00000  11  DT B "O5'" 
557 C "C5'" . DT B 11 ? 6.86420  6.86420  6.86420  0.00000  0.00000  0.00000  11  DT B "C5'" 
558 C "C4'" . DT B 11 ? 6.86420  6.86420  6.86420  0.00000  0.00000  0.00000  11  DT B "C4'" 
559 O "O4'" . DT B 11 ? 6.86420  6.86420  6.86420  0.00000  0.00000  0.00000  11  DT B "O4'" 
560 C "C3'" . DT B 11 ? 6.86420  6.86420  6.86420  0.00000  0.00000  0.00000  11  DT B "C3'" 
561 O "O3'" . DT B 11 ? 6.86420  6.86420  6.86420  0.00000  0.00000  0.00000  11  DT B "O3'" 
562 C "C2'" . DT B 11 ? 6.86420  6.86420  6.86420  0.00000  0.00000  0.00000  11  DT B "C2'" 
563 C "C1'" . DT B 11 ? 6.86420  6.86420  6.86420  0.00000  0.00000  0.00000  11  DT B "C1'" 
573 P P     . DG C 1  ? 6.80190  14.08647 11.57017 -0.89389 -3.41028 -0.19236 1   DG C P     
574 O OP1   . DG C 1  ? 6.87380  13.80746 11.39801 -0.81567 -3.53105 -0.27664 1   DG C OP1   
575 O OP2   . DG C 1  ? 6.59080  13.93982 11.80543 -0.97140 -3.27331 -0.20674 1   DG C OP2   
576 O "O5'" . DG C 1  ? 6.90200  14.27035 11.44094 -0.97036 -3.39677 -0.18175 1   DG C "O5'" 
577 C "C5'" . DG C 1  ? 6.82120  14.04285 11.44279 -1.06327 -3.34931 -0.24848 1   DG C "C5'" 
578 C "C4'" . DG C 1  ? 6.99001  14.03875 11.17293 -1.05647 -3.43302 -0.29882 1   DG C "C4'" 
579 O "O4'" . DG C 1  ? 7.13469  13.96169 10.97657 -0.94397 -3.55640 -0.33086 1   DG C "O4'" 
580 C "C3'" . DG C 1  ? 7.20799  14.32372 11.09018 -1.06124 -3.36365 -0.26068 1   DG C "C3'" 
581 O "O3'" . DG C 1  ? 7.22005  14.30865 10.88760 -1.13166 -3.42555 -0.32384 1   DG C "O3'" 
582 C "C2'" . DG C 1  ? 7.52148  14.37636 10.95878 -0.88994 -3.36814 -0.25234 1   DG C "C2'" 
583 C "C1'" . DG C 1  ? 7.34991  14.28904 10.76489 -0.89617 -3.59659 -0.31085 1   DG C "C1'" 
584 N N9    . DG C 1  ? 7.43755  14.34823 10.70502 -0.77567 -3.66251 -0.28852 1   DG C N9    
585 C C8    . DG C 1  ? 7.35028  14.41953 10.91045 -0.72613 -3.63523 -0.21929 1   DG C C8    
586 N N7    . DG C 1  ? 7.46187  14.44657 10.79504 -0.60980 -3.70639 -0.21261 1   DG C N7    
587 C C5    . DG C 1  ? 7.63873  14.37272 10.48797 -0.58717 -3.77204 -0.28572 1   DG C C5    
588 C C6    . DG C 1  ? 7.81801  14.32754 10.24069 -0.48389 -3.83529 -0.31607 1   DG C C6    
589 O O6    . DG C 1  ? 7.84704  14.36373 10.24203 -0.38541 -3.86108 -0.28154 1   DG C O6    
590 N N1    . DG C 1  ? 7.96946  14.20499 9.96783  -0.50414 -3.85394 -0.39444 1   DG C N1    
591 C C2    . DG C 1  ? 7.95438  14.14911 9.94079  -0.59971 -3.82826 -0.43577 1   DG C C2    
592 N N2    . DG C 1  ? 8.11710  14.01215 9.66549  -0.59799 -3.84608 -0.50671 1   DG C N2    
593 N N3    . DG C 1  ? 7.78465  14.19625 10.16938 -0.69227 -3.77587 -0.40735 1   DG C N3    
594 C C4    . DG C 1  ? 7.63293  14.30421 10.43341 -0.68469 -3.74477 -0.33314 1   DG C C4    
595 P P     . DG C 2  ? 7.19983  14.06306 10.72068 -1.15742 -3.22009 -0.31311 2   DG C P     
596 O OP1   . DG C 2  ? 6.86481  14.00578 10.75550 -1.32958 -3.28005 -0.33986 2   DG C OP1   
597 O OP2   . DG C 2  ? 7.43718  14.08035 10.96663 -1.06938 -2.97961 -0.23449 2   DG C OP2   
598 O "O5'" . DG C 2  ? 7.53045  14.09530 10.39875 -1.07287 -3.25046 -0.37860 2   DG C "O5'" 
599 C "C5'" . DG C 2  ? 7.57292  14.12154 10.14010 -1.00243 -3.42229 -0.43001 2   DG C "C5'" 
600 C "C4'" . DG C 2  ? 7.88202  14.13562 9.82861  -0.94149 -3.41113 -0.50805 2   DG C "C4'" 
601 O "O4'" . DG C 2  ? 8.07472  14.16526 9.63335  -0.81243 -3.45675 -0.53636 2   DG C "O4'" 
602 C "C3'" . DG C 2  ? 8.23649  14.14591 9.89101  -0.87924 -3.16142 -0.49092 2   DG C "C3'" 
603 O "O3'" . DG C 2  ? 8.43261  14.14196 9.58265  -0.86426 -3.18025 -0.58557 2   DG C "O3'" 
604 C "C2'" . DG C 2  ? 8.50354  14.18234 9.96896  -0.72242 -3.02940 -0.44355 2   DG C "C2'" 
605 C "C1'" . DG C 2  ? 8.44101  14.19042 9.71585  -0.67566 -3.22697 -0.49866 2   DG C "C1'" 
606 N N9    . DG C 2  ? 8.41252  14.21004 9.85785  -0.59210 -3.22734 -0.43433 2   DG C N9    
607 C C8    . DG C 2  ? 8.23983  14.21150 10.19219 -0.61504 -3.17903 -0.34023 2   DG C C8    
608 N N7    . DG C 2  ? 8.25737  14.22932 10.24130 -0.51853 -3.19773 -0.30158 2   DG C N7    
609 C C5    . DG C 2  ? 8.44719  14.23564 9.91538  -0.42780 -3.25638 -0.37474 2   DG C C5    
610 C C6    . DG C 2  ? 8.53860  14.24217 9.79866  -0.30195 -3.28894 -0.37819 2   DG C C6    
611 O O6    . DG C 2  ? 8.47612  14.25230 9.97103  -0.23954 -3.28498 -0.30764 2   DG C O6    
612 N N1    . DG C 2  ? 8.71049  14.22357 9.42912  -0.24639 -3.32448 -0.48459 2   DG C N1    
613 C C2    . DG C 2  ? 8.79790  14.20737 9.20616  -0.30267 -3.33105 -0.57485 2   DG C C2    
614 N N2    . DG C 2  ? 8.94925  14.17704 8.84829  -0.23607 -3.36119 -0.68455 2   DG C N2    
615 N N3    . DG C 2  ? 8.71981  14.20947 9.31745  -0.41754 -3.31289 -0.56476 2   DG C N3    
616 C C4    . DG C 2  ? 8.54266  14.22166 9.67398  -0.47411 -3.27219 -0.46214 2   DG C C4    
617 P P     . DA C 3  ? 8.59931  13.91114 9.31624  -0.78678 -2.93734 -0.60054 3   DA C P     
618 O OP1   . DA C 3  ? 8.62636  13.88748 9.04406  -0.84348 -3.00969 -0.69839 3   DA C OP1   
619 O OP2   . DA C 3  ? 8.59890  13.91192 9.67542  -0.80844 -2.74895 -0.49836 3   DA C OP2   
620 O "O5'" . DA C 3  ? 8.94484  13.93616 9.16949  -0.61052 -2.84353 -0.62991 3   DA C "O5'" 
621 C "C5'" . DA C 3  ? 8.97742  13.92667 8.82753  -0.56462 -2.98798 -0.72777 3   DA C "C5'" 
622 C "C4'" . DA C 3  ? 9.38507  13.91713 8.63565  -0.40785 -2.81059 -0.79714 3   DA C "C4'" 
623 O "O4'" . DA C 3  ? 9.42440  13.92031 8.65456  -0.29474 -2.79865 -0.77246 3   DA C "O4'" 
624 C "C3'" . DA C 3  ? 9.68335  13.92213 8.79630  -0.34826 -2.53887 -0.76781 3   DA C "C3'" 
625 O "O3'" . DA C 3  ? 10.00622 13.88622 8.50891  -0.25837 -2.42072 -0.88849 3   DA C "O3'" 
626 C "C2'" . DA C 3  ? 9.74304  13.94283 9.06160  -0.25171 -2.41521 -0.67003 3   DA C "C2'" 
627 C "C1'" . DA C 3  ? 9.66906  13.92761 8.86914  -0.18478 -2.55388 -0.71227 3   DA C "C1'" 
628 N N9    . DA C 3  ? 9.50092  13.95321 9.12820  -0.16351 -2.58956 -0.60288 3   DA C N9    
629 C C8    . DA C 3  ? 9.26124  13.98233 9.46257  -0.25795 -2.62068 -0.48928 3   DA C C8    
630 N N7    . DA C 3  ? 9.15004  13.99537 9.63601  -0.21214 -2.64857 -0.41446 3   DA C N7    
631 C C5    . DA C 3  ? 9.32505  13.97373 9.40124  -0.07543 -2.63683 -0.47717 3   DA C C5    
632 C C6    . DA C 3  ? 9.31202  13.96534 9.42758  0.03444  -2.65137 -0.44541 3   DA C C6    
633 N N6    . DA C 3  ? 9.12068  13.99291 9.71992  0.01906  -2.69067 -0.33445 3   DA C N6    
634 N N1    . DA C 3  ? 9.49158  13.91009 9.13772  0.16339  -2.61539 -0.54093 3   DA C N1    
635 C C2    . DA C 3  ? 9.67367  13.86717 8.84145  0.17537  -2.56751 -0.66578 3   DA C C2    
636 N N3    . DA C 3  ? 9.71853  13.88270 8.78785  0.07775  -2.55570 -0.70419 3   DA C N3    
637 C C4    . DA C 3  ? 9.53552  13.93893 9.08244  -0.04466 -2.59447 -0.60019 3   DA C C4    
638 P P     . DC C 4  ? 11.19890 14.75852 9.45771  -0.21922 -2.16543 -0.90016 4   DC C P     
639 O OP1   . DC C 4  ? 11.29435 14.72437 9.14356  -0.25399 -2.20238 -1.02622 4   DC C OP1   
640 O OP2   . DC C 4  ? 11.07660 14.79847 9.84030  -0.29297 -2.10134 -0.76397 4   DC C OP2   
641 O "O5'" . DC C 4  ? 11.51861 14.72316 9.43558  -0.03924 -1.94237 -0.93354 4   DC C "O5'" 
642 C "C5'" . DC C 4  ? 11.78274 14.64898 9.11181  0.05330  -1.83817 -1.08491 4   DC C "C5'" 
643 C "C4'" . DC C 4  ? 11.86093 14.57996 9.00103  0.19681  -1.78081 -1.13608 4   DC C "C4'" 
644 O "O4'" . DC C 4  ? 11.61637 14.62526 9.19643  0.18762  -1.91398 -1.02221 4   DC C "O4'" 
645 C "C3'" . DC C 4  ? 12.15911 14.50953 9.08892  0.34415  -1.48528 -1.16148 4   DC C "C3'" 
646 O "O3'" . DC C 4  ? 12.26958 14.38249 8.79057  0.46052  -1.42288 -1.30659 4   DC C "O3'" 
647 C "C2'" . DC C 4  ? 12.05833 14.55618 9.44547  0.38006  -1.46156 -1.00911 4   DC C "C2'" 
648 C "C1'" . DC C 4  ? 11.75424 14.58859 9.37272  0.32557  -1.72936 -0.97917 4   DC C "C1'" 
649 N N1    . DC C 4  ? 11.52936 14.67066 9.71672  0.27754  -1.81643 -0.81541 4   DC C N1    
650 C C2    . DC C 4  ? 11.42784 14.64982 9.76984  0.36198  -1.86432 -0.77512 4   DC C C2    
651 O O2    . DC C 4  ? 11.52536 14.55202 9.53559  0.48287  -1.82302 -0.87503 4   DC C O2    
652 N N3    . DC C 4  ? 11.21366 14.72211 10.08103 0.30962  -1.94731 -0.63133 4   DC C N3    
653 C C4    . DC C 4  ? 11.08490 14.79424 10.32683 0.17657  -1.97652 -0.53896 4   DC C C4    
654 N N4    . DC C 4  ? 10.85574 14.84026 10.62629 0.12439  -2.04794 -0.41321 4   DC C N4    
655 C C5    . DC C 4  ? 11.17168 14.80401 10.27469 0.09209  -1.92635 -0.57856 4   DC C C5    
656 C C6    . DC C 4  ? 11.39904 14.75019 9.96911  0.14693  -1.85369 -0.71260 4   DC C C6    
657 P P     . DA C 5  ? 12.49471 14.18219 8.52068  0.54476  -1.17382 -1.46112 5   DA C P     
658 O OP1   . DA C 5  ? 12.47897 14.09770 8.10992  0.55060  -1.26298 -1.62242 5   DA C OP1   
659 O OP2   . DA C 5  ? 12.62784 14.25406 8.68807  0.47152  -1.06924 -1.41460 5   DA C OP2   
660 O "O5'" . DA C 5  ? 12.60954 14.06580 8.66670  0.71113  -0.95235 -1.46154 5   DA C "O5'" 
661 C "C5'" . DA C 5  ? 12.45682 14.02239 8.69000  0.79031  -1.03510 -1.42461 5   DA C "C5'" 
662 C "C4'" . DA C 5  ? 12.49959 14.00670 9.04240  0.88110  -0.88362 -1.31066 5   DA C "C4'" 
663 O "O4'" . DA C 5  ? 12.32107 14.17245 9.33680  0.78653  -1.03474 -1.12856 5   DA C "O4'" 
664 C "C3'" . DA C 5  ? 12.74029 13.96078 9.20881  0.92288  -0.61079 -1.32586 5   DA C "C3'" 
665 O "O3'" . DA C 5  ? 12.81422 13.79163 9.28015  1.08187  -0.42332 -1.36494 5   DA C "O3'" 
666 C "C2'" . DA C 5  ? 12.69235 14.13498 9.57358  0.82494  -0.64784 -1.14116 5   DA C "C2'" 
667 C "C1'" . DA C 5  ? 12.44207 14.19638 9.67193  0.81621  -0.85173 -1.03139 5   DA C "C1'" 
668 N N9    . DA C 5  ? 12.27679 14.36730 9.96017  0.68733  -0.98171 -0.86334 5   DA C N9    
669 C C8    . DA C 5  ? 12.28997 14.47015 10.08346 0.56105  -0.98281 -0.80892 5   DA C C8    
670 N N7    . DA C 5  ? 12.07531 14.58158 10.35316 0.45847  -1.10452 -0.66136 5   DA C N7    
671 C C5    . DA C 5  ? 11.92938 14.56678 10.41455 0.52243  -1.18953 -0.61275 5   DA C C5    
672 C C6    . DA C 5  ? 11.67054 14.64157 10.66705 0.46495  -1.32737 -0.47567 5   DA C C6    
673 N N6    . DA C 5  ? 11.48710 14.72884 10.91349 0.31934  -1.39816 -0.36748 5   DA C N6    
674 N N1    . DA C 5  ? 11.58912 14.59996 10.65520 0.56186  -1.38226 -0.46269 5   DA C N1    
675 C C2    . DA C 5  ? 11.74227 14.47389 10.40542 0.70707  -1.30018 -0.58148 5   DA C C2    
676 N N3    . DA C 5  ? 11.96621 14.37331 10.15597 0.76875  -1.16281 -0.72438 5   DA C N3    
677 C C4    . DA C 5  ? 12.05675 14.43612 10.17524 0.66846  -1.11543 -0.73166 5   DA C C4    
678 P P     . DG C 6  ? 12.33781 12.94751 8.40007  1.19304  -0.22435 -1.57242 6   DG C P     
679 O OP1   . DG C 6  ? 12.23090 12.87443 8.04186  1.21344  -0.36746 -1.68493 6   DG C OP1   
680 O OP2   . DG C 6  ? 12.51720 12.97206 8.40565  1.13255  -0.07397 -1.63105 6   DG C OP2   
681 O "O5'" . DG C 6  ? 12.35423 12.78098 8.61070  1.35122  -0.04927 -1.55501 6   DG C "O5'" 
682 C "C5'" . DG C 6  ? 12.20707 12.71084 8.61420  1.44156  -0.14414 -1.51414 6   DG C "C5'" 
683 C "C4'" . DG C 6  ? 12.19933 12.68850 8.98792  1.51571  -0.05240 -1.38005 6   DG C "C4'" 
684 O "O4'" . DG C 6  ? 12.10637 12.91606 9.23740  1.40957  -0.20789 -1.18864 6   DG C "O4'" 
685 C "C3'" . DG C 6  ? 12.35723 12.60279 9.19385  1.55631  0.19668  -1.40419 6   DG C "C3'" 
686 O "O3'" . DG C 6  ? 12.32688 12.43739 9.37831  1.69374  0.30108  -1.37938 6   DG C "O3'" 
687 C "C2'" . DG C 6  ? 12.39264 12.83751 9.46859  1.42233  0.15608  -1.24429 6   DG C "C2'" 
688 C "C1'" . DG C 6  ? 12.21153 12.96967 9.57029  1.39093  -0.06407 -1.09272 6   DG C "C1'" 
689 N N9    . DG C 6  ? 12.15388 13.21600 9.72095  1.23322  -0.20708 -0.95476 6   DG C N9    
690 C C8    . DG C 6  ? 12.20207 13.33579 9.60982  1.10164  -0.25536 -0.98224 6   DG C C8    
691 N N7    . DG C 6  ? 12.09041 13.52838 9.79689  0.97338  -0.39587 -0.83917 6   DG C N7    
692 C C5    . DG C 6  ? 11.96269 13.54973 10.04652 1.01933  -0.44222 -0.71017 6   DG C C5    
693 C C6    . DG C 6  ? 11.77844 13.71297 10.32437 0.92100  -0.58107 -0.53808 6   DG C C6    
694 O O6    . DG C 6  ? 11.66903 13.85680 10.40884 0.76707  -0.69338 -0.46691 6   DG C O6    
695 N N1    . DG C 6  ? 11.69610 13.67326 10.51606 1.01417  -0.58062 -0.45360 6   DG C N1    
696 C C2    . DG C 6  ? 11.77822 13.48474 10.44862 1.18546  -0.46345 -0.52374 6   DG C C2    
697 N N2    . DG C 6  ? 11.67809 13.46411 10.66189 1.25738  -0.48675 -0.42096 6   DG C N2    
698 N N3    . DG C 6  ? 11.92602 13.31085 10.19144 1.27537  -0.33279 -0.68944 6   DG C N3    
699 C C4    . DG C 6  ? 12.01204 13.36143 10.00150 1.18261  -0.32878 -0.77568 6   DG C C4    
700 P P     . DT C 7  ? 10.86347 10.63320 7.83527  1.81483  0.54674  -1.52526 7   DT C P     
701 O OP1   . DT C 7  ? 10.79365 10.41686 7.55621  1.93634  0.54803  -1.66721 7   DT C OP1   
702 O OP2   . DT C 7  ? 10.99570 10.69033 7.81792  1.73028  0.66005  -1.59584 7   DT C OP2   
703 O "O5'" . DT C 7  ? 10.84445 10.59236 8.23181  1.87927  0.62344  -1.39212 7   DT C "O5'" 
704 C "C5'" . DT C 7  ? 10.89748 10.77793 8.54548  1.78008  0.63206  -1.24273 7   DT C "C5'" 
705 C "C4'" . DT C 7  ? 10.80650 10.83665 8.83716  1.80488  0.54947  -1.06003 7   DT C "C4'" 
706 O "O4'" . DT C 7  ? 10.75640 11.10695 8.90072  1.67159  0.36879  -0.91241 7   DT C "O4'" 
707 C "C3'" . DT C 7  ? 10.85036 10.79889 9.19762  1.82626  0.67818  -0.98351 7   DT C "C3'" 
708 O "O3'" . DT C 7  ? 10.75412 10.73586 9.39550  1.91023  0.63208  -0.87688 7   DT C "O3'" 
709 C "C2'" . DT C 7  ? 10.90800 11.06565 9.36787  1.66495  0.63253  -0.85737 7   DT C "C2'" 
710 C "C1'" . DT C 7  ? 10.80564 11.24640 9.23729  1.59332  0.41290  -0.77551 7   DT C "C1'" 
711 N N1    . DT C 7  ? 10.84430 11.47211 9.18538  1.43215  0.33514  -0.74003 7   DT C N1    
712 C C2    . DT C 7  ? 10.75230 11.69496 9.38756  1.32099  0.19302  -0.56705 7   DT C C2    
713 O O2    . DT C 7  ? 10.64363 11.72798 9.60943  1.34563  0.12884  -0.44037 7   DT C O2    
714 N N3    . DT C 7  ? 10.77028 11.86808 9.32070  1.17526  0.12371  -0.55287 7   DT C N3    
715 C C4    . DT C 7  ? 10.89313 11.84828 9.07553  1.13402  0.18315  -0.68715 7   DT C C4    
716 O O4    . DT C 7  ? 10.89476 11.99845 9.03486  1.00205  0.10645  -0.66030 7   DT C O4    
717 C C5    . DT C 7  ? 10.99320 11.62319 8.87246  1.25410  0.33749  -0.86671 7   DT C C5    
718 C C7    . DT C 7  ? 11.11506 11.58288 8.59951  1.21777  0.41472  -1.02998 7   DT C C7    
719 C C6    . DT C 7  ? 10.95225 11.44379 8.93763  1.39472  0.40383  -0.88615 7   DT C C6    
720 P P     . DA C 8  ? 10.75776 10.53157 9.65112  2.01641  0.77262  -0.88354 8   DA C P     
721 O OP1   . DA C 8  ? 10.67949 10.28178 9.51199  2.17337  0.79177  -0.97641 8   DA C OP1   
722 O OP2   . DA C 8  ? 10.85820 10.51200 9.69954  1.97219  0.91172  -0.96564 8   DA C OP2   
723 O "O5'" . DA C 8  ? 10.70975 10.68318 10.00529 1.96843  0.68460  -0.66984 8   DA C "O5'" 
724 C "C5'" . DA C 8  ? 10.70917 10.96996 10.09176 1.82079  0.56870  -0.53188 8   DA C "C5'" 
725 C "C4'" . DA C 8  ? 10.76092 11.07240 10.41951 1.73623  0.62010  -0.42643 8   DA C "C4'" 
726 O "O4'" . DA C 8  ? 10.76068 11.35182 10.46479 1.57739  0.52258  -0.31608 8   DA C "O4'" 
727 C "C3'" . DA C 8  ? 10.86626 10.95749 10.43751 1.73985  0.78559  -0.54421 8   DA C "C3'" 
728 O "O3'" . DA C 8  ? 10.84143 10.80261 10.67160 1.81336  0.84032  -0.52716 8   DA C "O3'" 
729 C "C2'" . DA C 8  ? 10.94892 11.19646 10.48874 1.57180  0.78568  -0.49036 8   DA C "C2'" 
730 C "C1'" . DA C 8  ? 10.86767 11.42493 10.58973 1.48034  0.62332  -0.31646 8   DA C "C1'" 
731 N N9    . DA C 8  ? 10.89277 11.63870 10.46482 1.34339  0.55756  -0.29515 8   DA C N9    
732 C C8    . DA C 8  ? 10.94825 11.63346 10.15066 1.33073  0.55868  -0.42135 8   DA C C8    
733 N N7    . DA C 8  ? 10.94325 11.83818 10.09839 1.19256  0.46826  -0.36920 8   DA C N7    
734 C C5    . DA C 8  ? 10.86085 11.98458 10.40480 1.10683  0.41244  -0.19755 8   DA C C5    
735 C C6    . DA C 8  ? 10.76627 12.19419 10.51601 0.94290  0.30961  -0.07991 8   DA C C6    
736 N N6    . DA C 8  ? 10.74867 12.29675 10.32218 0.84000  0.22724  -0.11334 8   DA C N6    
737 N N1    . DA C 8  ? 10.65552 12.26170 10.82381 0.87905  0.28839  0.05773  8   DA C N1    
738 C C2    . DA C 8  ? 10.67145 12.14352 10.99863 0.97970  0.35336  0.07980  8   DA C C2    
739 N N3    . DA C 8  ? 10.75798 11.94398 10.92584 1.14189  0.43637  -0.01400 8   DA C N3    
740 C C4    . DA C 8  ? 10.83931 11.86865 10.62793 1.19633  0.46864  -0.15266 8   DA C C4    
741 P P     . DG C 9  ? 10.83035 10.93284 11.00381 1.72628  0.78895  -0.36468 9   DG C P     
742 O OP1   . DG C 9  ? 10.76573 11.14887 11.09045 1.64333  0.65154  -0.20683 9   DG C OP1   
743 O OP2   . DG C 9  ? 10.78840 10.70106 11.12651 1.84716  0.82096  -0.39339 9   DG C OP2   
744 O "O5'" . DG C 9  ? 10.92959 11.05123 11.03490 1.60062  0.86203  -0.38850 9   DG C "O5'" 
745 C "C5'" . DG C 9  ? 10.93862 11.12402 11.25874 1.51868  0.84735  -0.29477 9   DG C "C5'" 
746 C "C4'" . DG C 9  ? 10.95814 11.41002 11.33865 1.33497  0.79241  -0.17013 9   DG C "C4'" 
747 O "O4'" . DG C 9  ? 10.98281 11.52344 11.15453 1.29739  0.78063  -0.19970 9   DG C "O4'" 
748 C "C3'" . DG C 9  ? 11.02998 11.50600 11.39980 1.20905  0.84969  -0.16116 9   DG C "C3'" 
749 O "O3'" . DG C 9  ? 10.98711 11.55381 11.57370 1.13063  0.79800  -0.03904 9   DG C "O3'" 
750 C "C2'" . DG C 9  ? 11.08352 11.72435 11.31627 1.07174  0.85889  -0.14714 9   DG C "C2'" 
751 C "C1'" . DG C 9  ? 11.02677 11.74401 11.19573 1.12724  0.77913  -0.13641 9   DG C "C1'" 
752 N N9    . DG C 9  ? 11.09525 11.79382 10.94805 1.10837  0.80147  -0.22547 9   DG C N9    
753 C C8    . DG C 9  ? 11.13805 11.62766 10.69986 1.22086  0.86311  -0.38930 9   DG C C8    
754 N N7    . DG C 9  ? 11.19519 11.70947 10.47064 1.16629  0.85468  -0.45203 9   DG C N7    
755 C C5    . DG C 9  ? 11.18406 11.94148 10.58540 1.01423  0.77804  -0.31291 9   DG C C5    
756 C C6    . DG C 9  ? 11.20902 12.09479 10.42710 0.90321  0.71432  -0.30623 9   DG C C6    
757 O O6    . DG C 9  ? 11.27063 12.06559 10.13644 0.91376  0.71197  -0.42953 9   DG C O6    
758 N N1    . DG C 9  ? 11.12180 12.27174 10.62797 0.76316  0.63771  -0.14753 9   DG C N1    
759 C C2    . DG C 9  ? 11.03033 12.29994 10.93129 0.72333  0.63705  -0.02331 9   DG C C2    
760 N N2    . DG C 9  ? 10.89162 12.43115 11.07570 0.56494  0.56810  0.09445  9   DG C N2    
761 N N3    . DG C 9  ? 11.03610 12.17160 11.06235 0.82415  0.68977  -0.03246 9   DG C N3    
762 C C4    . DG C 9  ? 11.11152 11.99380 10.88341 0.97272  0.75305  -0.17479 9   DG C C4    
763 P P     . DA C 10 ? 10.90805 11.77520 11.68047 0.95940  0.72253  0.10699  10  DA C P     
764 O OP1   . DA C 10 ? 10.82644 11.84639 11.64612 0.98858  0.64261  0.13201  10  DA C OP1   
765 O OP2   . DA C 10 ? 10.84875 11.71269 11.77825 0.93556  0.69108  0.18575  10  DA C OP2   
766 O "O5'" . DA C 10 ? 10.97340 11.94922 11.66317 0.77421  0.78875  0.11775  10  DA C "O5'" 
767 C "C5'" . DA C 10 ? 10.88314 12.09187 11.75041 0.57625  0.77491  0.22206  10  DA C "C5'" 
768 C "C4'" . DA C 10 ? 10.94072 12.23618 11.72355 0.41610  0.84495  0.21229  10  DA C "C4'" 
769 O "O4'" . DA C 10 ? 10.97006 12.29438 11.63794 0.45873  0.82631  0.16864  10  DA C "O4'" 
770 C "C3'" . DA C 10 ? 11.08469 12.21075 11.65983 0.41445  0.93117  0.15300  10  DA C "C3'" 
771 O "O3'" . DA C 10 ? 11.05504 12.20234 11.70565 0.29524  0.95343  0.22674  10  DA C "O3'" 
772 C "C2'" . DA C 10 ? 11.15190 12.35448 11.60830 0.30885  0.98516  0.11952  10  DA C "C2'" 
773 C "C1'" . DA C 10 ? 11.10145 12.36440 11.56471 0.38570  0.91635  0.11416  10  DA C "C1'" 
774 N N9    . DA C 10 ? 11.21509 12.29366 11.38291 0.53606  0.94244  -0.00793 10  DA C N9    
775 C C8    . DA C 10 ? 11.23801 12.11419 11.31091 0.71135  0.96105  -0.10662 10  DA C C8    
776 N N7    . DA C 10 ? 11.30200 12.04295 11.10467 0.80150  1.00137  -0.23621 10  DA C N7    
777 C C5    . DA C 10 ? 11.35216 12.20337 11.02071 0.68420  0.99252  -0.21076 10  DA C C5    
778 C C6    . DA C 10 ? 11.43283 12.21077 10.76036 0.69665  1.00553  -0.31264 10  DA C C6    
779 N N6    . DA C 10 ? 11.46432 12.04922 10.53682 0.82495  1.05169  -0.47933 10  DA C N6    
780 N N1    . DA C 10 ? 11.45208 12.35800 10.71543 0.57282  0.95852  -0.24403 10  DA C N1    
781 C C2    . DA C 10 ? 11.35936 12.46732 10.94041 0.44382  0.92004  -0.08820 10  DA C C2    
782 N N3    . DA C 10 ? 11.26724 12.46850 11.19342 0.39913  0.92677  0.00135  10  DA C N3    
783 C C4    . DA C 10 ? 11.28925 12.34812 11.20831 0.52715  0.95520  -0.06404 10  DA C C4    
784 O "O5'" . DA D 1  ? 9.54906  10.84856 12.17534 2.35587  0.34702  -0.38851 1   DA D "O5'" 
785 C "C5'" . DA D 1  ? 9.51162  10.83086 12.17737 2.38163  0.31413  -0.36440 1   DA D "C5'" 
786 C "C4'" . DA D 1  ? 9.54009  10.87191 12.18167 2.34372  0.26879  -0.32908 1   DA D "C4'" 
787 O "O4'" . DA D 1  ? 9.50098  10.85232 12.18414 2.37145  0.23640  -0.30505 1   DA D "O4'" 
788 C "C3'" . DA D 1  ? 9.59384  10.91275 12.17668 2.29622  0.27296  -0.33237 1   DA D "C3'" 
789 O "O3'" . DA D 1  ? 9.64487  10.94811 12.17653 2.25357  0.28784  -0.34244 1   DA D "O3'" 
790 C "C2'" . DA D 1  ? 9.59692  10.93405 12.18139 2.28092  0.22357  -0.29459 1   DA D "C2'" 
791 C "C1'" . DA D 1  ? 9.53311  10.88973 12.18498 2.33450  0.20568  -0.28141 1   DA D "C1'" 
792 N N9    . DA D 1  ? 9.50984  10.87106 12.18129 2.35557  0.20203  -0.27986 1   DA D N9    
793 C C8    . DA D 1  ? 9.52730  10.89533 12.18193 2.33288  0.17336  -0.25801 1   DA D C8    
794 N N7    . DA D 1  ? 9.49952  10.87034 12.17835 2.35986  0.17719  -0.26204 1   DA D N7    
795 C C5    . DA D 1  ? 9.46071  10.82614 12.17495 2.40372  0.21035  -0.28826 1   DA D C5    
796 C C6    . DA D 1  ? 9.41896  10.78351 12.17032 2.44755  0.22989  -0.30467 1   DA D C6    
797 N N6    . DA D 1  ? 9.40933  10.77920 12.16833 2.45399  0.21788  -0.29620 1   DA D N6    
798 N N1    . DA D 1  ? 9.38748  10.74521 12.16813 2.48466  0.26205  -0.32995 1   DA D N1    
799 C C2    . DA D 1  ? 9.39772  10.74989 12.17060 2.47779  0.27419  -0.33835 1   DA D C2    
800 N N3    . DA D 1  ? 9.43587  10.78837 12.17493 2.43810  0.25860  -0.32492 1   DA D N3    
801 C C4    . DA D 1  ? 9.46625  10.82563 12.17684 2.40201  0.22618  -0.29964 1   DA D C4    
802 P P     . DC D 2  ? 9.65470  10.96442 12.18451 2.23920  0.26959  -0.32689 2   DC D P     
803 O OP1   . DC D 2  ? 9.64697  10.97861 12.19154 2.23269  0.21801  -0.28732 2   DC D OP1   
804 O OP2   . DC D 2  ? 9.62249  10.92829 12.18534 2.27549  0.29835  -0.34851 2   DC D OP2   
805 O "O5'" . DC D 2  ? 9.72232  11.01225 12.18233 2.18193  0.28310  -0.33606 2   DC D "O5'" 
806 C "C5'" . DC D 2  ? 9.75877  11.03273 12.17513 2.15444  0.30029  -0.34963 2   DC D "C5'" 
807 C "C4'" . DC D 2  ? 9.79599  11.07565 12.17736 2.11168  0.26236  -0.32070 2   DC D "C4'" 
808 O "O4'" . DC D 2  ? 9.80357  11.09609 12.18583 2.09524  0.22701  -0.29279 2   DC D "O4'" 
809 C "C3'" . DC D 2  ? 9.77149  11.06620 12.17712 2.12707  0.23548  -0.30154 2   DC D "C3'" 
810 O "O3'" . DC D 2  ? 9.81823  11.10378 12.17404 2.08427  0.22814  -0.29610 2   DC D "O3'" 
811 C "C2'" . DC D 2  ? 9.74902  11.06737 12.18635 2.13481  0.18902  -0.26568 2   DC D "C2'" 
812 C "C1'" . DC D 2  ? 9.79755  11.10767 12.18973 2.08967  0.18328  -0.26005 2   DC D "C1'" 
813 N N1    . DC D 2  ? 9.78719  11.11545 12.19892 2.08845  0.14485  -0.22996 2   DC D N1    
814 C C2    . DC D 2  ? 9.82338  11.14451 12.20240 2.05543  0.14372  -0.22795 2   DC D C2    
815 O O2    . DC D 2  ? 9.86129  11.16104 12.19791 2.03011  0.17574  -0.25184 2   DC D O2    
816 N N3    . DC D 2  ? 9.81459  11.15211 12.21068 2.05371  0.10876  -0.20065 2   DC D N3    
817 C C4    . DC D 2  ? 9.77313  11.13311 12.21542 2.08213  0.07495  -0.17518 2   DC D C4    
818 N N4    . DC D 2  ? 9.76699  11.14224 12.22353 2.07842  0.04093  -0.14845 2   DC D N4    
819 C C5    . DC D 2  ? 9.73647  11.10375 12.21211 2.11556  0.07479  -0.17604 2   DC D C5    
820 C C6    . DC D 2  ? 9.74518  11.09625 12.20391 2.11718  0.10998  -0.20368 2   DC D C6    
821 P P     . DC D 3  ? 9.84866  11.10987 12.16422 2.06871  0.27016  -0.32847 3   DC D P     
822 O OP1   . DC D 3  ? 9.82241  11.07312 12.15964 2.10324  0.31453  -0.36238 3   DC D OP1   
823 O OP2   . DC D 3  ? 9.84835  11.11473 12.16193 2.06545  0.25374  -0.31703 3   DC D OP2   
824 O "O5'" . DC D 3  ? 9.91619  11.15998 12.16413 2.00987  0.27210  -0.32864 3   DC D "O5'" 
825 C "C5'" . DC D 3  ? 9.93248  11.18201 12.17139 1.98905  0.24884  -0.30984 3   DC D "C5'" 
826 C "C4'" . DC D 3  ? 9.97119  11.22533 12.17542 1.94531  0.20869  -0.27927 3   DC D "C4'" 
827 O "O4'" . DC D 3  ? 9.96377  11.23422 12.18434 1.94214  0.17334  -0.25182 3   DC D "O4'" 
828 C "C3'" . DC D 3  ? 9.95598  11.22264 12.17541 1.95270  0.18292  -0.26083 3   DC D "C3'" 
829 O "O3'" . DC D 3  ? 9.98492  11.23410 12.16770 1.93409  0.20593  -0.27879 3   DC D "O3'" 
830 C "C2'" . DC D 3  ? 9.98035  11.25852 12.18333 1.91939  0.13467  -0.22385 3   DC D "C2'" 
831 C "C1'" . DC D 3  ? 9.98537  11.26483 12.18854 1.91331  0.13176  -0.22057 3   DC D "C1'" 
832 N N1    . DC D 3  ? 9.95184  11.25621 12.19746 1.93176  0.09069  -0.18919 3   DC D N1    
833 C C2    . DC D 3  ? 9.96943  11.27694 12.20386 1.91122  0.07285  -0.17475 3   DC D C2    
834 O O2    . DC D 3  ? 10.01154 11.30092 12.20212 1.87924  0.09232  -0.18889 3   DC D O2    
835 N N3    . DC D 3  ? 9.93888  11.26899 12.21185 1.92811  0.03527  -0.14595 3   DC D N3    
836 C C4    . DC D 3  ? 9.89368  11.24218 12.21357 1.96322  0.01542  -0.13129 3   DC D C4    
837 N N4    . DC D 3  ? 9.86533  11.23523 12.22149 1.97868  -0.02166 -0.10258 3   DC D N4    
838 C C5    . DC D 3  ? 9.87575  11.22108 12.20728 1.98412  0.03288  -0.14543 3   DC D C5    
839 C C6    . DC D 3  ? 9.90576  11.22919 12.19939 1.96727  0.07003  -0.17407 3   DC D C6    
840 P P     . DC E .  ? 10.55768 10.55768 10.55768 0.00000  0.00000  0.00000  101 DC A P     
841 O OP1   . DC E .  ? 10.55768 10.55768 10.55768 0.00000  0.00000  0.00000  101 DC A OP1   
842 O OP2   . DC E .  ? 10.55768 10.55768 10.55768 0.00000  0.00000  0.00000  101 DC A OP2   
843 O "O5'" . DC E .  ? 10.55768 10.55768 10.55768 0.00000  0.00000  0.00000  101 DC A "O5'" 
844 C "C5'" . DC E .  ? 10.55768 10.55768 10.55768 0.00000  0.00000  0.00000  101 DC A "C5'" 
845 C "C4'" . DC E .  ? 10.55768 10.55768 10.55768 0.00000  0.00000  0.00000  101 DC A "C4'" 
846 O "O4'" . DC E .  ? 10.55768 10.55768 10.55768 0.00000  0.00000  0.00000  101 DC A "O4'" 
847 C "C3'" . DC E .  ? 10.55768 10.55768 10.55768 0.00000  0.00000  0.00000  101 DC A "C3'" 
848 O "O3'" . DC E .  ? 10.55768 10.55768 10.55768 0.00000  0.00000  0.00000  101 DC A "O3'" 
849 C "C2'" . DC E .  ? 10.55768 10.55768 10.55768 0.00000  0.00000  0.00000  101 DC A "C2'" 
850 C "C1'" . DC E .  ? 10.55768 10.55768 10.55768 0.00000  0.00000  0.00000  101 DC A "C1'" 
# 
loop_
_pdbx_poly_seq_scheme.asym_id 
_pdbx_poly_seq_scheme.entity_id 
_pdbx_poly_seq_scheme.seq_id 
_pdbx_poly_seq_scheme.mon_id 
_pdbx_poly_seq_scheme.ndb_seq_num 
_pdbx_poly_seq_scheme.pdb_seq_num 
_pdbx_poly_seq_scheme.auth_seq_num 
_pdbx_poly_seq_scheme.pdb_mon_id 
_pdbx_poly_seq_scheme.auth_mon_id 
_pdbx_poly_seq_scheme.pdb_strand_id 
_pdbx_poly_seq_scheme.pdb_ins_code 
_pdbx_poly_seq_scheme.hetero 
A 1 1  DT 1  1  1  DT DT A . n 
A 1 2  DC 2  2  2  DC DC A . n 
A 1 3  DT 3  3  3  DT DT A . n 
A 1 4  DC 4  4  4  DC DC A . n 
A 1 5  DT 5  5  5  DT DT A . n 
A 1 6  DA 6  6  6  DA DA A . n 
A 1 7  DC 7  7  7  DC DC A . n 
A 1 8  DT 8  8  8  DT DT A . n 
A 1 9  DG 9  9  9  DG DG A . n 
A 1 10 DT 10 10 10 DT DT A . n 
A 1 11 DG 11 11 11 DG DG A . n 
A 1 12 DG 12 12 12 DG DG A . n 
A 1 13 DA 13 13 13 DA DA A . n 
A 1 14 DT 14 14 14 DT DT A . n 
A 1 15 DG 15 15 15 DG DG A . n 
A 1 16 DA 16 16 16 DA DA A . n 
A 1 17 DA 17 17 17 DA DA A . n 
A 1 18 DC 18 18 ?  ?  ?  A . n 
B 2 1  DG 1  1  1  DG DG B . n 
B 2 2  DA 2  2  2  DA DA B . n 
B 2 3  DG 3  3  3  DG DG B . n 
B 2 4  DT 4  4  4  DT DT B . n 
B 2 5  DT 5  5  5  DT DT B . n 
B 2 6  DC 6  6  6  DC DC B . n 
B 2 7  DA 7  7  7  DA DA B . n 
B 2 8  DT 8  8  8  DT DT B . n 
B 2 9  DC 9  9  9  DC DC B . n 
B 2 10 DC 10 10 10 DC DC B . n 
B 2 11 DT 11 11 11 DT DT B . n 
C 3 1  DG 1  1  1  DG DG C . n 
C 3 2  DG 2  2  2  DG DG C . n 
C 3 3  DA 3  3  3  DA DA C . n 
C 3 4  DC 4  4  4  DC DC C . n 
C 3 5  DA 5  5  5  DA DA C . n 
C 3 6  DG 6  6  6  DG DG C . n 
C 3 7  DT 7  7  7  DT DT C . n 
C 3 8  DA 8  8  8  DA DA C . n 
C 3 9  DG 9  9  9  DG DG C . n 
C 3 10 DA 10 10 10 DA DA C . n 
D 4 1  DA 1  1  1  DA DA D . n 
D 4 2  DC 2  2  2  DC DC D . n 
D 4 3  DC 3  3  3  DC DC D . n 
# 
_pdbx_contact_author.id                 3 
_pdbx_contact_author.email              ncs01@nyu.edu 
_pdbx_contact_author.name_first         Nadrian 
_pdbx_contact_author.name_last          Seeman 
_pdbx_contact_author.name_mi            ? 
_pdbx_contact_author.role               'principal investigator/group leader' 
_pdbx_contact_author.identifier_ORCID   0000-0002-9680-4649 
# 
_pdbx_nonpoly_scheme.asym_id         E 
_pdbx_nonpoly_scheme.entity_id       5 
_pdbx_nonpoly_scheme.mon_id          DC 
_pdbx_nonpoly_scheme.ndb_seq_num     1 
_pdbx_nonpoly_scheme.pdb_seq_num     101 
_pdbx_nonpoly_scheme.auth_seq_num    18 
_pdbx_nonpoly_scheme.pdb_mon_id      DC 
_pdbx_nonpoly_scheme.auth_mon_id     DC 
_pdbx_nonpoly_scheme.pdb_strand_id   A 
_pdbx_nonpoly_scheme.pdb_ins_code    . 
# 
_pdbx_struct_assembly.id                   1 
_pdbx_struct_assembly.details              author_defined_assembly 
_pdbx_struct_assembly.method_details       ? 
_pdbx_struct_assembly.oligomeric_details   dodecameric 
_pdbx_struct_assembly.oligomeric_count     12 
# 
loop_
_pdbx_struct_assembly_gen.assembly_id 
_pdbx_struct_assembly_gen.oper_expression 
_pdbx_struct_assembly_gen.asym_id_list 
1 1 A,B,C,D,E 
1 2 A,B,C,D,E 
1 3 A,B,C,D,E 
# 
loop_
_pdbx_struct_oper_list.id 
_pdbx_struct_oper_list.type 
_pdbx_struct_oper_list.name 
_pdbx_struct_oper_list.symmetry_operation 
_pdbx_struct_oper_list.matrix[1][1] 
_pdbx_struct_oper_list.matrix[1][2] 
_pdbx_struct_oper_list.matrix[1][3] 
_pdbx_struct_oper_list.vector[1] 
_pdbx_struct_oper_list.matrix[2][1] 
_pdbx_struct_oper_list.matrix[2][2] 
_pdbx_struct_oper_list.matrix[2][3] 
_pdbx_struct_oper_list.vector[2] 
_pdbx_struct_oper_list.matrix[3][1] 
_pdbx_struct_oper_list.matrix[3][2] 
_pdbx_struct_oper_list.matrix[3][3] 
_pdbx_struct_oper_list.vector[3] 
1 'identity operation'         1_555 x,y,z       1.0000000000  0.0000000000 0.0000000000  0.0000000000  0.0000000000 1.0000000000 0.0000000000  0.0000000000  0.0000000000  0.0000000000  1.0000000000  0.0000000000   
2 'crystal symmetry operation' 2_565 -y,x-y+1,z  -0.3867206948 0.4571898533 -0.8008898440 11.8978928815 0.3332970095 0.8790459764 0.3408684128  -1.3181451211 0.8598605746  -0.1351133206 -0.4923252816 -28.0409223727 
3 'crystal symmetry operation' 3_455 -x+y-1,-x,z -0.3867206948 0.3332970095 0.8598605746  29.1517788513 0.4571898533 0.8790459764 -0.1351133206 -8.0695878706 -0.8008898440 0.3408684128  -0.4923252816 -3.8270393959 
# 
loop_
_pdbx_audit_revision_history.ordinal 
_pdbx_audit_revision_history.data_content_type 
_pdbx_audit_revision_history.major_revision 
_pdbx_audit_revision_history.minor_revision 
_pdbx_audit_revision_history.revision_date 
1 'Structure model' 1 0 2022-11-09 
2 'Structure model' 1 1 2023-01-25 
3 'Structure model' 1 2 2023-04-05 
4 'Structure model' 1 3 2023-10-25 
# 
_pdbx_audit_revision_details.ordinal             1 
_pdbx_audit_revision_details.revision_ordinal    1 
_pdbx_audit_revision_details.data_content_type   'Structure model' 
_pdbx_audit_revision_details.provider            repository 
_pdbx_audit_revision_details.type                'Initial release' 
_pdbx_audit_revision_details.description         ? 
_pdbx_audit_revision_details.details             ? 
# 
loop_
_pdbx_audit_revision_group.ordinal 
_pdbx_audit_revision_group.revision_ordinal 
_pdbx_audit_revision_group.data_content_type 
_pdbx_audit_revision_group.group 
1 2 'Structure model' 'Database references'    
2 3 'Structure model' 'Database references'    
3 4 'Structure model' 'Data collection'        
4 4 'Structure model' 'Refinement description' 
# 
loop_
_pdbx_audit_revision_category.ordinal 
_pdbx_audit_revision_category.revision_ordinal 
_pdbx_audit_revision_category.data_content_type 
_pdbx_audit_revision_category.category 
1 2 'Structure model' citation                      
2 2 'Structure model' citation_author               
3 3 'Structure model' citation                      
4 4 'Structure model' chem_comp_atom                
5 4 'Structure model' chem_comp_bond                
6 4 'Structure model' pdbx_initial_refinement_model 
# 
loop_
_pdbx_audit_revision_item.ordinal 
_pdbx_audit_revision_item.revision_ordinal 
_pdbx_audit_revision_item.data_content_type 
_pdbx_audit_revision_item.item 
1  2 'Structure model' '_citation.country'                 
2  2 'Structure model' '_citation.journal_abbrev'          
3  2 'Structure model' '_citation.journal_id_CSD'          
4  2 'Structure model' '_citation.journal_id_ISSN'         
5  2 'Structure model' '_citation.page_first'              
6  2 'Structure model' '_citation.page_last'               
7  2 'Structure model' '_citation.pdbx_database_id_DOI'    
8  2 'Structure model' '_citation.pdbx_database_id_PubMed' 
9  2 'Structure model' '_citation.title'                   
10 2 'Structure model' '_citation.year'                    
11 3 'Structure model' '_citation.journal_volume'          
12 3 'Structure model' '_citation.year'                    
# 
loop_
_space_group_symop.id 
_space_group_symop.operation_xyz 
1 x,y,z                 
2 -y,x-y,z              
3 -x+y,-x,z             
4 x+1/3,y+2/3,z+2/3     
5 -y+1/3,x-y+2/3,z+2/3  
6 -x+y+1/3,-x+2/3,z+2/3 
7 x+2/3,y+1/3,z+1/3     
8 -y+2/3,x-y+1/3,z+1/3  
9 -x+y+2/3,-x+1/3,z+1/3 
# 
loop_
_pdbx_refine_tls.id 
_pdbx_refine_tls.pdbx_refine_id 
_pdbx_refine_tls.details 
_pdbx_refine_tls.method 
_pdbx_refine_tls.origin_x 
_pdbx_refine_tls.origin_y 
_pdbx_refine_tls.origin_z 
_pdbx_refine_tls.T[1][1] 
_pdbx_refine_tls.T[1][1]_esd 
_pdbx_refine_tls.T[1][2] 
_pdbx_refine_tls.T[1][2]_esd 
_pdbx_refine_tls.T[1][3] 
_pdbx_refine_tls.T[1][3]_esd 
_pdbx_refine_tls.T[2][2] 
_pdbx_refine_tls.T[2][2]_esd 
_pdbx_refine_tls.T[2][3] 
_pdbx_refine_tls.T[2][3]_esd 
_pdbx_refine_tls.T[3][3] 
_pdbx_refine_tls.T[3][3]_esd 
_pdbx_refine_tls.L[1][1] 
_pdbx_refine_tls.L[1][1]_esd 
_pdbx_refine_tls.L[1][2] 
_pdbx_refine_tls.L[1][2]_esd 
_pdbx_refine_tls.L[1][3] 
_pdbx_refine_tls.L[1][3]_esd 
_pdbx_refine_tls.L[2][2] 
_pdbx_refine_tls.L[2][2]_esd 
_pdbx_refine_tls.L[2][3] 
_pdbx_refine_tls.L[2][3]_esd 
_pdbx_refine_tls.L[3][3] 
_pdbx_refine_tls.L[3][3]_esd 
_pdbx_refine_tls.S[1][1] 
_pdbx_refine_tls.S[1][1]_esd 
_pdbx_refine_tls.S[1][2] 
_pdbx_refine_tls.S[1][2]_esd 
_pdbx_refine_tls.S[1][3] 
_pdbx_refine_tls.S[1][3]_esd 
_pdbx_refine_tls.S[2][1] 
_pdbx_refine_tls.S[2][1]_esd 
_pdbx_refine_tls.S[2][2] 
_pdbx_refine_tls.S[2][2]_esd 
_pdbx_refine_tls.S[2][3] 
_pdbx_refine_tls.S[2][3]_esd 
_pdbx_refine_tls.S[3][1] 
_pdbx_refine_tls.S[3][1]_esd 
_pdbx_refine_tls.S[3][2] 
_pdbx_refine_tls.S[3][2]_esd 
_pdbx_refine_tls.S[3][3] 
_pdbx_refine_tls.S[3][3]_esd 
1 'X-RAY DIFFRACTION' ? refined -1.1425 -2.8024  1.1659  8.472446804    ? -0.663797712913 ? -0.92851101874  ? 16.2752488849  ? 3.89260429421  ? 12.384310814 ? 1.34261522244   ? -0.7071441596   ? 2.462241470006  ? 0.31716459126   ? -1.044212912702 ? 2.399586964975  ? -0.423381415   ? -1.983347084426 ? 1.024973504086 ? 1.111175305613  ? 8.901749685454  ? 1.63692508987   ? 2.795136924042 ? 8.08238601872   ? 1.73072397076 ? 
2 'X-RAY DIFFRACTION' ? refined 4.5773  14.2005  3.2383  15.5501072724  ? 4.25566189098   ? 0.72883317621   ? 16.79952135927 ? 1.70967540978  ? 8.8514347046 ? -0.077436791386 ? 0.016920721575  ? -0.073681293589 ? 0.06151484116   ? -0.066271755892 ? 0.090744895321  ? -3.64509815355 ? 0.69153446784   ? -1.83196048841 ? -8.86791690554  ? -15.45797870224 ? -2.102379236142 ? -1.1830462334  ? 0.44588202370   ? -5.1259791997 ? 
3 'X-RAY DIFFRACTION' ? refined -6.3321 -10.3514 -3.1897 9.94389991645  ? 1.194146809821  ? -1.042669524805 ? 14.68999621177 ? -0.70831242887 ? 9.0554807078 ? 0.113111039180  ? -0.046728850208 ? -0.005608672137 ? -0.055574915609 ? -0.099934241213 ? -0.080031115601 ? -8.88568784776 ? -5.41368133043  ? 1.918928399009 ? -3.80361607418  ? -28.73236846445 ? 4.061853777307  ? 3.8850653786   ? -2.08192794696  ? -1.501548990  ? 
4 'X-RAY DIFFRACTION' ? refined 8.0564  -2.9688  -8.4570 14.25039224703 ? 8.464132131542  ? -1.52725166741  ? 19.8796189826  ? -2.68473636424 ? 12.843658218 ? 0.231595032610  ? -0.132829045157 ? -0.23680297161  ? 0.062515886427  ? 0.15391534500   ? 0.305283836303  ? -1.35426077621 ? 1.433886337617  ? -0.1106746491  ? -1.390270495546 ? -1.054348675200 ? 0.003950775592  ? -0.03453845077 ? -0.371022427928 ? 0.26824459195 ? 
# 
loop_
_pdbx_refine_tls_group.id 
_pdbx_refine_tls_group.pdbx_refine_id 
_pdbx_refine_tls_group.refine_tls_id 
_pdbx_refine_tls_group.beg_label_asym_id 
_pdbx_refine_tls_group.beg_label_seq_id 
_pdbx_refine_tls_group.beg_auth_asym_id 
_pdbx_refine_tls_group.beg_auth_seq_id 
_pdbx_refine_tls_group.beg_PDB_ins_code 
_pdbx_refine_tls_group.end_label_asym_id 
_pdbx_refine_tls_group.end_label_seq_id 
_pdbx_refine_tls_group.end_auth_asym_id 
_pdbx_refine_tls_group.end_auth_seq_id 
_pdbx_refine_tls_group.end_PDB_ins_code 
_pdbx_refine_tls_group.selection 
_pdbx_refine_tls_group.selection_details 
1 'X-RAY DIFFRACTION' 1 ? ? A 1 ? ? ? A 19 ? ? '( CHAIN A AND RESID 1:19 )' 
2 'X-RAY DIFFRACTION' 2 ? ? B 1 ? ? ? B 10 ? ? '( CHAIN B AND RESID 1:10 )' 
3 'X-RAY DIFFRACTION' 3 ? ? C 1 ? ? ? C 10 ? ? '( CHAIN C AND RESID 1:10 )' 
4 'X-RAY DIFFRACTION' 4 ? ? D 1 ? ? ? D 3  ? ? '( CHAIN D AND RESID 1:3 )'  
# 
loop_
_software.citation_id 
_software.classification 
_software.compiler_name 
_software.compiler_version 
_software.contact_author 
_software.contact_author_email 
_software.date 
_software.description 
_software.dependencies 
_software.hardware 
_software.language 
_software.location 
_software.mods 
_software.name 
_software.os 
_software.os_version 
_software.type 
_software.version 
_software.pdbx_ordinal 
? refinement       ? ? ? ? ? ? ? ? ? ? ? PHENIX    ? ? ? 1.18.2_3874 1 
? 'data reduction' ? ? ? ? ? ? ? ? ? ? ? autoPROC  ? ? ? .           2 
? 'data scaling'   ? ? ? ? ? ? ? ? ? ? ? STARANISO ? ? ? .           3 
? phasing          ? ? ? ? ? ? ? ? ? ? ? PHASER    ? ? ? .           4 
# 
_pdbx_entry_details.entry_id                 7SPL 
_pdbx_entry_details.nonpolymer_details       ? 
_pdbx_entry_details.sequence_details         ? 
_pdbx_entry_details.compound_details         ? 
_pdbx_entry_details.source_details           ? 
_pdbx_entry_details.has_ligand_of_interest   N 
# 
loop_
_pdbx_validate_rmsd_angle.id 
_pdbx_validate_rmsd_angle.PDB_model_num 
_pdbx_validate_rmsd_angle.auth_atom_id_1 
_pdbx_validate_rmsd_angle.auth_asym_id_1 
_pdbx_validate_rmsd_angle.auth_comp_id_1 
_pdbx_validate_rmsd_angle.auth_seq_id_1 
_pdbx_validate_rmsd_angle.PDB_ins_code_1 
_pdbx_validate_rmsd_angle.label_alt_id_1 
_pdbx_validate_rmsd_angle.auth_atom_id_2 
_pdbx_validate_rmsd_angle.auth_asym_id_2 
_pdbx_validate_rmsd_angle.auth_comp_id_2 
_pdbx_validate_rmsd_angle.auth_seq_id_2 
_pdbx_validate_rmsd_angle.PDB_ins_code_2 
_pdbx_validate_rmsd_angle.label_alt_id_2 
_pdbx_validate_rmsd_angle.auth_atom_id_3 
_pdbx_validate_rmsd_angle.auth_asym_id_3 
_pdbx_validate_rmsd_angle.auth_comp_id_3 
_pdbx_validate_rmsd_angle.auth_seq_id_3 
_pdbx_validate_rmsd_angle.PDB_ins_code_3 
_pdbx_validate_rmsd_angle.label_alt_id_3 
_pdbx_validate_rmsd_angle.angle_value 
_pdbx_validate_rmsd_angle.angle_target_value 
_pdbx_validate_rmsd_angle.angle_deviation 
_pdbx_validate_rmsd_angle.angle_standard_deviation 
_pdbx_validate_rmsd_angle.linker_flag 
1 1 "O4'" B DG 3  ? ? "C1'" B DG 3  ? ? N9  B DG 3  ? ? 112.16 108.30 3.86   0.30 N 
2 1 "O3'" B DC 9  ? ? P     B DC 10 ? ? OP2 B DC 10 ? ? 85.36  105.20 -19.84 2.20 Y 
3 1 "O3'" B DC 9  ? ? P     B DC 10 ? ? OP1 B DC 10 ? ? 81.30  105.20 -23.90 2.20 Y 
4 1 OP1   B DC 10 ? ? P     B DC 10 ? ? OP2 B DC 10 ? ? 130.20 119.60 10.60  1.50 N 
5 1 "O4'" C DA 5  ? ? "C1'" C DA 5  ? ? N9  C DA 5  ? ? 110.18 108.30 1.88   0.30 N 
6 1 "O4'" D DC 2  ? ? "C1'" D DC 2  ? ? N1  D DC 2  ? ? 110.64 108.30 2.34   0.30 N 
# 
_pdbx_unobs_or_zero_occ_atoms.id               1 
_pdbx_unobs_or_zero_occ_atoms.PDB_model_num    1 
_pdbx_unobs_or_zero_occ_atoms.polymer_flag     N 
_pdbx_unobs_or_zero_occ_atoms.occupancy_flag   1 
_pdbx_unobs_or_zero_occ_atoms.auth_asym_id     A 
_pdbx_unobs_or_zero_occ_atoms.auth_comp_id     DC 
_pdbx_unobs_or_zero_occ_atoms.auth_seq_id      101 
_pdbx_unobs_or_zero_occ_atoms.PDB_ins_code     ? 
_pdbx_unobs_or_zero_occ_atoms.auth_atom_id     OP3 
_pdbx_unobs_or_zero_occ_atoms.label_alt_id     ? 
_pdbx_unobs_or_zero_occ_atoms.label_asym_id    E 
_pdbx_unobs_or_zero_occ_atoms.label_comp_id    DC 
_pdbx_unobs_or_zero_occ_atoms.label_seq_id     1 
_pdbx_unobs_or_zero_occ_atoms.label_atom_id    OP3 
# 
_pdbx_unobs_or_zero_occ_residues.id               1 
_pdbx_unobs_or_zero_occ_residues.PDB_model_num    1 
_pdbx_unobs_or_zero_occ_residues.polymer_flag     Y 
_pdbx_unobs_or_zero_occ_residues.occupancy_flag   1 
_pdbx_unobs_or_zero_occ_residues.auth_asym_id     A 
_pdbx_unobs_or_zero_occ_residues.auth_comp_id     DC 
_pdbx_unobs_or_zero_occ_residues.auth_seq_id      18 
_pdbx_unobs_or_zero_occ_residues.PDB_ins_code     ? 
_pdbx_unobs_or_zero_occ_residues.label_asym_id    A 
_pdbx_unobs_or_zero_occ_residues.label_comp_id    DC 
_pdbx_unobs_or_zero_occ_residues.label_seq_id     18 
# 
loop_
_chem_comp_atom.comp_id 
_chem_comp_atom.atom_id 
_chem_comp_atom.type_symbol 
_chem_comp_atom.pdbx_aromatic_flag 
_chem_comp_atom.pdbx_stereo_config 
_chem_comp_atom.pdbx_ordinal 
DA OP3    O N N 1   
DA P      P N N 2   
DA OP1    O N N 3   
DA OP2    O N N 4   
DA "O5'"  O N N 5   
DA "C5'"  C N N 6   
DA "C4'"  C N R 7   
DA "O4'"  O N N 8   
DA "C3'"  C N S 9   
DA "O3'"  O N N 10  
DA "C2'"  C N N 11  
DA "C1'"  C N R 12  
DA N9     N Y N 13  
DA C8     C Y N 14  
DA N7     N Y N 15  
DA C5     C Y N 16  
DA C6     C Y N 17  
DA N6     N N N 18  
DA N1     N Y N 19  
DA C2     C Y N 20  
DA N3     N Y N 21  
DA C4     C Y N 22  
DA HOP3   H N N 23  
DA HOP2   H N N 24  
DA "H5'"  H N N 25  
DA "H5''" H N N 26  
DA "H4'"  H N N 27  
DA "H3'"  H N N 28  
DA "HO3'" H N N 29  
DA "H2'"  H N N 30  
DA "H2''" H N N 31  
DA "H1'"  H N N 32  
DA H8     H N N 33  
DA H61    H N N 34  
DA H62    H N N 35  
DA H2     H N N 36  
DC OP3    O N N 37  
DC P      P N N 38  
DC OP1    O N N 39  
DC OP2    O N N 40  
DC "O5'"  O N N 41  
DC "C5'"  C N N 42  
DC "C4'"  C N R 43  
DC "O4'"  O N N 44  
DC "C3'"  C N S 45  
DC "O3'"  O N N 46  
DC "C2'"  C N N 47  
DC "C1'"  C N R 48  
DC N1     N N N 49  
DC C2     C N N 50  
DC O2     O N N 51  
DC N3     N N N 52  
DC C4     C N N 53  
DC N4     N N N 54  
DC C5     C N N 55  
DC C6     C N N 56  
DC HOP3   H N N 57  
DC HOP2   H N N 58  
DC "H5'"  H N N 59  
DC "H5''" H N N 60  
DC "H4'"  H N N 61  
DC "H3'"  H N N 62  
DC "HO3'" H N N 63  
DC "H2'"  H N N 64  
DC "H2''" H N N 65  
DC "H1'"  H N N 66  
DC H41    H N N 67  
DC H42    H N N 68  
DC H5     H N N 69  
DC H6     H N N 70  
DG OP3    O N N 71  
DG P      P N N 72  
DG OP1    O N N 73  
DG OP2    O N N 74  
DG "O5'"  O N N 75  
DG "C5'"  C N N 76  
DG "C4'"  C N R 77  
DG "O4'"  O N N 78  
DG "C3'"  C N S 79  
DG "O3'"  O N N 80  
DG "C2'"  C N N 81  
DG "C1'"  C N R 82  
DG N9     N Y N 83  
DG C8     C Y N 84  
DG N7     N Y N 85  
DG C5     C Y N 86  
DG C6     C N N 87  
DG O6     O N N 88  
DG N1     N N N 89  
DG C2     C N N 90  
DG N2     N N N 91  
DG N3     N N N 92  
DG C4     C Y N 93  
DG HOP3   H N N 94  
DG HOP2   H N N 95  
DG "H5'"  H N N 96  
DG "H5''" H N N 97  
DG "H4'"  H N N 98  
DG "H3'"  H N N 99  
DG "HO3'" H N N 100 
DG "H2'"  H N N 101 
DG "H2''" H N N 102 
DG "H1'"  H N N 103 
DG H8     H N N 104 
DG H1     H N N 105 
DG H21    H N N 106 
DG H22    H N N 107 
DT OP3    O N N 108 
DT P      P N N 109 
DT OP1    O N N 110 
DT OP2    O N N 111 
DT "O5'"  O N N 112 
DT "C5'"  C N N 113 
DT "C4'"  C N R 114 
DT "O4'"  O N N 115 
DT "C3'"  C N S 116 
DT "O3'"  O N N 117 
DT "C2'"  C N N 118 
DT "C1'"  C N R 119 
DT N1     N N N 120 
DT C2     C N N 121 
DT O2     O N N 122 
DT N3     N N N 123 
DT C4     C N N 124 
DT O4     O N N 125 
DT C5     C N N 126 
DT C7     C N N 127 
DT C6     C N N 128 
DT HOP3   H N N 129 
DT HOP2   H N N 130 
DT "H5'"  H N N 131 
DT "H5''" H N N 132 
DT "H4'"  H N N 133 
DT "H3'"  H N N 134 
DT "HO3'" H N N 135 
DT "H2'"  H N N 136 
DT "H2''" H N N 137 
DT "H1'"  H N N 138 
DT H3     H N N 139 
DT H71    H N N 140 
DT H72    H N N 141 
DT H73    H N N 142 
DT H6     H N N 143 
# 
loop_
_chem_comp_bond.comp_id 
_chem_comp_bond.atom_id_1 
_chem_comp_bond.atom_id_2 
_chem_comp_bond.value_order 
_chem_comp_bond.pdbx_aromatic_flag 
_chem_comp_bond.pdbx_stereo_config 
_chem_comp_bond.pdbx_ordinal 
DA OP3   P      sing N N 1   
DA OP3   HOP3   sing N N 2   
DA P     OP1    doub N N 3   
DA P     OP2    sing N N 4   
DA P     "O5'"  sing N N 5   
DA OP2   HOP2   sing N N 6   
DA "O5'" "C5'"  sing N N 7   
DA "C5'" "C4'"  sing N N 8   
DA "C5'" "H5'"  sing N N 9   
DA "C5'" "H5''" sing N N 10  
DA "C4'" "O4'"  sing N N 11  
DA "C4'" "C3'"  sing N N 12  
DA "C4'" "H4'"  sing N N 13  
DA "O4'" "C1'"  sing N N 14  
DA "C3'" "O3'"  sing N N 15  
DA "C3'" "C2'"  sing N N 16  
DA "C3'" "H3'"  sing N N 17  
DA "O3'" "HO3'" sing N N 18  
DA "C2'" "C1'"  sing N N 19  
DA "C2'" "H2'"  sing N N 20  
DA "C2'" "H2''" sing N N 21  
DA "C1'" N9     sing N N 22  
DA "C1'" "H1'"  sing N N 23  
DA N9    C8     sing Y N 24  
DA N9    C4     sing Y N 25  
DA C8    N7     doub Y N 26  
DA C8    H8     sing N N 27  
DA N7    C5     sing Y N 28  
DA C5    C6     sing Y N 29  
DA C5    C4     doub Y N 30  
DA C6    N6     sing N N 31  
DA C6    N1     doub Y N 32  
DA N6    H61    sing N N 33  
DA N6    H62    sing N N 34  
DA N1    C2     sing Y N 35  
DA C2    N3     doub Y N 36  
DA C2    H2     sing N N 37  
DA N3    C4     sing Y N 38  
DC OP3   P      sing N N 39  
DC OP3   HOP3   sing N N 40  
DC P     OP1    doub N N 41  
DC P     OP2    sing N N 42  
DC P     "O5'"  sing N N 43  
DC OP2   HOP2   sing N N 44  
DC "O5'" "C5'"  sing N N 45  
DC "C5'" "C4'"  sing N N 46  
DC "C5'" "H5'"  sing N N 47  
DC "C5'" "H5''" sing N N 48  
DC "C4'" "O4'"  sing N N 49  
DC "C4'" "C3'"  sing N N 50  
DC "C4'" "H4'"  sing N N 51  
DC "O4'" "C1'"  sing N N 52  
DC "C3'" "O3'"  sing N N 53  
DC "C3'" "C2'"  sing N N 54  
DC "C3'" "H3'"  sing N N 55  
DC "O3'" "HO3'" sing N N 56  
DC "C2'" "C1'"  sing N N 57  
DC "C2'" "H2'"  sing N N 58  
DC "C2'" "H2''" sing N N 59  
DC "C1'" N1     sing N N 60  
DC "C1'" "H1'"  sing N N 61  
DC N1    C2     sing N N 62  
DC N1    C6     sing N N 63  
DC C2    O2     doub N N 64  
DC C2    N3     sing N N 65  
DC N3    C4     doub N N 66  
DC C4    N4     sing N N 67  
DC C4    C5     sing N N 68  
DC N4    H41    sing N N 69  
DC N4    H42    sing N N 70  
DC C5    C6     doub N N 71  
DC C5    H5     sing N N 72  
DC C6    H6     sing N N 73  
DG OP3   P      sing N N 74  
DG OP3   HOP3   sing N N 75  
DG P     OP1    doub N N 76  
DG P     OP2    sing N N 77  
DG P     "O5'"  sing N N 78  
DG OP2   HOP2   sing N N 79  
DG "O5'" "C5'"  sing N N 80  
DG "C5'" "C4'"  sing N N 81  
DG "C5'" "H5'"  sing N N 82  
DG "C5'" "H5''" sing N N 83  
DG "C4'" "O4'"  sing N N 84  
DG "C4'" "C3'"  sing N N 85  
DG "C4'" "H4'"  sing N N 86  
DG "O4'" "C1'"  sing N N 87  
DG "C3'" "O3'"  sing N N 88  
DG "C3'" "C2'"  sing N N 89  
DG "C3'" "H3'"  sing N N 90  
DG "O3'" "HO3'" sing N N 91  
DG "C2'" "C1'"  sing N N 92  
DG "C2'" "H2'"  sing N N 93  
DG "C2'" "H2''" sing N N 94  
DG "C1'" N9     sing N N 95  
DG "C1'" "H1'"  sing N N 96  
DG N9    C8     sing Y N 97  
DG N9    C4     sing Y N 98  
DG C8    N7     doub Y N 99  
DG C8    H8     sing N N 100 
DG N7    C5     sing Y N 101 
DG C5    C6     sing N N 102 
DG C5    C4     doub Y N 103 
DG C6    O6     doub N N 104 
DG C6    N1     sing N N 105 
DG N1    C2     sing N N 106 
DG N1    H1     sing N N 107 
DG C2    N2     sing N N 108 
DG C2    N3     doub N N 109 
DG N2    H21    sing N N 110 
DG N2    H22    sing N N 111 
DG N3    C4     sing N N 112 
DT OP3   P      sing N N 113 
DT OP3   HOP3   sing N N 114 
DT P     OP1    doub N N 115 
DT P     OP2    sing N N 116 
DT P     "O5'"  sing N N 117 
DT OP2   HOP2   sing N N 118 
DT "O5'" "C5'"  sing N N 119 
DT "C5'" "C4'"  sing N N 120 
DT "C5'" "H5'"  sing N N 121 
DT "C5'" "H5''" sing N N 122 
DT "C4'" "O4'"  sing N N 123 
DT "C4'" "C3'"  sing N N 124 
DT "C4'" "H4'"  sing N N 125 
DT "O4'" "C1'"  sing N N 126 
DT "C3'" "O3'"  sing N N 127 
DT "C3'" "C2'"  sing N N 128 
DT "C3'" "H3'"  sing N N 129 
DT "O3'" "HO3'" sing N N 130 
DT "C2'" "C1'"  sing N N 131 
DT "C2'" "H2'"  sing N N 132 
DT "C2'" "H2''" sing N N 133 
DT "C1'" N1     sing N N 134 
DT "C1'" "H1'"  sing N N 135 
DT N1    C2     sing N N 136 
DT N1    C6     sing N N 137 
DT C2    O2     doub N N 138 
DT C2    N3     sing N N 139 
DT N3    C4     sing N N 140 
DT N3    H3     sing N N 141 
DT C4    O4     doub N N 142 
DT C4    C5     sing N N 143 
DT C5    C7     sing N N 144 
DT C5    C6     doub N N 145 
DT C7    H71    sing N N 146 
DT C7    H72    sing N N 147 
DT C7    H73    sing N N 148 
DT C6    H6     sing N N 149 
# 
loop_
_ndb_struct_conf_na.entry_id 
_ndb_struct_conf_na.feature 
7SPL 'double helix'        
7SPL 'b-form double helix' 
# 
loop_
_ndb_struct_na_base_pair.model_number 
_ndb_struct_na_base_pair.i_label_asym_id 
_ndb_struct_na_base_pair.i_label_comp_id 
_ndb_struct_na_base_pair.i_label_seq_id 
_ndb_struct_na_base_pair.i_symmetry 
_ndb_struct_na_base_pair.j_label_asym_id 
_ndb_struct_na_base_pair.j_label_comp_id 
_ndb_struct_na_base_pair.j_label_seq_id 
_ndb_struct_na_base_pair.j_symmetry 
_ndb_struct_na_base_pair.shear 
_ndb_struct_na_base_pair.stretch 
_ndb_struct_na_base_pair.stagger 
_ndb_struct_na_base_pair.buckle 
_ndb_struct_na_base_pair.propeller 
_ndb_struct_na_base_pair.opening 
_ndb_struct_na_base_pair.pair_number 
_ndb_struct_na_base_pair.pair_name 
_ndb_struct_na_base_pair.i_auth_asym_id 
_ndb_struct_na_base_pair.i_auth_seq_id 
_ndb_struct_na_base_pair.i_PDB_ins_code 
_ndb_struct_na_base_pair.j_auth_asym_id 
_ndb_struct_na_base_pair.j_auth_seq_id 
_ndb_struct_na_base_pair.j_PDB_ins_code 
_ndb_struct_na_base_pair.hbond_type_28 
_ndb_struct_na_base_pair.hbond_type_12 
1 A DT 3  1_555 C DA 10 1_555 -0.047 -0.170 -0.466 0.302  -7.162  0.770   1  A_DT3:DA10_C  A 3  ? C 10 ? 20 1 
1 A DC 4  1_555 C DG 9  1_555 0.210  -0.185 -0.576 0.404  -4.571  0.347   2  A_DC4:DG9_C   A 4  ? C 9  ? 19 1 
1 A DA 6  1_555 C DT 7  1_555 0.080  -0.123 -0.157 -6.284 -4.614  2.089   3  A_DA6:DT7_C   A 6  ? C 7  ? 20 1 
1 A DC 7  1_555 C DG 6  1_555 0.165  -0.180 -0.582 -2.702 -2.815  0.521   4  A_DC7:DG6_C   A 7  ? C 6  ? 19 1 
1 A DT 8  1_555 C DA 5  1_555 -0.054 -0.377 -0.944 -8.998 -14.825 6.212   5  A_DT8:DA5_C   A 8  ? C 5  ? 20 1 
1 A DG 9  1_555 C DC 4  1_555 -0.222 -0.120 -0.328 -9.085 -10.786 -0.411  6  A_DG9:DC4_C   A 9  ? C 4  ? 19 1 
1 A DT 10 1_555 C DA 3  1_555 -0.461 -0.327 1.308  -5.352 -6.696  -15.674 7  A_DT10:DA3_C  A 10 ? C 3  ? 20 1 
1 D DC 2  1_555 C DG 2  1_555 0.266  -0.277 0.821  6.884  10.605  8.445   8  D_DC2:DG2_C   D 2  ? C 2  ? 19 1 
1 D DC 3  1_555 C DG 1  1_555 0.201  -0.296 0.966  6.701  3.988   2.295   9  D_DC3:DG1_C   D 3  ? C 1  ? 19 1 
1 B DT 4  1_555 A DA 17 1_555 -0.249 -0.179 -0.871 -1.237 0.231   -5.646  10 B_DT4:DA17_A  B 4  ? A 17 ? 20 1 
1 B DT 5  1_555 A DA 16 1_555 -0.260 0.016  -0.616 4.288  3.051   -11.286 11 B_DT5:DA16_A  B 5  ? A 16 ? 20 1 
1 B DC 6  1_555 A DG 15 1_555 0.129  -0.305 -0.786 0.940  2.450   -2.750  12 B_DC6:DG15_A  B 6  ? A 15 ? 19 1 
1 B DA 7  1_555 A DT 14 1_555 0.176  -0.039 -0.263 5.598  0.585   -9.124  13 B_DA7:DT14_A  B 7  ? A 14 ? 20 1 
1 B DT 8  1_555 A DA 13 1_555 -0.117 -0.065 -0.566 6.933  -2.199  -1.792  14 B_DT8:DA13_A  B 8  ? A 13 ? 20 1 
1 B DC 9  1_555 A DG 12 1_555 0.184  -0.140 -0.517 4.888  -5.681  -0.257  15 B_DC9:DG12_A  B 9  ? A 12 ? 19 1 
1 B DC 10 1_555 A DG 11 1_555 0.219  -0.237 0.435  2.332  -6.732  -0.536  16 B_DC10:DG11_A B 10 ? A 11 ? 19 1 
1 B DT 11 1_555 D DA 1  1_555 -0.243 0.569  0.044  -7.025 -16.831 -22.619 17 B_DT11:DA1_D  B 11 ? D 1  ? 20 1 
# 
loop_
_ndb_struct_na_base_pair_step.model_number 
_ndb_struct_na_base_pair_step.i_label_asym_id_1 
_ndb_struct_na_base_pair_step.i_label_comp_id_1 
_ndb_struct_na_base_pair_step.i_label_seq_id_1 
_ndb_struct_na_base_pair_step.i_symmetry_1 
_ndb_struct_na_base_pair_step.j_label_asym_id_1 
_ndb_struct_na_base_pair_step.j_label_comp_id_1 
_ndb_struct_na_base_pair_step.j_label_seq_id_1 
_ndb_struct_na_base_pair_step.j_symmetry_1 
_ndb_struct_na_base_pair_step.i_label_asym_id_2 
_ndb_struct_na_base_pair_step.i_label_comp_id_2 
_ndb_struct_na_base_pair_step.i_label_seq_id_2 
_ndb_struct_na_base_pair_step.i_symmetry_2 
_ndb_struct_na_base_pair_step.j_label_asym_id_2 
_ndb_struct_na_base_pair_step.j_label_comp_id_2 
_ndb_struct_na_base_pair_step.j_label_seq_id_2 
_ndb_struct_na_base_pair_step.j_symmetry_2 
_ndb_struct_na_base_pair_step.shift 
_ndb_struct_na_base_pair_step.slide 
_ndb_struct_na_base_pair_step.rise 
_ndb_struct_na_base_pair_step.tilt 
_ndb_struct_na_base_pair_step.roll 
_ndb_struct_na_base_pair_step.twist 
_ndb_struct_na_base_pair_step.x_displacement 
_ndb_struct_na_base_pair_step.y_displacement 
_ndb_struct_na_base_pair_step.helical_rise 
_ndb_struct_na_base_pair_step.inclination 
_ndb_struct_na_base_pair_step.tip 
_ndb_struct_na_base_pair_step.helical_twist 
_ndb_struct_na_base_pair_step.step_number 
_ndb_struct_na_base_pair_step.step_name 
_ndb_struct_na_base_pair_step.i_auth_asym_id_1 
_ndb_struct_na_base_pair_step.i_auth_seq_id_1 
_ndb_struct_na_base_pair_step.i_PDB_ins_code_1 
_ndb_struct_na_base_pair_step.j_auth_asym_id_1 
_ndb_struct_na_base_pair_step.j_auth_seq_id_1 
_ndb_struct_na_base_pair_step.j_PDB_ins_code_1 
_ndb_struct_na_base_pair_step.i_auth_asym_id_2 
_ndb_struct_na_base_pair_step.i_auth_seq_id_2 
_ndb_struct_na_base_pair_step.i_PDB_ins_code_2 
_ndb_struct_na_base_pair_step.j_auth_asym_id_2 
_ndb_struct_na_base_pair_step.j_auth_seq_id_2 
_ndb_struct_na_base_pair_step.j_PDB_ins_code_2 
1 A DT 3  1_555 C DA 10 1_555 A DC 4  1_555 C DG 9  1_555 0.085  -0.170 3.068 0.276  2.811  47.146 -0.427 -0.086 3.054 3.511  
-0.345  47.226 1  AA_DT3DC4:DG9DA10_CC   A 3  ? C 10 ? A 4  ? C 9  ? 
1 A DC 4  1_555 C DG 9  1_555 A DA 6  1_555 C DT 7  1_555 0.442  -0.811 5.847 -3.812 27.309 55.509 -3.055 -0.748 4.970 27.519 
3.842   61.489 2  AA_DC4DA6:DT7DG9_CC    A 4  ? C 9  ? A 6  ? C 7  ? 
1 A DA 6  1_555 C DT 7  1_555 A DC 7  1_555 C DG 6  1_555 -0.366 0.242  3.258 -1.745 1.798  35.993 0.135  0.344  3.280 2.905  
2.820   36.078 3  AA_DA6DC7:DG6DT7_CC    A 6  ? C 7  ? A 7  ? C 6  ? 
1 A DC 7  1_555 C DG 6  1_555 A DT 8  1_555 C DA 5  1_555 2.013  0.565  3.420 10.315 17.135 25.096 -2.746 -1.383 3.633 33.467 
-20.146 31.991 4  AA_DC7DT8:DA5DG6_CC    A 7  ? C 6  ? A 8  ? C 5  ? 
1 A DT 8  1_555 C DA 5  1_555 A DG 9  1_555 C DC 4  1_555 -0.904 1.280  3.742 -6.149 6.583  31.526 0.896  0.320  4.021 11.818 
11.039  32.757 5  AA_DT8DG9:DC4DA5_CC    A 8  ? C 5  ? A 9  ? C 4  ? 
1 A DG 9  1_555 C DC 4  1_555 A DT 10 1_555 C DA 3  1_555 0.785  0.508  3.675 -3.448 3.812  21.760 -0.279 -3.464 3.545 9.920  
8.973   22.352 6  AA_DG9DT10:DA3DC4_CC   A 9  ? C 4  ? A 10 ? C 3  ? 
1 A DT 10 1_555 C DA 3  1_555 D DC 2  1_555 C DG 2  1_555 1.393  -0.773 3.345 8.697  21.643 38.628 -3.011 -1.021 2.799 29.662 
-11.919 44.893 7  AD_DT10DC2:DG2DA3_CC   A 10 ? C 3  ? D 2  ? C 2  ? 
1 D DC 2  1_555 C DG 2  1_555 D DC 3  1_555 C DG 1  1_555 0.902  0.124  3.970 4.228  6.047  29.089 -1.303 -0.665 4.002 11.801 
-8.251  29.991 8  DD_DC2DC3:DG1DG2_CC    D 2  ? C 2  ? D 3  ? C 1  ? 
1 B DT 4  1_555 A DA 17 1_555 B DT 5  1_555 A DA 16 1_555 0.462  -0.792 3.296 0.185  7.338  27.060 -3.331 -0.912 2.984 15.327 
-0.386  28.020 9  BB_DT4DT5:DA16DA17_AA  B 4  ? A 17 ? B 5  ? A 16 ? 
1 B DT 5  1_555 A DA 16 1_555 B DC 6  1_555 A DG 15 1_555 -0.071 -1.047 3.265 0.942  2.671  31.007 -2.453 0.309  3.163 4.983  
-1.758  31.133 10 BB_DT5DC6:DG15DA16_AA  B 5  ? A 16 ? B 6  ? A 15 ? 
1 B DC 6  1_555 A DG 15 1_555 B DA 7  1_555 A DT 14 1_555 -0.336 -0.017 3.368 2.114  5.759  27.172 -1.450 1.217  3.260 12.063 
-4.428  27.844 11 BB_DC6DA7:DT14DG15_AA  B 6  ? A 15 ? B 7  ? A 14 ? 
1 B DA 7  1_555 A DT 14 1_555 B DT 8  1_555 A DA 13 1_555 1.014  -1.048 3.437 1.447  1.959  33.796 -2.128 -1.497 3.412 3.364  
-2.485  33.882 12 BB_DA7DT8:DA13DT14_AA  B 7  ? A 14 ? B 8  ? A 13 ? 
1 B DT 8  1_555 A DA 13 1_555 B DC 9  1_555 A DG 12 1_555 0.676  -0.652 3.218 1.149  2.125  33.460 -1.473 -0.986 3.192 3.686  
-1.992  33.544 13 BB_DT8DC9:DG12DA13_AA  B 8  ? A 13 ? B 9  ? A 12 ? 
1 B DC 9  1_555 A DG 12 1_555 B DC 10 1_555 A DG 11 1_555 0.143  0.213  3.538 -0.120 -0.069 44.513 0.289  -0.201 3.537 -0.091 
0.158   44.513 14 BB_DC9DC10:DG11DG12_AA B 9  ? A 12 ? B 10 ? A 11 ? 
1 B DC 10 1_555 A DG 11 1_555 B DT 11 1_555 D DA 1  1_555 -0.531 -1.584 3.031 6.095  18.262 45.673 -3.033 1.015  2.201 22.391 
-7.473  49.364 15 BB_DC10DT11:DA1DG11_DA B 10 ? A 11 ? B 11 ? D 1  ? 
# 
loop_
_pdbx_audit_support.funding_organization 
_pdbx_audit_support.country 
_pdbx_audit_support.grant_number 
_pdbx_audit_support.ordinal 
'Office of Naval Research (ONR)'                                 'United States' N000141912596                      1 
'Department of Energy (DOE, United States)'                      'United States' DE-SC0007991                       2 
'National Science Foundation (NSF, United States)'               'United States' 2106790                            3 
'Human Frontier Science Program (HFSP)'                          'United States' RPG0010/2017                       4 
'National Science Foundation (NSF, United States)'               'United States' DMR-1420073                        5 
'National Aeronautic Space Administration (NASA, United States)' 'United States' '2020 NASA Center Innovation Fund' 6 
# 
_pdbx_entity_nonpoly.entity_id   5 
_pdbx_entity_nonpoly.name        "2'-DEOXYCYTIDINE-5'-MONOPHOSPHATE" 
_pdbx_entity_nonpoly.comp_id     DC 
# 
_pdbx_initial_refinement_model.id               1 
_pdbx_initial_refinement_model.entity_id_list   ? 
_pdbx_initial_refinement_model.type             'experimental model' 
_pdbx_initial_refinement_model.source_name      PDB 
_pdbx_initial_refinement_model.accession_code   3GBI 
_pdbx_initial_refinement_model.details          'PDB entry 3GBI' 
# 
_pdbx_struct_assembly_auth_evidence.id                     1 
_pdbx_struct_assembly_auth_evidence.assembly_id            1 
_pdbx_struct_assembly_auth_evidence.experimental_support   'native gel electrophoresis' 
_pdbx_struct_assembly_auth_evidence.details                ? 
# 
_space_group.name_H-M_alt     'R 3 :H' 
_space_group.name_Hall        'R 3' 
_space_group.IT_number        146 
_space_group.crystal_system   trigonal 
_space_group.id               1 
# 
